data_343D
# 
_entry.id   343D 
# 
_audit_conform.dict_name       mmcif_pdbx.dic 
_audit_conform.dict_version    5.387 
_audit_conform.dict_location   http://mmcif.pdb.org/dictionaries/ascii/mmcif_pdbx.dic 
# 
loop_
_database_2.database_id 
_database_2.database_code 
_database_2.pdbx_database_accession 
_database_2.pdbx_DOI 
PDB   343D         pdb_0000343d 10.2210/pdb343d/pdb 
RCSB  ADFB97       ?            ?                   
WWPDB D_1000178812 ?            ?                   
# 
loop_
_pdbx_audit_revision_history.ordinal 
_pdbx_audit_revision_history.data_content_type 
_pdbx_audit_revision_history.major_revision 
_pdbx_audit_revision_history.minor_revision 
_pdbx_audit_revision_history.revision_date 
1 'Structure model' 1 0 1997-07-21 
2 'Structure model' 1 1 2008-05-22 
3 'Structure model' 1 2 2011-07-13 
4 'Structure model' 1 3 2024-02-21 
# 
_pdbx_audit_revision_details.ordinal             1 
_pdbx_audit_revision_details.revision_ordinal    1 
_pdbx_audit_revision_details.data_content_type   'Structure model' 
_pdbx_audit_revision_details.provider            repository 
_pdbx_audit_revision_details.type                'Initial release' 
_pdbx_audit_revision_details.description         ? 
_pdbx_audit_revision_details.details             ? 
# 
loop_
_pdbx_audit_revision_group.ordinal 
_pdbx_audit_revision_group.revision_ordinal 
_pdbx_audit_revision_group.data_content_type 
_pdbx_audit_revision_group.group 
1 2 'Structure model' 'Version format compliance' 
2 3 'Structure model' 'Version format compliance' 
3 4 'Structure model' 'Data collection'           
4 4 'Structure model' 'Database references'       
5 4 'Structure model' 'Derived calculations'      
# 
loop_
_pdbx_audit_revision_category.ordinal 
_pdbx_audit_revision_category.revision_ordinal 
_pdbx_audit_revision_category.data_content_type 
_pdbx_audit_revision_category.category 
1 4 'Structure model' chem_comp_atom 
2 4 'Structure model' chem_comp_bond 
3 4 'Structure model' database_2     
4 4 'Structure model' struct_conn    
# 
loop_
_pdbx_audit_revision_item.ordinal 
_pdbx_audit_revision_item.revision_ordinal 
_pdbx_audit_revision_item.data_content_type 
_pdbx_audit_revision_item.item 
1 4 'Structure model' '_database_2.pdbx_DOI'                
2 4 'Structure model' '_database_2.pdbx_database_accession' 
3 4 'Structure model' '_struct_conn.pdbx_leaving_atom_flag' 
# 
_pdbx_database_status.status_code                     REL 
_pdbx_database_status.entry_id                        343D 
_pdbx_database_status.recvd_initial_deposition_date   1997-06-26 
_pdbx_database_status.deposit_site                    NDB 
_pdbx_database_status.process_site                    NDB 
_pdbx_database_status.status_code_sf                  REL 
_pdbx_database_status.status_code_mr                  ? 
_pdbx_database_status.SG_entry                        ? 
_pdbx_database_status.pdb_format_compatible           Y 
_pdbx_database_status.status_code_cs                  ? 
_pdbx_database_status.status_code_nmr_data            ? 
_pdbx_database_status.methods_development_category    ? 
# 
loop_
_audit_author.name 
_audit_author.pdbx_ordinal 
'Mooers, B.H.M.' 1 
'Eichman, B.F.'  2 
'Ho, P.S.'       3 
# 
_citation.id                        primary 
_citation.title                     'Structural Parameters from Single-Crystal Structures for Accurate Models of A-DNA' 
_citation.journal_abbrev            'To be Published' 
_citation.journal_volume            ? 
_citation.page_first                ? 
_citation.page_last                 ? 
_citation.year                      ? 
_citation.journal_id_ASTM           ? 
_citation.country                   ? 
_citation.journal_id_ISSN           ? 
_citation.journal_id_CSD            0353 
_citation.book_publisher            ? 
_citation.pdbx_database_id_PubMed   ? 
_citation.pdbx_database_id_DOI      ? 
# 
loop_
_citation_author.citation_id 
_citation_author.name 
_citation_author.ordinal 
_citation_author.identifier_ORCID 
primary 'Mooers, B.H.M.' 1 ? 
primary 'Eichman, B.F.'  2 ? 
primary 'Ho, P.S.'       3 ? 
# 
loop_
_entity.id 
_entity.type 
_entity.src_method 
_entity.pdbx_description 
_entity.formula_weight 
_entity.pdbx_number_of_molecules 
_entity.pdbx_ec 
_entity.pdbx_mutation 
_entity.pdbx_fragment 
_entity.details 
1 polymer syn 
;DNA (5'-D(*GP*(5CM)P*TP*AP*GP*C)-3')
;
1823.244 8   ? ? ? ? 
2 water   nat water                                  18.015   172 ? ? ? ? 
# 
_entity_poly.entity_id                      1 
_entity_poly.type                           polydeoxyribonucleotide 
_entity_poly.nstd_linkage                   no 
_entity_poly.nstd_monomer                   yes 
_entity_poly.pdbx_seq_one_letter_code       '(DG)(5CM)(DT)(DA)(DG)(DC)' 
_entity_poly.pdbx_seq_one_letter_code_can   GCTAGC 
_entity_poly.pdbx_strand_id                 A,B,C,D,E,F,G,H 
_entity_poly.pdbx_target_identifier         ? 
# 
_pdbx_entity_nonpoly.entity_id   2 
_pdbx_entity_nonpoly.name        water 
_pdbx_entity_nonpoly.comp_id     HOH 
# 
loop_
_entity_poly_seq.entity_id 
_entity_poly_seq.num 
_entity_poly_seq.mon_id 
_entity_poly_seq.hetero 
1 1 DG  n 
1 2 5CM n 
1 3 DT  n 
1 4 DA  n 
1 5 DG  n 
1 6 DC  n 
# 
loop_
_chem_comp.id 
_chem_comp.type 
_chem_comp.mon_nstd_flag 
_chem_comp.name 
_chem_comp.pdbx_synonyms 
_chem_comp.formula 
_chem_comp.formula_weight 
5CM 'DNA linking' n "5-METHYL-2'-DEOXY-CYTIDINE-5'-MONOPHOSPHATE" ? 'C10 H16 N3 O7 P' 321.224 
DA  'DNA linking' y "2'-DEOXYADENOSINE-5'-MONOPHOSPHATE"          ? 'C10 H14 N5 O6 P' 331.222 
DC  'DNA linking' y "2'-DEOXYCYTIDINE-5'-MONOPHOSPHATE"           ? 'C9 H14 N3 O7 P'  307.197 
DG  'DNA linking' y "2'-DEOXYGUANOSINE-5'-MONOPHOSPHATE"          ? 'C10 H14 N5 O7 P' 347.221 
DT  'DNA linking' y "THYMIDINE-5'-MONOPHOSPHATE"                  ? 'C10 H15 N2 O8 P' 322.208 
HOH non-polymer   . WATER                                         ? 'H2 O'            18.015  
# 
loop_
_pdbx_poly_seq_scheme.asym_id 
_pdbx_poly_seq_scheme.entity_id 
_pdbx_poly_seq_scheme.seq_id 
_pdbx_poly_seq_scheme.mon_id 
_pdbx_poly_seq_scheme.ndb_seq_num 
_pdbx_poly_seq_scheme.pdb_seq_num 
_pdbx_poly_seq_scheme.auth_seq_num 
_pdbx_poly_seq_scheme.pdb_mon_id 
_pdbx_poly_seq_scheme.auth_mon_id 
_pdbx_poly_seq_scheme.pdb_strand_id 
_pdbx_poly_seq_scheme.pdb_ins_code 
_pdbx_poly_seq_scheme.hetero 
A 1 1 DG  1 1  1  DG  G  A . n 
A 1 2 5CM 2 2  2  5CM +C A . n 
A 1 3 DT  3 3  3  DT  T  A . n 
A 1 4 DA  4 4  4  DA  A  A . n 
A 1 5 DG  5 5  5  DG  G  A . n 
A 1 6 DC  6 6  6  DC  C  A . n 
B 1 1 DG  1 7  7  DG  G  B . n 
B 1 2 5CM 2 8  8  5CM +C B . n 
B 1 3 DT  3 9  9  DT  T  B . n 
B 1 4 DA  4 10 10 DA  A  B . n 
B 1 5 DG  5 11 11 DG  G  B . n 
B 1 6 DC  6 12 12 DC  C  B . n 
C 1 1 DG  1 13 13 DG  G  C . n 
C 1 2 5CM 2 14 14 5CM +C C . n 
C 1 3 DT  3 15 15 DT  T  C . n 
C 1 4 DA  4 16 16 DA  A  C . n 
C 1 5 DG  5 17 17 DG  G  C . n 
C 1 6 DC  6 18 18 DC  C  C . n 
D 1 1 DG  1 19 19 DG  G  D . n 
D 1 2 5CM 2 20 20 5CM +C D . n 
D 1 3 DT  3 21 21 DT  T  D . n 
D 1 4 DA  4 22 22 DA  A  D . n 
D 1 5 DG  5 23 23 DG  G  D . n 
D 1 6 DC  6 24 24 DC  C  D . n 
E 1 1 DG  1 25 25 DG  G  E . n 
E 1 2 5CM 2 26 26 5CM +C E . n 
E 1 3 DT  3 27 27 DT  T  E . n 
E 1 4 DA  4 28 28 DA  A  E . n 
E 1 5 DG  5 29 29 DG  G  E . n 
E 1 6 DC  6 30 30 DC  C  E . n 
F 1 1 DG  1 31 31 DG  G  F . n 
F 1 2 5CM 2 32 32 5CM +C F . n 
F 1 3 DT  3 33 33 DT  T  F . n 
F 1 4 DA  4 34 34 DA  A  F . n 
F 1 5 DG  5 35 35 DG  G  F . n 
F 1 6 DC  6 36 36 DC  C  F . n 
G 1 1 DG  1 37 37 DG  G  G . n 
G 1 2 5CM 2 38 38 5CM +C G . n 
G 1 3 DT  3 39 39 DT  T  G . n 
G 1 4 DA  4 40 40 DA  A  G . n 
G 1 5 DG  5 41 41 DG  G  G . n 
G 1 6 DC  6 42 42 DC  C  G . n 
H 1 1 DG  1 43 43 DG  G  H . n 
H 1 2 5CM 2 44 44 5CM +C H . n 
H 1 3 DT  3 45 45 DT  T  H . n 
H 1 4 DA  4 46 46 DA  A  H . n 
H 1 5 DG  5 47 47 DG  G  H . n 
H 1 6 DC  6 48 48 DC  C  H . n 
# 
loop_
_pdbx_nonpoly_scheme.asym_id 
_pdbx_nonpoly_scheme.entity_id 
_pdbx_nonpoly_scheme.mon_id 
_pdbx_nonpoly_scheme.ndb_seq_num 
_pdbx_nonpoly_scheme.pdb_seq_num 
_pdbx_nonpoly_scheme.auth_seq_num 
_pdbx_nonpoly_scheme.pdb_mon_id 
_pdbx_nonpoly_scheme.auth_mon_id 
_pdbx_nonpoly_scheme.pdb_strand_id 
_pdbx_nonpoly_scheme.pdb_ins_code 
I 2 HOH 1  49  49  HOH HOH A . 
I 2 HOH 2  51  51  HOH HOH A . 
I 2 HOH 3  54  54  HOH HOH A . 
I 2 HOH 4  80  80  HOH HOH A . 
I 2 HOH 5  105 105 HOH HOH A . 
I 2 HOH 6  106 106 HOH HOH A . 
I 2 HOH 7  129 129 HOH HOH A . 
I 2 HOH 8  142 142 HOH HOH A . 
I 2 HOH 9  143 143 HOH HOH A . 
I 2 HOH 10 144 144 HOH HOH A . 
I 2 HOH 11 147 147 HOH HOH A . 
I 2 HOH 12 148 148 HOH HOH A . 
I 2 HOH 13 170 170 HOH HOH A . 
I 2 HOH 14 171 171 HOH HOH A . 
I 2 HOH 15 172 172 HOH HOH A . 
I 2 HOH 16 173 173 HOH HOH A . 
I 2 HOH 17 180 180 HOH HOH A . 
I 2 HOH 18 182 182 HOH HOH A . 
I 2 HOH 19 183 183 HOH HOH A . 
I 2 HOH 20 213 213 HOH HOH A . 
J 2 HOH 1  50  50  HOH HOH B . 
J 2 HOH 2  52  52  HOH HOH B . 
J 2 HOH 3  73  73  HOH HOH B . 
J 2 HOH 4  85  85  HOH HOH B . 
J 2 HOH 5  93  93  HOH HOH B . 
J 2 HOH 6  97  97  HOH HOH B . 
J 2 HOH 7  98  98  HOH HOH B . 
J 2 HOH 8  108 108 HOH HOH B . 
J 2 HOH 9  123 123 HOH HOH B . 
J 2 HOH 10 124 124 HOH HOH B . 
J 2 HOH 11 156 156 HOH HOH B . 
J 2 HOH 12 162 162 HOH HOH B . 
J 2 HOH 13 176 176 HOH HOH B . 
J 2 HOH 14 181 181 HOH HOH B . 
J 2 HOH 15 190 190 HOH HOH B . 
J 2 HOH 16 191 191 HOH HOH B . 
J 2 HOH 17 193 193 HOH HOH B . 
J 2 HOH 18 199 199 HOH HOH B . 
J 2 HOH 19 205 205 HOH HOH B . 
J 2 HOH 20 210 210 HOH HOH B . 
J 2 HOH 21 217 217 HOH HOH B . 
J 2 HOH 22 219 219 HOH HOH B . 
K 2 HOH 1  62  62  HOH HOH C . 
K 2 HOH 2  70  70  HOH HOH C . 
K 2 HOH 3  75  75  HOH HOH C . 
K 2 HOH 4  76  76  HOH HOH C . 
K 2 HOH 5  94  94  HOH HOH C . 
K 2 HOH 6  103 103 HOH HOH C . 
K 2 HOH 7  104 104 HOH HOH C . 
K 2 HOH 8  115 115 HOH HOH C . 
K 2 HOH 9  120 120 HOH HOH C . 
K 2 HOH 10 126 126 HOH HOH C . 
K 2 HOH 11 135 135 HOH HOH C . 
K 2 HOH 12 136 136 HOH HOH C . 
K 2 HOH 13 184 184 HOH HOH C . 
K 2 HOH 14 204 204 HOH HOH C . 
K 2 HOH 15 208 208 HOH HOH C . 
L 2 HOH 1  61  61  HOH HOH D . 
L 2 HOH 2  63  63  HOH HOH D . 
L 2 HOH 3  107 107 HOH HOH D . 
L 2 HOH 4  110 110 HOH HOH D . 
L 2 HOH 5  118 118 HOH HOH D . 
L 2 HOH 6  121 121 HOH HOH D . 
L 2 HOH 7  122 122 HOH HOH D . 
L 2 HOH 8  127 127 HOH HOH D . 
L 2 HOH 9  139 139 HOH HOH D . 
L 2 HOH 10 145 145 HOH HOH D . 
L 2 HOH 11 146 146 HOH HOH D . 
L 2 HOH 12 153 153 HOH HOH D . 
L 2 HOH 13 154 154 HOH HOH D . 
L 2 HOH 14 155 155 HOH HOH D . 
L 2 HOH 15 164 164 HOH HOH D . 
L 2 HOH 16 185 185 HOH HOH D . 
L 2 HOH 17 187 187 HOH HOH D . 
L 2 HOH 18 194 194 HOH HOH D . 
L 2 HOH 19 196 196 HOH HOH D . 
L 2 HOH 20 206 206 HOH HOH D . 
L 2 HOH 21 211 211 HOH HOH D . 
L 2 HOH 22 214 214 HOH HOH D . 
L 2 HOH 23 218 218 HOH HOH D . 
L 2 HOH 24 220 220 HOH HOH D . 
M 2 HOH 1  53  53  HOH HOH E . 
M 2 HOH 2  56  56  HOH HOH E . 
M 2 HOH 3  57  57  HOH HOH E . 
M 2 HOH 4  59  59  HOH HOH E . 
M 2 HOH 5  74  74  HOH HOH E . 
M 2 HOH 6  78  78  HOH HOH E . 
M 2 HOH 7  92  92  HOH HOH E . 
M 2 HOH 8  99  99  HOH HOH E . 
M 2 HOH 9  109 109 HOH HOH E . 
M 2 HOH 10 116 116 HOH HOH E . 
M 2 HOH 11 132 132 HOH HOH E . 
M 2 HOH 12 133 133 HOH HOH E . 
M 2 HOH 13 149 149 HOH HOH E . 
M 2 HOH 14 150 150 HOH HOH E . 
M 2 HOH 15 151 151 HOH HOH E . 
M 2 HOH 16 152 152 HOH HOH E . 
M 2 HOH 17 174 174 HOH HOH E . 
M 2 HOH 18 186 186 HOH HOH E . 
M 2 HOH 19 189 189 HOH HOH E . 
M 2 HOH 20 195 195 HOH HOH E . 
M 2 HOH 21 202 202 HOH HOH E . 
M 2 HOH 22 215 215 HOH HOH E . 
N 2 HOH 1  55  55  HOH HOH F . 
N 2 HOH 2  58  58  HOH HOH F . 
N 2 HOH 3  60  60  HOH HOH F . 
N 2 HOH 4  72  72  HOH HOH F . 
N 2 HOH 5  84  84  HOH HOH F . 
N 2 HOH 6  89  89  HOH HOH F . 
N 2 HOH 7  90  90  HOH HOH F . 
N 2 HOH 8  91  91  HOH HOH F . 
N 2 HOH 9  95  95  HOH HOH F . 
N 2 HOH 10 96  96  HOH HOH F . 
N 2 HOH 11 100 100 HOH HOH F . 
N 2 HOH 12 101 101 HOH HOH F . 
N 2 HOH 13 102 102 HOH HOH F . 
N 2 HOH 14 111 111 HOH HOH F . 
N 2 HOH 15 125 125 HOH HOH F . 
N 2 HOH 16 128 128 HOH HOH F . 
N 2 HOH 17 137 137 HOH HOH F . 
N 2 HOH 18 138 138 HOH HOH F . 
N 2 HOH 19 140 140 HOH HOH F . 
N 2 HOH 20 163 163 HOH HOH F . 
N 2 HOH 21 175 175 HOH HOH F . 
N 2 HOH 22 188 188 HOH HOH F . 
N 2 HOH 23 192 192 HOH HOH F . 
N 2 HOH 24 203 203 HOH HOH F . 
N 2 HOH 25 207 207 HOH HOH F . 
N 2 HOH 26 209 209 HOH HOH F . 
N 2 HOH 27 212 212 HOH HOH F . 
N 2 HOH 28 216 216 HOH HOH F . 
O 2 HOH 1  64  64  HOH HOH G . 
O 2 HOH 2  65  65  HOH HOH G . 
O 2 HOH 3  67  67  HOH HOH G . 
O 2 HOH 4  68  68  HOH HOH G . 
O 2 HOH 5  71  71  HOH HOH G . 
O 2 HOH 6  79  79  HOH HOH G . 
O 2 HOH 7  82  82  HOH HOH G . 
O 2 HOH 8  83  83  HOH HOH G . 
O 2 HOH 9  88  88  HOH HOH G . 
O 2 HOH 10 112 112 HOH HOH G . 
O 2 HOH 11 113 113 HOH HOH G . 
O 2 HOH 12 114 114 HOH HOH G . 
O 2 HOH 13 117 117 HOH HOH G . 
O 2 HOH 14 119 119 HOH HOH G . 
O 2 HOH 15 141 141 HOH HOH G . 
O 2 HOH 16 157 157 HOH HOH G . 
O 2 HOH 17 158 158 HOH HOH G . 
O 2 HOH 18 159 159 HOH HOH G . 
O 2 HOH 19 160 160 HOH HOH G . 
O 2 HOH 20 161 161 HOH HOH G . 
O 2 HOH 21 165 165 HOH HOH G . 
O 2 HOH 22 166 166 HOH HOH G . 
O 2 HOH 23 167 167 HOH HOH G . 
O 2 HOH 24 179 179 HOH HOH G . 
P 2 HOH 1  66  66  HOH HOH H . 
P 2 HOH 2  69  69  HOH HOH H . 
P 2 HOH 3  77  77  HOH HOH H . 
P 2 HOH 4  81  81  HOH HOH H . 
P 2 HOH 5  86  86  HOH HOH H . 
P 2 HOH 6  87  87  HOH HOH H . 
P 2 HOH 7  130 130 HOH HOH H . 
P 2 HOH 8  131 131 HOH HOH H . 
P 2 HOH 9  134 134 HOH HOH H . 
P 2 HOH 10 168 168 HOH HOH H . 
P 2 HOH 11 169 169 HOH HOH H . 
P 2 HOH 12 177 177 HOH HOH H . 
P 2 HOH 13 178 178 HOH HOH H . 
P 2 HOH 14 197 197 HOH HOH H . 
P 2 HOH 15 198 198 HOH HOH H . 
P 2 HOH 16 200 200 HOH HOH H . 
P 2 HOH 17 201 201 HOH HOH H . 
# 
loop_
_software.name 
_software.classification 
_software.version 
_software.citation_id 
_software.pdbx_ordinal 
XTALVIEW refinement       .   ? 1 
X-PLOR   'model building' .   ? 2 
X-PLOR   refinement       3.1 ? 3 
SAINT    'data reduction' .   ? 4 
SAINT    'data scaling'   .   ? 5 
X-PLOR   phasing          .   ? 6 
# 
_cell.entry_id           343D 
_cell.length_a           23.880 
_cell.length_b           33.820 
_cell.length_c           40.120 
_cell.angle_alpha        85.05 
_cell.angle_beta         82.91 
_cell.angle_gamma        74.93 
_cell.Z_PDB              8 
_cell.pdbx_unique_axis   ? 
# 
_symmetry.entry_id                         343D 
_symmetry.space_group_name_H-M             'P 1' 
_symmetry.pdbx_full_space_group_name_H-M   ? 
_symmetry.cell_setting                     ? 
_symmetry.Int_Tables_number                1 
# 
_exptl.entry_id          343D 
_exptl.method            'X-RAY DIFFRACTION' 
_exptl.crystals_number   1 
# 
_exptl_crystal.id                    1 
_exptl_crystal.density_meas          ? 
_exptl_crystal.density_percent_sol   50.32 
_exptl_crystal.density_Matthews      2.48 
_exptl_crystal.description           ? 
# 
_exptl_crystal_grow.crystal_id      1 
_exptl_crystal_grow.method          'VAPOR DIFFUSION' 
_exptl_crystal_grow.temp            ? 
_exptl_crystal_grow.temp_details    ? 
_exptl_crystal_grow.pH              7.00 
_exptl_crystal_grow.pdbx_details    'pH 7.00, VAPOR DIFFUSION' 
_exptl_crystal_grow.pdbx_pH_range   . 
# 
_exptl_crystal_grow_comp.crystal_id   1 
_exptl_crystal_grow_comp.id           1 
_exptl_crystal_grow_comp.sol_id       1 
_exptl_crystal_grow_comp.name         WATER 
_exptl_crystal_grow_comp.volume       ? 
_exptl_crystal_grow_comp.conc         ? 
_exptl_crystal_grow_comp.details      ? 
# 
_diffrn.id                     1 
_diffrn.ambient_temp           298.00 
_diffrn.ambient_temp_details   ? 
_diffrn.crystal_id             1 
# 
_diffrn_detector.diffrn_id              1 
_diffrn_detector.detector               'AREA DETECTOR' 
_diffrn_detector.type                   'SIEMENS HI-STAR' 
_diffrn_detector.pdbx_collection_date   1996-02-01 
_diffrn_detector.details                ? 
# 
_diffrn_radiation.diffrn_id                        1 
_diffrn_radiation.wavelength_id                    1 
_diffrn_radiation.pdbx_monochromatic_or_laue_m_l   M 
_diffrn_radiation.monochromator                    ? 
_diffrn_radiation.pdbx_diffrn_protocol             'SINGLE WAVELENGTH' 
_diffrn_radiation.pdbx_scattering_type             x-ray 
# 
_diffrn_radiation_wavelength.id           1 
_diffrn_radiation_wavelength.wavelength   . 
_diffrn_radiation_wavelength.wt           1.0 
# 
_diffrn_source.diffrn_id                   1 
_diffrn_source.source                      ? 
_diffrn_source.type                        ? 
_diffrn_source.pdbx_synchrotron_site       ? 
_diffrn_source.pdbx_synchrotron_beamline   ? 
_diffrn_source.pdbx_wavelength             ? 
_diffrn_source.pdbx_wavelength_list        ? 
# 
_reflns.entry_id                     343D 
_reflns.observed_criterion_sigma_I   2.000 
_reflns.observed_criterion_sigma_F   ? 
_reflns.d_resolution_low             ? 
_reflns.d_resolution_high            ? 
_reflns.number_obs                   8901 
_reflns.number_all                   ? 
_reflns.percent_possible_obs         ? 
_reflns.pdbx_Rmerge_I_obs            0.051 
_reflns.pdbx_Rsym_value              ? 
_reflns.pdbx_netI_over_sigmaI        ? 
_reflns.B_iso_Wilson_estimate        ? 
_reflns.pdbx_redundancy              2.500 
_reflns.R_free_details               ? 
_reflns.pdbx_diffrn_id               1 
_reflns.pdbx_ordinal                 1 
# 
_refine.entry_id                                 343D 
_refine.ls_number_reflns_obs                     6307 
_refine.ls_number_reflns_all                     ? 
_refine.pdbx_ls_sigma_I                          ? 
_refine.pdbx_ls_sigma_F                          3.000 
_refine.pdbx_data_cutoff_high_absF               ? 
_refine.pdbx_data_cutoff_low_absF                ? 
_refine.pdbx_data_cutoff_high_rms_absF           ? 
_refine.ls_d_res_low                             8.000 
_refine.ls_d_res_high                            2.100 
_refine.ls_percent_reflns_obs                    ? 
_refine.ls_R_factor_obs                          0.204 
_refine.ls_R_factor_all                          ? 
_refine.ls_R_factor_R_work                       0.204 
_refine.ls_R_factor_R_free                       0.286 
_refine.ls_R_factor_R_free_error                 ? 
_refine.ls_R_factor_R_free_error_details         ? 
_refine.ls_percent_reflns_R_free                 ? 
_refine.ls_number_reflns_R_free                  ? 
_refine.ls_number_parameters                     ? 
_refine.ls_number_restraints                     ? 
_refine.occupancy_min                            ? 
_refine.occupancy_max                            ? 
_refine.B_iso_mean                               14.34 
_refine.aniso_B[1][1]                            ? 
_refine.aniso_B[2][2]                            ? 
_refine.aniso_B[3][3]                            ? 
_refine.aniso_B[1][2]                            ? 
_refine.aniso_B[1][3]                            ? 
_refine.aniso_B[2][3]                            ? 
_refine.solvent_model_details                    ? 
_refine.solvent_model_param_ksol                 ? 
_refine.solvent_model_param_bsol                 ? 
_refine.pdbx_ls_cross_valid_method               ? 
_refine.details                                  ? 
_refine.pdbx_starting_model                      ? 
_refine.pdbx_method_to_determine_struct          'MOLECULAR REPLACEMENT' 
_refine.pdbx_isotropic_thermal_model             ? 
_refine.pdbx_stereochemistry_target_values       ? 
_refine.pdbx_stereochem_target_val_spec_case     ? 
_refine.pdbx_R_Free_selection_details            ? 
_refine.pdbx_overall_ESU_R                       ? 
_refine.pdbx_overall_ESU_R_Free                  ? 
_refine.overall_SU_ML                            ? 
_refine.overall_SU_B                             ? 
_refine.ls_redundancy_reflns_obs                 ? 
_refine.correlation_coeff_Fo_to_Fc               ? 
_refine.correlation_coeff_Fo_to_Fc_free          ? 
_refine.pdbx_solvent_vdw_probe_radii             ? 
_refine.pdbx_solvent_ion_probe_radii             ? 
_refine.pdbx_solvent_shrinkage_radii             ? 
_refine.overall_SU_R_Cruickshank_DPI             ? 
_refine.overall_SU_R_free                        ? 
_refine.pdbx_refine_id                           'X-RAY DIFFRACTION' 
_refine.pdbx_diffrn_id                           1 
_refine.pdbx_TLS_residual_ADP_flag               ? 
_refine.pdbx_overall_phase_error                 ? 
_refine.pdbx_overall_SU_R_free_Cruickshank_DPI   ? 
_refine.pdbx_overall_SU_R_Blow_DPI               ? 
_refine.pdbx_overall_SU_R_free_Blow_DPI          ? 
# 
_refine_hist.pdbx_refine_id                   'X-RAY DIFFRACTION' 
_refine_hist.cycle_id                         LAST 
_refine_hist.pdbx_number_atoms_protein        0 
_refine_hist.pdbx_number_atoms_nucleic_acid   960 
_refine_hist.pdbx_number_atoms_ligand         8 
_refine_hist.number_atoms_solvent             172 
_refine_hist.number_atoms_total               1140 
_refine_hist.d_res_high                       2.100 
_refine_hist.d_res_low                        8.000 
# 
loop_
_refine_ls_restr.type 
_refine_ls_restr.dev_ideal 
_refine_ls_restr.dev_ideal_target 
_refine_ls_restr.weight 
_refine_ls_restr.number 
_refine_ls_restr.pdbx_refine_id 
_refine_ls_restr.pdbx_restraint_function 
x_bond_d                0.009 ? ? ? 'X-RAY DIFFRACTION' ? 
x_bond_d_na             ?     ? ? ? 'X-RAY DIFFRACTION' ? 
x_bond_d_prot           ?     ? ? ? 'X-RAY DIFFRACTION' ? 
x_angle_d               ?     ? ? ? 'X-RAY DIFFRACTION' ? 
x_angle_d_na            ?     ? ? ? 'X-RAY DIFFRACTION' ? 
x_angle_d_prot          ?     ? ? ? 'X-RAY DIFFRACTION' ? 
x_angle_deg             1.64  ? ? ? 'X-RAY DIFFRACTION' ? 
x_angle_deg_na          ?     ? ? ? 'X-RAY DIFFRACTION' ? 
x_angle_deg_prot        ?     ? ? ? 'X-RAY DIFFRACTION' ? 
x_dihedral_angle_d      ?     ? ? ? 'X-RAY DIFFRACTION' ? 
x_dihedral_angle_d_na   ?     ? ? ? 'X-RAY DIFFRACTION' ? 
x_dihedral_angle_d_prot ?     ? ? ? 'X-RAY DIFFRACTION' ? 
x_improper_angle_d      ?     ? ? ? 'X-RAY DIFFRACTION' ? 
x_improper_angle_d_na   ?     ? ? ? 'X-RAY DIFFRACTION' ? 
x_improper_angle_d_prot ?     ? ? ? 'X-RAY DIFFRACTION' ? 
x_mcbond_it             ?     ? ? ? 'X-RAY DIFFRACTION' ? 
x_mcangle_it            ?     ? ? ? 'X-RAY DIFFRACTION' ? 
x_scbond_it             ?     ? ? ? 'X-RAY DIFFRACTION' ? 
x_scangle_it            ?     ? ? ? 'X-RAY DIFFRACTION' ? 
# 
_pdbx_xplor_file.serial_no        1 
_pdbx_xplor_file.param_file       GMTAGC.PAR 
_pdbx_xplor_file.topol_file       GMTAGC.TOP 
_pdbx_xplor_file.pdbx_refine_id   'X-RAY DIFFRACTION' 
# 
_struct.entry_id                  343D 
_struct.title                     'STRUCTURAL PARAMETERS FROM SINGLE-CRYSTAL STRUCTURES FOR ACCURATE MODELS OF A-DNA' 
_struct.pdbx_model_details        ? 
_struct.pdbx_CASP_flag            ? 
_struct.pdbx_model_type_details   ? 
# 
_struct_keywords.entry_id        343D 
_struct_keywords.pdbx_keywords   DNA 
_struct_keywords.text            'A-DNA, DOUBLE HELIX, MODIFIED, DNA' 
# 
loop_
_struct_asym.id 
_struct_asym.pdbx_blank_PDB_chainid_flag 
_struct_asym.pdbx_modified 
_struct_asym.entity_id 
_struct_asym.details 
A N N 1 ? 
B N N 1 ? 
C N N 1 ? 
D N N 1 ? 
E N N 1 ? 
F N N 1 ? 
G N N 1 ? 
H N N 1 ? 
I N N 2 ? 
J N N 2 ? 
K N N 2 ? 
L N N 2 ? 
M N N 2 ? 
N N N 2 ? 
O N N 2 ? 
P N N 2 ? 
# 
_struct_ref.id                         1 
_struct_ref.entity_id                  1 
_struct_ref.db_name                    PDB 
_struct_ref.db_code                    343D 
_struct_ref.pdbx_db_accession          343D 
_struct_ref.pdbx_db_isoform            ? 
_struct_ref.pdbx_seq_one_letter_code   ? 
_struct_ref.pdbx_align_begin           ? 
# 
loop_
_struct_ref_seq.align_id 
_struct_ref_seq.ref_id 
_struct_ref_seq.pdbx_PDB_id_code 
_struct_ref_seq.pdbx_strand_id 
_struct_ref_seq.seq_align_beg 
_struct_ref_seq.pdbx_seq_align_beg_ins_code 
_struct_ref_seq.seq_align_end 
_struct_ref_seq.pdbx_seq_align_end_ins_code 
_struct_ref_seq.pdbx_db_accession 
_struct_ref_seq.db_align_beg 
_struct_ref_seq.pdbx_db_align_beg_ins_code 
_struct_ref_seq.db_align_end 
_struct_ref_seq.pdbx_db_align_end_ins_code 
_struct_ref_seq.pdbx_auth_seq_align_beg 
_struct_ref_seq.pdbx_auth_seq_align_end 
1 1 343D A 1 ? 6 ? 343D 1  ? 6  ? 1  6  
2 1 343D B 1 ? 6 ? 343D 7  ? 12 ? 7  12 
3 1 343D C 1 ? 6 ? 343D 13 ? 18 ? 13 18 
4 1 343D D 1 ? 6 ? 343D 19 ? 24 ? 19 24 
5 1 343D E 1 ? 6 ? 343D 25 ? 30 ? 25 30 
6 1 343D F 1 ? 6 ? 343D 31 ? 36 ? 31 36 
7 1 343D G 1 ? 6 ? 343D 37 ? 42 ? 37 42 
8 1 343D H 1 ? 6 ? 343D 43 ? 48 ? 43 48 
# 
loop_
_pdbx_struct_assembly.id 
_pdbx_struct_assembly.details 
_pdbx_struct_assembly.method_details 
_pdbx_struct_assembly.oligomeric_details 
_pdbx_struct_assembly.oligomeric_count 
1 author_defined_assembly ? dimeric 2 
2 author_defined_assembly ? dimeric 2 
3 author_defined_assembly ? dimeric 2 
4 author_defined_assembly ? dimeric 2 
# 
loop_
_pdbx_struct_assembly_gen.assembly_id 
_pdbx_struct_assembly_gen.oper_expression 
_pdbx_struct_assembly_gen.asym_id_list 
1 1 A,B,I,J 
2 1 C,D,K,L 
3 1 E,F,M,N 
4 1 G,H,O,P 
# 
_pdbx_struct_oper_list.id                   1 
_pdbx_struct_oper_list.type                 'identity operation' 
_pdbx_struct_oper_list.name                 1_555 
_pdbx_struct_oper_list.symmetry_operation   x,y,z 
_pdbx_struct_oper_list.matrix[1][1]         1.0000000000 
_pdbx_struct_oper_list.matrix[1][2]         0.0000000000 
_pdbx_struct_oper_list.matrix[1][3]         0.0000000000 
_pdbx_struct_oper_list.vector[1]            0.0000000000 
_pdbx_struct_oper_list.matrix[2][1]         0.0000000000 
_pdbx_struct_oper_list.matrix[2][2]         1.0000000000 
_pdbx_struct_oper_list.matrix[2][3]         0.0000000000 
_pdbx_struct_oper_list.vector[2]            0.0000000000 
_pdbx_struct_oper_list.matrix[3][1]         0.0000000000 
_pdbx_struct_oper_list.matrix[3][2]         0.0000000000 
_pdbx_struct_oper_list.matrix[3][3]         1.0000000000 
_pdbx_struct_oper_list.vector[3]            0.0000000000 
# 
loop_
_struct_biol.id 
_struct_biol.pdbx_parent_biol_id 
_struct_biol.details 
1 ? ? 
2 ? ? 
3 ? ? 
4 ? ? 
# 
loop_
_struct_conn.id 
_struct_conn.conn_type_id 
_struct_conn.pdbx_leaving_atom_flag 
_struct_conn.pdbx_PDB_id 
_struct_conn.ptnr1_label_asym_id 
_struct_conn.ptnr1_label_comp_id 
_struct_conn.ptnr1_label_seq_id 
_struct_conn.ptnr1_label_atom_id 
_struct_conn.pdbx_ptnr1_label_alt_id 
_struct_conn.pdbx_ptnr1_PDB_ins_code 
_struct_conn.pdbx_ptnr1_standard_comp_id 
_struct_conn.ptnr1_symmetry 
_struct_conn.ptnr2_label_asym_id 
_struct_conn.ptnr2_label_comp_id 
_struct_conn.ptnr2_label_seq_id 
_struct_conn.ptnr2_label_atom_id 
_struct_conn.pdbx_ptnr2_label_alt_id 
_struct_conn.pdbx_ptnr2_PDB_ins_code 
_struct_conn.ptnr1_auth_asym_id 
_struct_conn.ptnr1_auth_comp_id 
_struct_conn.ptnr1_auth_seq_id 
_struct_conn.ptnr2_auth_asym_id 
_struct_conn.ptnr2_auth_comp_id 
_struct_conn.ptnr2_auth_seq_id 
_struct_conn.ptnr2_symmetry 
_struct_conn.pdbx_ptnr3_label_atom_id 
_struct_conn.pdbx_ptnr3_label_seq_id 
_struct_conn.pdbx_ptnr3_label_comp_id 
_struct_conn.pdbx_ptnr3_label_asym_id 
_struct_conn.pdbx_ptnr3_label_alt_id 
_struct_conn.pdbx_ptnr3_PDB_ins_code 
_struct_conn.details 
_struct_conn.pdbx_dist_value 
_struct_conn.pdbx_value_order 
_struct_conn.pdbx_role 
covale1  covale both ? A DG  1 "O3'" ? ? ? 1_555 A 5CM 2 P  ? ? A DG  1  A 5CM 2  1_555 ? ? ? ? ? ? ?            1.602 ? ? 
covale2  covale both ? A 5CM 2 "O3'" ? ? ? 1_555 A DT  3 P  ? ? A 5CM 2  A DT  3  1_555 ? ? ? ? ? ? ?            1.606 ? ? 
covale3  covale both ? B DG  1 "O3'" ? ? ? 1_555 B 5CM 2 P  ? ? B DG  7  B 5CM 8  1_555 ? ? ? ? ? ? ?            1.618 ? ? 
covale4  covale both ? B 5CM 2 "O3'" ? ? ? 1_555 B DT  3 P  ? ? B 5CM 8  B DT  9  1_555 ? ? ? ? ? ? ?            1.613 ? ? 
covale5  covale both ? C DG  1 "O3'" ? ? ? 1_555 C 5CM 2 P  ? ? C DG  13 C 5CM 14 1_555 ? ? ? ? ? ? ?            1.599 ? ? 
covale6  covale both ? C 5CM 2 "O3'" ? ? ? 1_555 C DT  3 P  ? ? C 5CM 14 C DT  15 1_555 ? ? ? ? ? ? ?            1.603 ? ? 
covale7  covale both ? D DG  1 "O3'" ? ? ? 1_555 D 5CM 2 P  ? ? D DG  19 D 5CM 20 1_555 ? ? ? ? ? ? ?            1.603 ? ? 
covale8  covale both ? D 5CM 2 "O3'" ? ? ? 1_555 D DT  3 P  ? ? D 5CM 20 D DT  21 1_555 ? ? ? ? ? ? ?            1.625 ? ? 
covale9  covale both ? E DG  1 "O3'" ? ? ? 1_555 E 5CM 2 P  ? ? E DG  25 E 5CM 26 1_555 ? ? ? ? ? ? ?            1.609 ? ? 
covale10 covale both ? E 5CM 2 "O3'" ? ? ? 1_555 E DT  3 P  ? ? E 5CM 26 E DT  27 1_555 ? ? ? ? ? ? ?            1.609 ? ? 
covale11 covale both ? F DG  1 "O3'" ? ? ? 1_555 F 5CM 2 P  ? ? F DG  31 F 5CM 32 1_555 ? ? ? ? ? ? ?            1.609 ? ? 
covale12 covale both ? F 5CM 2 "O3'" ? ? ? 1_555 F DT  3 P  ? ? F 5CM 32 F DT  33 1_555 ? ? ? ? ? ? ?            1.601 ? ? 
covale13 covale both ? G DG  1 "O3'" ? ? ? 1_555 G 5CM 2 P  ? ? G DG  37 G 5CM 38 1_555 ? ? ? ? ? ? ?            1.617 ? ? 
covale14 covale both ? G 5CM 2 "O3'" ? ? ? 1_555 G DT  3 P  ? ? G 5CM 38 G DT  39 1_555 ? ? ? ? ? ? ?            1.600 ? ? 
covale15 covale both ? H DG  1 "O3'" ? ? ? 1_555 H 5CM 2 P  ? ? H DG  43 H 5CM 44 1_555 ? ? ? ? ? ? ?            1.604 ? ? 
covale16 covale both ? H 5CM 2 "O3'" ? ? ? 1_555 H DT  3 P  ? ? H 5CM 44 H DT  45 1_555 ? ? ? ? ? ? ?            1.603 ? ? 
hydrog1  hydrog ?    ? A DG  1 N1    ? ? ? 1_555 B DC  6 N3 ? ? A DG  1  B DC  12 1_555 ? ? ? ? ? ? WATSON-CRICK ?     ? ? 
hydrog2  hydrog ?    ? A DG  1 N2    ? ? ? 1_555 B DC  6 O2 ? ? A DG  1  B DC  12 1_555 ? ? ? ? ? ? WATSON-CRICK ?     ? ? 
hydrog3  hydrog ?    ? A DG  1 O6    ? ? ? 1_555 B DC  6 N4 ? ? A DG  1  B DC  12 1_555 ? ? ? ? ? ? WATSON-CRICK ?     ? ? 
hydrog4  hydrog ?    ? A 5CM 2 N3    ? ? ? 1_555 B DG  5 N1 ? ? A 5CM 2  B DG  11 1_555 ? ? ? ? ? ? WATSON-CRICK ?     ? ? 
hydrog5  hydrog ?    ? A 5CM 2 N4    ? ? ? 1_555 B DG  5 O6 ? ? A 5CM 2  B DG  11 1_555 ? ? ? ? ? ? WATSON-CRICK ?     ? ? 
hydrog6  hydrog ?    ? A 5CM 2 O2    ? ? ? 1_555 B DG  5 N2 ? ? A 5CM 2  B DG  11 1_555 ? ? ? ? ? ? WATSON-CRICK ?     ? ? 
hydrog7  hydrog ?    ? A DT  3 N3    ? ? ? 1_555 B DA  4 N1 ? ? A DT  3  B DA  10 1_555 ? ? ? ? ? ? WATSON-CRICK ?     ? ? 
hydrog8  hydrog ?    ? A DT  3 O4    ? ? ? 1_555 B DA  4 N6 ? ? A DT  3  B DA  10 1_555 ? ? ? ? ? ? WATSON-CRICK ?     ? ? 
hydrog9  hydrog ?    ? A DA  4 N1    ? ? ? 1_555 B DT  3 N3 ? ? A DA  4  B DT  9  1_555 ? ? ? ? ? ? WATSON-CRICK ?     ? ? 
hydrog10 hydrog ?    ? A DA  4 N6    ? ? ? 1_555 B DT  3 O4 ? ? A DA  4  B DT  9  1_555 ? ? ? ? ? ? WATSON-CRICK ?     ? ? 
hydrog11 hydrog ?    ? A DG  5 N1    ? ? ? 1_555 B 5CM 2 N3 ? ? A DG  5  B 5CM 8  1_555 ? ? ? ? ? ? WATSON-CRICK ?     ? ? 
hydrog12 hydrog ?    ? A DG  5 N2    ? ? ? 1_555 B 5CM 2 O2 ? ? A DG  5  B 5CM 8  1_555 ? ? ? ? ? ? WATSON-CRICK ?     ? ? 
hydrog13 hydrog ?    ? A DG  5 O6    ? ? ? 1_555 B 5CM 2 N4 ? ? A DG  5  B 5CM 8  1_555 ? ? ? ? ? ? WATSON-CRICK ?     ? ? 
hydrog14 hydrog ?    ? A DC  6 N3    ? ? ? 1_555 B DG  1 N1 ? ? A DC  6  B DG  7  1_555 ? ? ? ? ? ? WATSON-CRICK ?     ? ? 
hydrog15 hydrog ?    ? A DC  6 N4    ? ? ? 1_555 B DG  1 O6 ? ? A DC  6  B DG  7  1_555 ? ? ? ? ? ? WATSON-CRICK ?     ? ? 
hydrog16 hydrog ?    ? A DC  6 O2    ? ? ? 1_555 B DG  1 N2 ? ? A DC  6  B DG  7  1_555 ? ? ? ? ? ? WATSON-CRICK ?     ? ? 
hydrog17 hydrog ?    ? C DG  1 N1    ? ? ? 1_555 D DC  6 N3 ? ? C DG  13 D DC  24 1_555 ? ? ? ? ? ? WATSON-CRICK ?     ? ? 
hydrog18 hydrog ?    ? C DG  1 N2    ? ? ? 1_555 D DC  6 O2 ? ? C DG  13 D DC  24 1_555 ? ? ? ? ? ? WATSON-CRICK ?     ? ? 
hydrog19 hydrog ?    ? C DG  1 O6    ? ? ? 1_555 D DC  6 N4 ? ? C DG  13 D DC  24 1_555 ? ? ? ? ? ? WATSON-CRICK ?     ? ? 
hydrog20 hydrog ?    ? C 5CM 2 N3    ? ? ? 1_555 D DG  5 N1 ? ? C 5CM 14 D DG  23 1_555 ? ? ? ? ? ? WATSON-CRICK ?     ? ? 
hydrog21 hydrog ?    ? C 5CM 2 N4    ? ? ? 1_555 D DG  5 O6 ? ? C 5CM 14 D DG  23 1_555 ? ? ? ? ? ? WATSON-CRICK ?     ? ? 
hydrog22 hydrog ?    ? C 5CM 2 O2    ? ? ? 1_555 D DG  5 N2 ? ? C 5CM 14 D DG  23 1_555 ? ? ? ? ? ? WATSON-CRICK ?     ? ? 
hydrog23 hydrog ?    ? C DT  3 N3    ? ? ? 1_555 D DA  4 N1 ? ? C DT  15 D DA  22 1_555 ? ? ? ? ? ? WATSON-CRICK ?     ? ? 
hydrog24 hydrog ?    ? C DT  3 O4    ? ? ? 1_555 D DA  4 N6 ? ? C DT  15 D DA  22 1_555 ? ? ? ? ? ? WATSON-CRICK ?     ? ? 
hydrog25 hydrog ?    ? C DA  4 N1    ? ? ? 1_555 D DT  3 N3 ? ? C DA  16 D DT  21 1_555 ? ? ? ? ? ? WATSON-CRICK ?     ? ? 
hydrog26 hydrog ?    ? C DA  4 N6    ? ? ? 1_555 D DT  3 O4 ? ? C DA  16 D DT  21 1_555 ? ? ? ? ? ? WATSON-CRICK ?     ? ? 
hydrog27 hydrog ?    ? C DG  5 N1    ? ? ? 1_555 D 5CM 2 N3 ? ? C DG  17 D 5CM 20 1_555 ? ? ? ? ? ? WATSON-CRICK ?     ? ? 
hydrog28 hydrog ?    ? C DG  5 N2    ? ? ? 1_555 D 5CM 2 O2 ? ? C DG  17 D 5CM 20 1_555 ? ? ? ? ? ? WATSON-CRICK ?     ? ? 
hydrog29 hydrog ?    ? C DG  5 O6    ? ? ? 1_555 D 5CM 2 N4 ? ? C DG  17 D 5CM 20 1_555 ? ? ? ? ? ? WATSON-CRICK ?     ? ? 
hydrog30 hydrog ?    ? C DC  6 N3    ? ? ? 1_555 D DG  1 N1 ? ? C DC  18 D DG  19 1_555 ? ? ? ? ? ? WATSON-CRICK ?     ? ? 
hydrog31 hydrog ?    ? C DC  6 N4    ? ? ? 1_555 D DG  1 O6 ? ? C DC  18 D DG  19 1_555 ? ? ? ? ? ? WATSON-CRICK ?     ? ? 
hydrog32 hydrog ?    ? C DC  6 O2    ? ? ? 1_555 D DG  1 N2 ? ? C DC  18 D DG  19 1_555 ? ? ? ? ? ? WATSON-CRICK ?     ? ? 
hydrog33 hydrog ?    ? E DG  1 N1    ? ? ? 1_555 F DC  6 N3 ? ? E DG  25 F DC  36 1_555 ? ? ? ? ? ? WATSON-CRICK ?     ? ? 
hydrog34 hydrog ?    ? E DG  1 N2    ? ? ? 1_555 F DC  6 O2 ? ? E DG  25 F DC  36 1_555 ? ? ? ? ? ? WATSON-CRICK ?     ? ? 
hydrog35 hydrog ?    ? E DG  1 O6    ? ? ? 1_555 F DC  6 N4 ? ? E DG  25 F DC  36 1_555 ? ? ? ? ? ? WATSON-CRICK ?     ? ? 
hydrog36 hydrog ?    ? E 5CM 2 N3    ? ? ? 1_555 F DG  5 N1 ? ? E 5CM 26 F DG  35 1_555 ? ? ? ? ? ? WATSON-CRICK ?     ? ? 
hydrog37 hydrog ?    ? E 5CM 2 N4    ? ? ? 1_555 F DG  5 O6 ? ? E 5CM 26 F DG  35 1_555 ? ? ? ? ? ? WATSON-CRICK ?     ? ? 
hydrog38 hydrog ?    ? E 5CM 2 O2    ? ? ? 1_555 F DG  5 N2 ? ? E 5CM 26 F DG  35 1_555 ? ? ? ? ? ? WATSON-CRICK ?     ? ? 
hydrog39 hydrog ?    ? E DT  3 N3    ? ? ? 1_555 F DA  4 N1 ? ? E DT  27 F DA  34 1_555 ? ? ? ? ? ? WATSON-CRICK ?     ? ? 
hydrog40 hydrog ?    ? E DT  3 O4    ? ? ? 1_555 F DA  4 N6 ? ? E DT  27 F DA  34 1_555 ? ? ? ? ? ? WATSON-CRICK ?     ? ? 
hydrog41 hydrog ?    ? E DA  4 N1    ? ? ? 1_555 F DT  3 N3 ? ? E DA  28 F DT  33 1_555 ? ? ? ? ? ? WATSON-CRICK ?     ? ? 
hydrog42 hydrog ?    ? E DA  4 N6    ? ? ? 1_555 F DT  3 O4 ? ? E DA  28 F DT  33 1_555 ? ? ? ? ? ? WATSON-CRICK ?     ? ? 
hydrog43 hydrog ?    ? E DG  5 N1    ? ? ? 1_555 F 5CM 2 N3 ? ? E DG  29 F 5CM 32 1_555 ? ? ? ? ? ? WATSON-CRICK ?     ? ? 
hydrog44 hydrog ?    ? E DG  5 N2    ? ? ? 1_555 F 5CM 2 O2 ? ? E DG  29 F 5CM 32 1_555 ? ? ? ? ? ? WATSON-CRICK ?     ? ? 
hydrog45 hydrog ?    ? E DG  5 O6    ? ? ? 1_555 F 5CM 2 N4 ? ? E DG  29 F 5CM 32 1_555 ? ? ? ? ? ? WATSON-CRICK ?     ? ? 
hydrog46 hydrog ?    ? E DC  6 N3    ? ? ? 1_555 F DG  1 N1 ? ? E DC  30 F DG  31 1_555 ? ? ? ? ? ? WATSON-CRICK ?     ? ? 
hydrog47 hydrog ?    ? E DC  6 N4    ? ? ? 1_555 F DG  1 O6 ? ? E DC  30 F DG  31 1_555 ? ? ? ? ? ? WATSON-CRICK ?     ? ? 
hydrog48 hydrog ?    ? E DC  6 O2    ? ? ? 1_555 F DG  1 N2 ? ? E DC  30 F DG  31 1_555 ? ? ? ? ? ? WATSON-CRICK ?     ? ? 
hydrog49 hydrog ?    ? G DG  1 N1    ? ? ? 1_555 H DC  6 N3 ? ? G DG  37 H DC  48 1_555 ? ? ? ? ? ? WATSON-CRICK ?     ? ? 
hydrog50 hydrog ?    ? G DG  1 N2    ? ? ? 1_555 H DC  6 O2 ? ? G DG  37 H DC  48 1_555 ? ? ? ? ? ? WATSON-CRICK ?     ? ? 
hydrog51 hydrog ?    ? G DG  1 O6    ? ? ? 1_555 H DC  6 N4 ? ? G DG  37 H DC  48 1_555 ? ? ? ? ? ? WATSON-CRICK ?     ? ? 
hydrog52 hydrog ?    ? G 5CM 2 N3    ? ? ? 1_555 H DG  5 N1 ? ? G 5CM 38 H DG  47 1_555 ? ? ? ? ? ? WATSON-CRICK ?     ? ? 
hydrog53 hydrog ?    ? G 5CM 2 N4    ? ? ? 1_555 H DG  5 O6 ? ? G 5CM 38 H DG  47 1_555 ? ? ? ? ? ? WATSON-CRICK ?     ? ? 
hydrog54 hydrog ?    ? G 5CM 2 O2    ? ? ? 1_555 H DG  5 N2 ? ? G 5CM 38 H DG  47 1_555 ? ? ? ? ? ? WATSON-CRICK ?     ? ? 
hydrog55 hydrog ?    ? G DT  3 N3    ? ? ? 1_555 H DA  4 N1 ? ? G DT  39 H DA  46 1_555 ? ? ? ? ? ? WATSON-CRICK ?     ? ? 
hydrog56 hydrog ?    ? G DT  3 O4    ? ? ? 1_555 H DA  4 N6 ? ? G DT  39 H DA  46 1_555 ? ? ? ? ? ? WATSON-CRICK ?     ? ? 
hydrog57 hydrog ?    ? G DA  4 N1    ? ? ? 1_555 H DT  3 N3 ? ? G DA  40 H DT  45 1_555 ? ? ? ? ? ? WATSON-CRICK ?     ? ? 
hydrog58 hydrog ?    ? G DA  4 N6    ? ? ? 1_555 H DT  3 O4 ? ? G DA  40 H DT  45 1_555 ? ? ? ? ? ? WATSON-CRICK ?     ? ? 
hydrog59 hydrog ?    ? G DG  5 N1    ? ? ? 1_555 H 5CM 2 N3 ? ? G DG  41 H 5CM 44 1_555 ? ? ? ? ? ? WATSON-CRICK ?     ? ? 
hydrog60 hydrog ?    ? G DG  5 N2    ? ? ? 1_555 H 5CM 2 O2 ? ? G DG  41 H 5CM 44 1_555 ? ? ? ? ? ? WATSON-CRICK ?     ? ? 
hydrog61 hydrog ?    ? G DG  5 O6    ? ? ? 1_555 H 5CM 2 N4 ? ? G DG  41 H 5CM 44 1_555 ? ? ? ? ? ? WATSON-CRICK ?     ? ? 
hydrog62 hydrog ?    ? G DC  6 N3    ? ? ? 1_555 H DG  1 N1 ? ? G DC  42 H DG  43 1_555 ? ? ? ? ? ? WATSON-CRICK ?     ? ? 
hydrog63 hydrog ?    ? G DC  6 N4    ? ? ? 1_555 H DG  1 O6 ? ? G DC  42 H DG  43 1_555 ? ? ? ? ? ? WATSON-CRICK ?     ? ? 
hydrog64 hydrog ?    ? G DC  6 O2    ? ? ? 1_555 H DG  1 N2 ? ? G DC  42 H DG  43 1_555 ? ? ? ? ? ? WATSON-CRICK ?     ? ? 
# 
loop_
_struct_conn_type.id 
_struct_conn_type.criteria 
_struct_conn_type.reference 
covale ? ? 
hydrog ? ? 
# 
loop_
_pdbx_validate_rmsd_angle.id 
_pdbx_validate_rmsd_angle.PDB_model_num 
_pdbx_validate_rmsd_angle.auth_atom_id_1 
_pdbx_validate_rmsd_angle.auth_asym_id_1 
_pdbx_validate_rmsd_angle.auth_comp_id_1 
_pdbx_validate_rmsd_angle.auth_seq_id_1 
_pdbx_validate_rmsd_angle.PDB_ins_code_1 
_pdbx_validate_rmsd_angle.label_alt_id_1 
_pdbx_validate_rmsd_angle.auth_atom_id_2 
_pdbx_validate_rmsd_angle.auth_asym_id_2 
_pdbx_validate_rmsd_angle.auth_comp_id_2 
_pdbx_validate_rmsd_angle.auth_seq_id_2 
_pdbx_validate_rmsd_angle.PDB_ins_code_2 
_pdbx_validate_rmsd_angle.label_alt_id_2 
_pdbx_validate_rmsd_angle.auth_atom_id_3 
_pdbx_validate_rmsd_angle.auth_asym_id_3 
_pdbx_validate_rmsd_angle.auth_comp_id_3 
_pdbx_validate_rmsd_angle.auth_seq_id_3 
_pdbx_validate_rmsd_angle.PDB_ins_code_3 
_pdbx_validate_rmsd_angle.label_alt_id_3 
_pdbx_validate_rmsd_angle.angle_value 
_pdbx_validate_rmsd_angle.angle_target_value 
_pdbx_validate_rmsd_angle.angle_deviation 
_pdbx_validate_rmsd_angle.angle_standard_deviation 
_pdbx_validate_rmsd_angle.linker_flag 
1 1 "O4'" B DA 10 ? ? "C1'" B DA 10 ? ? N9    B DA 10 ? ? 110.29 108.30 1.99  0.30 N 
2 1 "O5'" B DG 11 ? ? P     B DG 11 ? ? OP2   B DG 11 ? ? 98.66  105.70 -7.04 0.90 N 
3 1 "O3'" B DG 11 ? ? P     B DC 12 ? ? OP2   B DC 12 ? ? 117.46 110.50 6.96  1.10 Y 
4 1 "O4'" E DA 28 ? ? "C4'" E DA 28 ? ? "C3'" E DA 28 ? ? 101.59 104.50 -2.91 0.40 N 
5 1 "C3'" F DA 34 ? ? "C2'" F DA 34 ? ? "C1'" F DA 34 ? ? 97.49  102.40 -4.91 0.80 N 
# 
loop_
_pdbx_validate_planes.id 
_pdbx_validate_planes.PDB_model_num 
_pdbx_validate_planes.auth_comp_id 
_pdbx_validate_planes.auth_asym_id 
_pdbx_validate_planes.auth_seq_id 
_pdbx_validate_planes.PDB_ins_code 
_pdbx_validate_planes.label_alt_id 
_pdbx_validate_planes.rmsd 
_pdbx_validate_planes.type 
1 1 DA B 10 ? ? 0.056 'SIDE CHAIN' 
2 1 DT E 27 ? ? 0.070 'SIDE CHAIN' 
3 1 DA F 34 ? ? 0.052 'SIDE CHAIN' 
4 1 DT H 45 ? ? 0.063 'SIDE CHAIN' 
5 1 DA H 46 ? ? 0.054 'SIDE CHAIN' 
# 
loop_
_pdbx_struct_mod_residue.id 
_pdbx_struct_mod_residue.label_asym_id 
_pdbx_struct_mod_residue.label_comp_id 
_pdbx_struct_mod_residue.label_seq_id 
_pdbx_struct_mod_residue.auth_asym_id 
_pdbx_struct_mod_residue.auth_comp_id 
_pdbx_struct_mod_residue.auth_seq_id 
_pdbx_struct_mod_residue.PDB_ins_code 
_pdbx_struct_mod_residue.parent_comp_id 
_pdbx_struct_mod_residue.details 
1 A 5CM 2 A 5CM 2  ? DC ? 
2 B 5CM 2 B 5CM 8  ? DC ? 
3 C 5CM 2 C 5CM 14 ? DC ? 
4 D 5CM 2 D 5CM 20 ? DC ? 
5 E 5CM 2 E 5CM 26 ? DC ? 
6 F 5CM 2 F 5CM 32 ? DC ? 
7 G 5CM 2 G 5CM 38 ? DC ? 
8 H 5CM 2 H 5CM 44 ? DC ? 
# 
loop_
_chem_comp_atom.comp_id 
_chem_comp_atom.atom_id 
_chem_comp_atom.type_symbol 
_chem_comp_atom.pdbx_aromatic_flag 
_chem_comp_atom.pdbx_stereo_config 
_chem_comp_atom.pdbx_ordinal 
5CM N1     N N N 1   
5CM C2     C N N 2   
5CM N3     N N N 3   
5CM C4     C N N 4   
5CM C5     C N N 5   
5CM C5A    C N N 6   
5CM C6     C N N 7   
5CM O2     O N N 8   
5CM N4     N N N 9   
5CM "C1'"  C N R 10  
5CM "C2'"  C N N 11  
5CM "C3'"  C N S 12  
5CM "C4'"  C N R 13  
5CM "O4'"  O N N 14  
5CM "O3'"  O N N 15  
5CM "C5'"  C N N 16  
5CM "O5'"  O N N 17  
5CM P      P N N 18  
5CM OP1    O N N 19  
5CM OP2    O N N 20  
5CM OP3    O N N 21  
5CM H5A1   H N N 22  
5CM H5A2   H N N 23  
5CM H5A3   H N N 24  
5CM H6     H N N 25  
5CM HN41   H N N 26  
5CM HN42   H N N 27  
5CM "H1'"  H N N 28  
5CM "H2'"  H N N 29  
5CM "H2''" H N N 30  
5CM "H3'"  H N N 31  
5CM "H4'"  H N N 32  
5CM "HO3'" H N N 33  
5CM "H5'"  H N N 34  
5CM "H5''" H N N 35  
5CM HOP2   H N N 36  
5CM HOP3   H N N 37  
DA  OP3    O N N 38  
DA  P      P N N 39  
DA  OP1    O N N 40  
DA  OP2    O N N 41  
DA  "O5'"  O N N 42  
DA  "C5'"  C N N 43  
DA  "C4'"  C N R 44  
DA  "O4'"  O N N 45  
DA  "C3'"  C N S 46  
DA  "O3'"  O N N 47  
DA  "C2'"  C N N 48  
DA  "C1'"  C N R 49  
DA  N9     N Y N 50  
DA  C8     C Y N 51  
DA  N7     N Y N 52  
DA  C5     C Y N 53  
DA  C6     C Y N 54  
DA  N6     N N N 55  
DA  N1     N Y N 56  
DA  C2     C Y N 57  
DA  N3     N Y N 58  
DA  C4     C Y N 59  
DA  HOP3   H N N 60  
DA  HOP2   H N N 61  
DA  "H5'"  H N N 62  
DA  "H5''" H N N 63  
DA  "H4'"  H N N 64  
DA  "H3'"  H N N 65  
DA  "HO3'" H N N 66  
DA  "H2'"  H N N 67  
DA  "H2''" H N N 68  
DA  "H1'"  H N N 69  
DA  H8     H N N 70  
DA  H61    H N N 71  
DA  H62    H N N 72  
DA  H2     H N N 73  
DC  OP3    O N N 74  
DC  P      P N N 75  
DC  OP1    O N N 76  
DC  OP2    O N N 77  
DC  "O5'"  O N N 78  
DC  "C5'"  C N N 79  
DC  "C4'"  C N R 80  
DC  "O4'"  O N N 81  
DC  "C3'"  C N S 82  
DC  "O3'"  O N N 83  
DC  "C2'"  C N N 84  
DC  "C1'"  C N R 85  
DC  N1     N N N 86  
DC  C2     C N N 87  
DC  O2     O N N 88  
DC  N3     N N N 89  
DC  C4     C N N 90  
DC  N4     N N N 91  
DC  C5     C N N 92  
DC  C6     C N N 93  
DC  HOP3   H N N 94  
DC  HOP2   H N N 95  
DC  "H5'"  H N N 96  
DC  "H5''" H N N 97  
DC  "H4'"  H N N 98  
DC  "H3'"  H N N 99  
DC  "HO3'" H N N 100 
DC  "H2'"  H N N 101 
DC  "H2''" H N N 102 
DC  "H1'"  H N N 103 
DC  H41    H N N 104 
DC  H42    H N N 105 
DC  H5     H N N 106 
DC  H6     H N N 107 
DG  OP3    O N N 108 
DG  P      P N N 109 
DG  OP1    O N N 110 
DG  OP2    O N N 111 
DG  "O5'"  O N N 112 
DG  "C5'"  C N N 113 
DG  "C4'"  C N R 114 
DG  "O4'"  O N N 115 
DG  "C3'"  C N S 116 
DG  "O3'"  O N N 117 
DG  "C2'"  C N N 118 
DG  "C1'"  C N R 119 
DG  N9     N Y N 120 
DG  C8     C Y N 121 
DG  N7     N Y N 122 
DG  C5     C Y N 123 
DG  C6     C N N 124 
DG  O6     O N N 125 
DG  N1     N N N 126 
DG  C2     C N N 127 
DG  N2     N N N 128 
DG  N3     N N N 129 
DG  C4     C Y N 130 
DG  HOP3   H N N 131 
DG  HOP2   H N N 132 
DG  "H5'"  H N N 133 
DG  "H5''" H N N 134 
DG  "H4'"  H N N 135 
DG  "H3'"  H N N 136 
DG  "HO3'" H N N 137 
DG  "H2'"  H N N 138 
DG  "H2''" H N N 139 
DG  "H1'"  H N N 140 
DG  H8     H N N 141 
DG  H1     H N N 142 
DG  H21    H N N 143 
DG  H22    H N N 144 
DT  OP3    O N N 145 
DT  P      P N N 146 
DT  OP1    O N N 147 
DT  OP2    O N N 148 
DT  "O5'"  O N N 149 
DT  "C5'"  C N N 150 
DT  "C4'"  C N R 151 
DT  "O4'"  O N N 152 
DT  "C3'"  C N S 153 
DT  "O3'"  O N N 154 
DT  "C2'"  C N N 155 
DT  "C1'"  C N R 156 
DT  N1     N N N 157 
DT  C2     C N N 158 
DT  O2     O N N 159 
DT  N3     N N N 160 
DT  C4     C N N 161 
DT  O4     O N N 162 
DT  C5     C N N 163 
DT  C7     C N N 164 
DT  C6     C N N 165 
DT  HOP3   H N N 166 
DT  HOP2   H N N 167 
DT  "H5'"  H N N 168 
DT  "H5''" H N N 169 
DT  "H4'"  H N N 170 
DT  "H3'"  H N N 171 
DT  "HO3'" H N N 172 
DT  "H2'"  H N N 173 
DT  "H2''" H N N 174 
DT  "H1'"  H N N 175 
DT  H3     H N N 176 
DT  H71    H N N 177 
DT  H72    H N N 178 
DT  H73    H N N 179 
DT  H6     H N N 180 
HOH O      O N N 181 
HOH H1     H N N 182 
HOH H2     H N N 183 
# 
loop_
_chem_comp_bond.comp_id 
_chem_comp_bond.atom_id_1 
_chem_comp_bond.atom_id_2 
_chem_comp_bond.value_order 
_chem_comp_bond.pdbx_aromatic_flag 
_chem_comp_bond.pdbx_stereo_config 
_chem_comp_bond.pdbx_ordinal 
5CM N1    C2     sing N N 1   
5CM N1    C6     sing N N 2   
5CM N1    "C1'"  sing N N 3   
5CM C2    N3     sing N N 4   
5CM C2    O2     doub N N 5   
5CM N3    C4     doub N N 6   
5CM C4    C5     sing N N 7   
5CM C4    N4     sing N N 8   
5CM C5    C5A    sing N N 9   
5CM C5    C6     doub N N 10  
5CM C5A   H5A1   sing N N 11  
5CM C5A   H5A2   sing N N 12  
5CM C5A   H5A3   sing N N 13  
5CM C6    H6     sing N N 14  
5CM N4    HN41   sing N N 15  
5CM N4    HN42   sing N N 16  
5CM "C1'" "C2'"  sing N N 17  
5CM "C1'" "O4'"  sing N N 18  
5CM "C1'" "H1'"  sing N N 19  
5CM "C2'" "C3'"  sing N N 20  
5CM "C2'" "H2'"  sing N N 21  
5CM "C2'" "H2''" sing N N 22  
5CM "C3'" "C4'"  sing N N 23  
5CM "C3'" "O3'"  sing N N 24  
5CM "C3'" "H3'"  sing N N 25  
5CM "C4'" "O4'"  sing N N 26  
5CM "C4'" "C5'"  sing N N 27  
5CM "C4'" "H4'"  sing N N 28  
5CM "O3'" "HO3'" sing N N 29  
5CM "C5'" "O5'"  sing N N 30  
5CM "C5'" "H5'"  sing N N 31  
5CM "C5'" "H5''" sing N N 32  
5CM "O5'" P      sing N N 33  
5CM P     OP1    doub N N 34  
5CM P     OP2    sing N N 35  
5CM P     OP3    sing N N 36  
5CM OP2   HOP2   sing N N 37  
5CM OP3   HOP3   sing N N 38  
DA  OP3   P      sing N N 39  
DA  OP3   HOP3   sing N N 40  
DA  P     OP1    doub N N 41  
DA  P     OP2    sing N N 42  
DA  P     "O5'"  sing N N 43  
DA  OP2   HOP2   sing N N 44  
DA  "O5'" "C5'"  sing N N 45  
DA  "C5'" "C4'"  sing N N 46  
DA  "C5'" "H5'"  sing N N 47  
DA  "C5'" "H5''" sing N N 48  
DA  "C4'" "O4'"  sing N N 49  
DA  "C4'" "C3'"  sing N N 50  
DA  "C4'" "H4'"  sing N N 51  
DA  "O4'" "C1'"  sing N N 52  
DA  "C3'" "O3'"  sing N N 53  
DA  "C3'" "C2'"  sing N N 54  
DA  "C3'" "H3'"  sing N N 55  
DA  "O3'" "HO3'" sing N N 56  
DA  "C2'" "C1'"  sing N N 57  
DA  "C2'" "H2'"  sing N N 58  
DA  "C2'" "H2''" sing N N 59  
DA  "C1'" N9     sing N N 60  
DA  "C1'" "H1'"  sing N N 61  
DA  N9    C8     sing Y N 62  
DA  N9    C4     sing Y N 63  
DA  C8    N7     doub Y N 64  
DA  C8    H8     sing N N 65  
DA  N7    C5     sing Y N 66  
DA  C5    C6     sing Y N 67  
DA  C5    C4     doub Y N 68  
DA  C6    N6     sing N N 69  
DA  C6    N1     doub Y N 70  
DA  N6    H61    sing N N 71  
DA  N6    H62    sing N N 72  
DA  N1    C2     sing Y N 73  
DA  C2    N3     doub Y N 74  
DA  C2    H2     sing N N 75  
DA  N3    C4     sing Y N 76  
DC  OP3   P      sing N N 77  
DC  OP3   HOP3   sing N N 78  
DC  P     OP1    doub N N 79  
DC  P     OP2    sing N N 80  
DC  P     "O5'"  sing N N 81  
DC  OP2   HOP2   sing N N 82  
DC  "O5'" "C5'"  sing N N 83  
DC  "C5'" "C4'"  sing N N 84  
DC  "C5'" "H5'"  sing N N 85  
DC  "C5'" "H5''" sing N N 86  
DC  "C4'" "O4'"  sing N N 87  
DC  "C4'" "C3'"  sing N N 88  
DC  "C4'" "H4'"  sing N N 89  
DC  "O4'" "C1'"  sing N N 90  
DC  "C3'" "O3'"  sing N N 91  
DC  "C3'" "C2'"  sing N N 92  
DC  "C3'" "H3'"  sing N N 93  
DC  "O3'" "HO3'" sing N N 94  
DC  "C2'" "C1'"  sing N N 95  
DC  "C2'" "H2'"  sing N N 96  
DC  "C2'" "H2''" sing N N 97  
DC  "C1'" N1     sing N N 98  
DC  "C1'" "H1'"  sing N N 99  
DC  N1    C2     sing N N 100 
DC  N1    C6     sing N N 101 
DC  C2    O2     doub N N 102 
DC  C2    N3     sing N N 103 
DC  N3    C4     doub N N 104 
DC  C4    N4     sing N N 105 
DC  C4    C5     sing N N 106 
DC  N4    H41    sing N N 107 
DC  N4    H42    sing N N 108 
DC  C5    C6     doub N N 109 
DC  C5    H5     sing N N 110 
DC  C6    H6     sing N N 111 
DG  OP3   P      sing N N 112 
DG  OP3   HOP3   sing N N 113 
DG  P     OP1    doub N N 114 
DG  P     OP2    sing N N 115 
DG  P     "O5'"  sing N N 116 
DG  OP2   HOP2   sing N N 117 
DG  "O5'" "C5'"  sing N N 118 
DG  "C5'" "C4'"  sing N N 119 
DG  "C5'" "H5'"  sing N N 120 
DG  "C5'" "H5''" sing N N 121 
DG  "C4'" "O4'"  sing N N 122 
DG  "C4'" "C3'"  sing N N 123 
DG  "C4'" "H4'"  sing N N 124 
DG  "O4'" "C1'"  sing N N 125 
DG  "C3'" "O3'"  sing N N 126 
DG  "C3'" "C2'"  sing N N 127 
DG  "C3'" "H3'"  sing N N 128 
DG  "O3'" "HO3'" sing N N 129 
DG  "C2'" "C1'"  sing N N 130 
DG  "C2'" "H2'"  sing N N 131 
DG  "C2'" "H2''" sing N N 132 
DG  "C1'" N9     sing N N 133 
DG  "C1'" "H1'"  sing N N 134 
DG  N9    C8     sing Y N 135 
DG  N9    C4     sing Y N 136 
DG  C8    N7     doub Y N 137 
DG  C8    H8     sing N N 138 
DG  N7    C5     sing Y N 139 
DG  C5    C6     sing N N 140 
DG  C5    C4     doub Y N 141 
DG  C6    O6     doub N N 142 
DG  C6    N1     sing N N 143 
DG  N1    C2     sing N N 144 
DG  N1    H1     sing N N 145 
DG  C2    N2     sing N N 146 
DG  C2    N3     doub N N 147 
DG  N2    H21    sing N N 148 
DG  N2    H22    sing N N 149 
DG  N3    C4     sing N N 150 
DT  OP3   P      sing N N 151 
DT  OP3   HOP3   sing N N 152 
DT  P     OP1    doub N N 153 
DT  P     OP2    sing N N 154 
DT  P     "O5'"  sing N N 155 
DT  OP2   HOP2   sing N N 156 
DT  "O5'" "C5'"  sing N N 157 
DT  "C5'" "C4'"  sing N N 158 
DT  "C5'" "H5'"  sing N N 159 
DT  "C5'" "H5''" sing N N 160 
DT  "C4'" "O4'"  sing N N 161 
DT  "C4'" "C3'"  sing N N 162 
DT  "C4'" "H4'"  sing N N 163 
DT  "O4'" "C1'"  sing N N 164 
DT  "C3'" "O3'"  sing N N 165 
DT  "C3'" "C2'"  sing N N 166 
DT  "C3'" "H3'"  sing N N 167 
DT  "O3'" "HO3'" sing N N 168 
DT  "C2'" "C1'"  sing N N 169 
DT  "C2'" "H2'"  sing N N 170 
DT  "C2'" "H2''" sing N N 171 
DT  "C1'" N1     sing N N 172 
DT  "C1'" "H1'"  sing N N 173 
DT  N1    C2     sing N N 174 
DT  N1    C6     sing N N 175 
DT  C2    O2     doub N N 176 
DT  C2    N3     sing N N 177 
DT  N3    C4     sing N N 178 
DT  N3    H3     sing N N 179 
DT  C4    O4     doub N N 180 
DT  C4    C5     sing N N 181 
DT  C5    C7     sing N N 182 
DT  C5    C6     doub N N 183 
DT  C7    H71    sing N N 184 
DT  C7    H72    sing N N 185 
DT  C7    H73    sing N N 186 
DT  C6    H6     sing N N 187 
HOH O     H1     sing N N 188 
HOH O     H2     sing N N 189 
# 
loop_
_ndb_struct_conf_na.entry_id 
_ndb_struct_conf_na.feature 
343D 'double helix'        
343D 'a-form double helix' 
# 
loop_
_ndb_struct_na_base_pair.model_number 
_ndb_struct_na_base_pair.i_label_asym_id 
_ndb_struct_na_base_pair.i_label_comp_id 
_ndb_struct_na_base_pair.i_label_seq_id 
_ndb_struct_na_base_pair.i_symmetry 
_ndb_struct_na_base_pair.j_label_asym_id 
_ndb_struct_na_base_pair.j_label_comp_id 
_ndb_struct_na_base_pair.j_label_seq_id 
_ndb_struct_na_base_pair.j_symmetry 
_ndb_struct_na_base_pair.shear 
_ndb_struct_na_base_pair.stretch 
_ndb_struct_na_base_pair.stagger 
_ndb_struct_na_base_pair.buckle 
_ndb_struct_na_base_pair.propeller 
_ndb_struct_na_base_pair.opening 
_ndb_struct_na_base_pair.pair_number 
_ndb_struct_na_base_pair.pair_name 
_ndb_struct_na_base_pair.i_auth_asym_id 
_ndb_struct_na_base_pair.i_auth_seq_id 
_ndb_struct_na_base_pair.i_PDB_ins_code 
_ndb_struct_na_base_pair.j_auth_asym_id 
_ndb_struct_na_base_pair.j_auth_seq_id 
_ndb_struct_na_base_pair.j_PDB_ins_code 
_ndb_struct_na_base_pair.hbond_type_28 
_ndb_struct_na_base_pair.hbond_type_12 
1 A DG  1 1_555 B DC  6 1_555 -0.435 -0.250 0.223  -1.190  -2.311  2.526  1  A_DG1:DC12_B   A 1  ? B 12 ? 19 1 
1 A 5CM 2 1_555 B DG  5 1_555 0.059  -0.018 0.219  -0.196  -13.790 2.990  2  A_5CM2:DG11_B  A 2  ? B 11 ? 19 1 
1 A DT  3 1_555 B DA  4 1_555 0.035  -0.224 0.044  -8.271  -10.462 1.798  3  A_DT3:DA10_B   A 3  ? B 10 ? 20 1 
1 A DA  4 1_555 B DT  3 1_555 0.063  -0.104 -0.372 -10.157 -15.921 6.576  4  A_DA4:DT9_B    A 4  ? B 9  ? 20 1 
1 A DG  5 1_555 B 5CM 2 1_555 0.200  -0.021 -0.824 -8.107  -5.586  3.852  5  A_DG5:5CM8_B   A 5  ? B 8  ? 19 1 
1 A DC  6 1_555 B DG  1 1_555 0.202  0.031  -0.774 16.510  -3.532  -0.155 6  A_DC6:DG7_B    A 6  ? B 7  ? 19 1 
1 C DG  1 1_555 D DC  6 1_555 -0.545 -0.375 0.312  1.777   -9.230  2.400  7  C_DG13:DC24_D  C 13 ? D 24 ? 19 1 
1 C 5CM 2 1_555 D DG  5 1_555 0.558  -0.314 0.297  -4.013  -13.555 0.580  8  C_5CM14:DG23_D C 14 ? D 23 ? 19 1 
1 C DT  3 1_555 D DA  4 1_555 0.024  -0.192 0.169  -3.193  -11.515 9.692  9  C_DT15:DA22_D  C 15 ? D 22 ? 20 1 
1 C DA  4 1_555 D DT  3 1_555 -0.216 0.116  0.070  -4.235  -15.661 5.384  10 C_DA16:DT21_D  C 16 ? D 21 ? 20 1 
1 C DG  5 1_555 D 5CM 2 1_555 -0.167 -0.183 -0.314 0.928   -1.933  -0.278 11 C_DG17:5CM20_D C 17 ? D 20 ? 19 1 
1 C DC  6 1_555 D DG  1 1_555 0.407  -0.081 -0.792 15.164  -2.964  -2.560 12 C_DC18:DG19_D  C 18 ? D 19 ? 19 1 
1 E DG  1 1_555 F DC  6 1_555 -0.159 -0.233 0.351  1.147   -6.290  2.507  13 E_DG25:DC36_F  E 25 ? F 36 ? 19 1 
1 E 5CM 2 1_555 F DG  5 1_555 0.600  -0.125 0.381  -0.269  -16.324 3.647  14 E_5CM26:DG35_F E 26 ? F 35 ? 19 1 
1 E DT  3 1_555 F DA  4 1_555 0.318  -0.178 0.074  -6.056  -9.862  3.997  15 E_DT27:DA34_F  E 27 ? F 34 ? 20 1 
1 E DA  4 1_555 F DT  3 1_555 -0.227 -0.065 -0.159 -9.003  -16.457 4.408  16 E_DA28:DT33_F  E 28 ? F 33 ? 20 1 
1 E DG  5 1_555 F 5CM 2 1_555 -0.281 -0.006 -0.322 -2.958  -6.100  0.306  17 E_DG29:5CM32_F E 29 ? F 32 ? 19 1 
1 E DC  6 1_555 F DG  1 1_555 0.247  -0.060 -0.698 15.820  -5.143  -4.297 18 E_DC30:DG31_F  E 30 ? F 31 ? 19 1 
1 G DG  1 1_555 H DC  6 1_555 -0.544 -0.098 0.298  -0.350  -6.815  6.989  19 G_DG37:DC48_H  G 37 ? H 48 ? 19 1 
1 G 5CM 2 1_555 H DG  5 1_555 0.235  -0.146 0.122  -2.891  -12.920 2.276  20 G_5CM38:DG47_H G 38 ? H 47 ? 19 1 
1 G DT  3 1_555 H DA  4 1_555 0.160  -0.250 -0.258 -9.438  -7.301  4.053  21 G_DT39:DA46_H  G 39 ? H 46 ? 20 1 
1 G DA  4 1_555 H DT  3 1_555 0.034  0.059  -0.577 -11.974 -13.312 6.645  22 G_DA40:DT45_H  G 40 ? H 45 ? 20 1 
1 G DG  5 1_555 H 5CM 2 1_555 0.098  -0.010 -0.792 -3.786  -4.747  -0.847 23 G_DG41:5CM44_H G 41 ? H 44 ? 19 1 
1 G DC  6 1_555 H DG  1 1_555 0.205  -0.061 -1.048 12.485  -1.831  -1.233 24 G_DC42:DG43_H  G 42 ? H 43 ? 19 1 
# 
loop_
_ndb_struct_na_base_pair_step.model_number 
_ndb_struct_na_base_pair_step.i_label_asym_id_1 
_ndb_struct_na_base_pair_step.i_label_comp_id_1 
_ndb_struct_na_base_pair_step.i_label_seq_id_1 
_ndb_struct_na_base_pair_step.i_symmetry_1 
_ndb_struct_na_base_pair_step.j_label_asym_id_1 
_ndb_struct_na_base_pair_step.j_label_comp_id_1 
_ndb_struct_na_base_pair_step.j_label_seq_id_1 
_ndb_struct_na_base_pair_step.j_symmetry_1 
_ndb_struct_na_base_pair_step.i_label_asym_id_2 
_ndb_struct_na_base_pair_step.i_label_comp_id_2 
_ndb_struct_na_base_pair_step.i_label_seq_id_2 
_ndb_struct_na_base_pair_step.i_symmetry_2 
_ndb_struct_na_base_pair_step.j_label_asym_id_2 
_ndb_struct_na_base_pair_step.j_label_comp_id_2 
_ndb_struct_na_base_pair_step.j_label_seq_id_2 
_ndb_struct_na_base_pair_step.j_symmetry_2 
_ndb_struct_na_base_pair_step.shift 
_ndb_struct_na_base_pair_step.slide 
_ndb_struct_na_base_pair_step.rise 
_ndb_struct_na_base_pair_step.tilt 
_ndb_struct_na_base_pair_step.roll 
_ndb_struct_na_base_pair_step.twist 
_ndb_struct_na_base_pair_step.x_displacement 
_ndb_struct_na_base_pair_step.y_displacement 
_ndb_struct_na_base_pair_step.helical_rise 
_ndb_struct_na_base_pair_step.inclination 
_ndb_struct_na_base_pair_step.tip 
_ndb_struct_na_base_pair_step.helical_twist 
_ndb_struct_na_base_pair_step.step_number 
_ndb_struct_na_base_pair_step.step_name 
_ndb_struct_na_base_pair_step.i_auth_asym_id_1 
_ndb_struct_na_base_pair_step.i_auth_seq_id_1 
_ndb_struct_na_base_pair_step.i_PDB_ins_code_1 
_ndb_struct_na_base_pair_step.j_auth_asym_id_1 
_ndb_struct_na_base_pair_step.j_auth_seq_id_1 
_ndb_struct_na_base_pair_step.j_PDB_ins_code_1 
_ndb_struct_na_base_pair_step.i_auth_asym_id_2 
_ndb_struct_na_base_pair_step.i_auth_seq_id_2 
_ndb_struct_na_base_pair_step.i_PDB_ins_code_2 
_ndb_struct_na_base_pair_step.j_auth_asym_id_2 
_ndb_struct_na_base_pair_step.j_auth_seq_id_2 
_ndb_struct_na_base_pair_step.j_PDB_ins_code_2 
1 A DG  1 1_555 B DC  6 1_555 A 5CM 2 1_555 B DG  5 1_555 -0.504 -1.896 3.312 -1.140 2.313  33.071 -3.709 0.692  3.191 4.056  
1.999  33.168 1  AA_DG15CM2:DG11DC12_BB   A 1  ? B 12 ? A 2  ? B 11 ? 
1 A 5CM 2 1_555 B DG  5 1_555 A DT  3 1_555 B DA  4 1_555 0.603  -0.847 3.418 4.995  6.537  38.366 -2.072 -0.280 3.285 9.810  
-7.496 39.206 2  AA_5CM2DT3:DA10DG11_BB   A 2  ? B 11 ? A 3  ? B 10 ? 
1 A DT  3 1_555 B DA  4 1_555 A DA  4 1_555 B DT  3 1_555 0.241  -1.211 3.433 2.822  18.936 25.648 -5.444 0.045  2.086 36.821 
-5.488 31.909 3  AA_DT3DA4:DT9DA10_BB     A 3  ? B 10 ? A 4  ? B 9  ? 
1 A DA  4 1_555 B DT  3 1_555 A DG  5 1_555 B 5CM 2 1_555 0.378  -1.533 3.492 3.420  8.059  26.505 -5.118 0.038  2.932 16.997 
-7.214 27.888 4  AA_DA4DG5:5CM8DT9_BB     A 4  ? B 9  ? A 5  ? B 8  ? 
1 A DG  5 1_555 B 5CM 2 1_555 A DC  6 1_555 B DG  1 1_555 -0.376 -1.149 2.943 0.555  1.166  26.295 -2.800 0.958  2.881 2.561  
-1.220 26.326 5  AA_DG5DC6:DG75CM8_BB     A 5  ? B 8  ? A 6  ? B 7  ? 
1 C DG  1 1_555 D DC  6 1_555 C 5CM 2 1_555 D DG  5 1_555 -0.814 -1.875 3.413 -0.562 3.402  37.873 -3.320 1.177  3.250 5.228  
0.864  38.024 6  CC_DG135CM14:DG23DC24_DD C 13 ? D 24 ? C 14 ? D 23 ? 
1 C 5CM 2 1_555 D DG  5 1_555 C DT  3 1_555 D DA  4 1_555 0.631  -1.019 3.186 3.329  2.675  31.237 -2.360 -0.560 3.139 4.939  
-6.146 31.520 7  CC_5CM14DT15:DA22DG23_DD C 14 ? D 23 ? C 15 ? D 22 ? 
1 C DT  3 1_555 D DA  4 1_555 C DA  4 1_555 D DT  3 1_555 0.202  -1.352 3.221 -0.139 22.485 27.717 -5.008 -0.348 1.688 39.689 
0.245  35.551 8  CC_DT15DA16:DT21DA22_DD  C 15 ? D 22 ? C 16 ? D 21 ? 
1 C DA  4 1_555 D DT  3 1_555 C DG  5 1_555 D 5CM 2 1_555 0.346  -1.831 3.369 3.871  5.929  25.665 -5.497 0.239  2.900 13.034 
-8.509 26.608 9  CC_DA16DG17:5CM20DT21_DD C 16 ? D 21 ? C 17 ? D 20 ? 
1 C DG  5 1_555 D 5CM 2 1_555 C DC  6 1_555 D DG  1 1_555 -0.320 -1.263 3.276 2.410  -1.035 29.195 -2.271 1.155  3.281 -2.048 
-4.769 29.310 10 CC_DG17DC18:DG195CM20_DD C 17 ? D 20 ? C 18 ? D 19 ? 
1 E DG  1 1_555 F DC  6 1_555 E 5CM 2 1_555 F DG  5 1_555 -0.695 -1.914 3.346 -1.869 1.411  35.213 -3.369 0.865  3.301 2.329  
3.085  35.288 11 EE_DG255CM26:DG35DC36_FF E 25 ? F 36 ? E 26 ? F 35 ? 
1 E 5CM 2 1_555 F DG  5 1_555 E DT  3 1_555 F DA  4 1_555 0.662  -0.920 3.380 5.393  2.776  34.734 -1.948 -0.263 3.360 4.606  
-8.949 35.243 12 EE_5CM26DT27:DA34DG35_FF E 26 ? F 35 ? E 27 ? F 34 ? 
1 E DT  3 1_555 F DA  4 1_555 E DA  4 1_555 F DT  3 1_555 0.207  -1.265 3.340 2.372  20.049 24.614 -5.619 0.012  1.832 39.593 
-4.684 31.736 13 EE_DT27DA28:DT33DA34_FF  E 27 ? F 34 ? E 28 ? F 33 ? 
1 E DA  4 1_555 F DT  3 1_555 E DG  5 1_555 F 5CM 2 1_555 0.481  -1.941 3.281 1.737  8.582  24.841 -6.361 -0.633 2.508 19.204 
-3.887 26.316 14 EE_DA28DG29:5CM32DT33_FF E 28 ? F 33 ? E 29 ? F 32 ? 
1 E DG  5 1_555 F 5CM 2 1_555 E DC  6 1_555 F DG  1 1_555 -0.294 -1.243 3.103 2.792  -1.450 30.619 -2.072 1.074  3.119 -2.737 
-5.269 30.777 15 EE_DG29DC30:DG315CM32_FF E 29 ? F 32 ? E 30 ? F 31 ? 
1 G DG  1 1_555 H DC  6 1_555 G 5CM 2 1_555 H DG  5 1_555 -0.735 -1.678 3.461 0.294  -0.321 35.515 -2.700 1.251  3.470 -0.526 
-0.482 35.518 16 GG_DG375CM38:DG47DC48_HH G 37 ? H 48 ? G 38 ? H 47 ? 
1 G 5CM 2 1_555 H DG  5 1_555 G DT  3 1_555 H DA  4 1_555 0.649  -0.866 3.389 5.185  7.302  36.070 -2.360 -0.310 3.219 11.575 
-8.218 37.129 17 GG_5CM38DT39:DA46DG47_HH G 38 ? H 47 ? G 39 ? H 46 ? 
1 G DT  3 1_555 H DA  4 1_555 G DA  4 1_555 H DT  3 1_555 0.133  -1.023 3.483 2.458  21.929 23.982 -5.514 0.175  1.917 42.914 
-4.810 32.479 18 GG_DT39DA40:DT45DA46_HH  G 39 ? H 46 ? G 40 ? H 45 ? 
1 G DA  4 1_555 H DT  3 1_555 G DG  5 1_555 H 5CM 2 1_555 0.335  -1.684 3.427 0.860  7.209  26.014 -5.411 -0.503 2.873 15.630 
-1.864 26.991 19 GG_DA40DG41:5CM44DT45_HH G 40 ? H 45 ? G 41 ? H 44 ? 
1 G DG  5 1_555 H 5CM 2 1_555 G DC  6 1_555 H DG  1 1_555 -0.173 -1.201 3.158 2.930  -2.613 27.461 -1.887 1.054  3.221 -5.469 
-6.132 27.735 20 GG_DG41DC42:DG435CM44_HH G 41 ? H 44 ? G 42 ? H 43 ? 
# 
_atom_sites.entry_id                    343D 
_atom_sites.fract_transf_matrix[1][1]   0.03330359 
_atom_sites.fract_transf_matrix[1][2]   -0.00972485 
_atom_sites.fract_transf_matrix[1][3]   0.02641977 
_atom_sites.fract_transf_matrix[2][1]   -0.00483726 
_atom_sites.fract_transf_matrix[2][2]   -0.02564568 
_atom_sites.fract_transf_matrix[2][3]   -0.01611073 
_atom_sites.fract_transf_matrix[3][1]   0.01397149 
_atom_sites.fract_transf_matrix[3][2]   0.01045220 
_atom_sites.fract_transf_matrix[3][3]   -0.01812385 
_atom_sites.fract_transf_vector[1]      -0.000450 
_atom_sites.fract_transf_vector[2]      -0.002391 
_atom_sites.fract_transf_vector[3]      0.020271 
# 
loop_
_atom_type.symbol 
C 
N 
O 
P 
# 
loop_
_atom_site.group_PDB 
_atom_site.id 
_atom_site.type_symbol 
_atom_site.label_atom_id 
_atom_site.label_alt_id 
_atom_site.label_comp_id 
_atom_site.label_asym_id 
_atom_site.label_entity_id 
_atom_site.label_seq_id 
_atom_site.pdbx_PDB_ins_code 
_atom_site.Cartn_x 
_atom_site.Cartn_y 
_atom_site.Cartn_z 
_atom_site.occupancy 
_atom_site.B_iso_or_equiv 
_atom_site.pdbx_formal_charge 
_atom_site.auth_seq_id 
_atom_site.auth_comp_id 
_atom_site.auth_asym_id 
_atom_site.auth_atom_id 
_atom_site.pdbx_PDB_model_num 
ATOM   1    O "O5'" . DG  A 1 1 ? -3.114  -2.317  7.798   1.00 18.33 ? 1   DG  A "O5'" 1 
ATOM   2    C "C5'" . DG  A 1 1 ? -2.836  -2.049  9.195   1.00 17.14 ? 1   DG  A "C5'" 1 
ATOM   3    C "C4'" . DG  A 1 1 ? -3.814  -2.706  10.147  1.00 16.28 ? 1   DG  A "C4'" 1 
ATOM   4    O "O4'" . DG  A 1 1 ? -4.984  -1.875  10.326  1.00 15.22 ? 1   DG  A "O4'" 1 
ATOM   5    C "C3'" . DG  A 1 1 ? -4.368  -4.027  9.634   1.00 15.93 ? 1   DG  A "C3'" 1 
ATOM   6    O "O3'" . DG  A 1 1 ? -3.502  -5.111  9.969   1.00 15.49 ? 1   DG  A "O3'" 1 
ATOM   7    C "C2'" . DG  A 1 1 ? -5.685  -4.129  10.375  1.00 15.34 ? 1   DG  A "C2'" 1 
ATOM   8    C "C1'" . DG  A 1 1 ? -6.152  -2.680  10.380  1.00 14.69 ? 1   DG  A "C1'" 1 
ATOM   9    N N9    . DG  A 1 1 ? -6.989  -2.322  9.237   1.00 14.64 ? 1   DG  A N9    1 
ATOM   10   C C8    . DG  A 1 1 ? -6.635  -1.515  8.186   1.00 14.11 ? 1   DG  A C8    1 
ATOM   11   N N7    . DG  A 1 1 ? -7.593  -1.364  7.310   1.00 14.37 ? 1   DG  A N7    1 
ATOM   12   C C5    . DG  A 1 1 ? -8.650  -2.112  7.812   1.00 14.23 ? 1   DG  A C5    1 
ATOM   13   C C6    . DG  A 1 1 ? -9.964  -2.316  7.302   1.00 14.01 ? 1   DG  A C6    1 
ATOM   14   O O6    . DG  A 1 1 ? -10.490 -1.853  6.278   1.00 13.12 ? 1   DG  A O6    1 
ATOM   15   N N1    . DG  A 1 1 ? -10.705 -3.152  8.131   1.00 14.55 ? 1   DG  A N1    1 
ATOM   16   C C2    . DG  A 1 1 ? -10.252 -3.710  9.291   1.00 14.39 ? 1   DG  A C2    1 
ATOM   17   N N2    . DG  A 1 1 ? -11.113 -4.480  9.923   1.00 14.19 ? 1   DG  A N2    1 
ATOM   18   N N3    . DG  A 1 1 ? -9.043  -3.522  9.787   1.00 14.25 ? 1   DG  A N3    1 
ATOM   19   C C4    . DG  A 1 1 ? -8.296  -2.719  9.001   1.00 14.31 ? 1   DG  A C4    1 
HETATM 20   N N1    . 5CM A 1 2 ? -8.992  -6.874  8.684   1.00 14.58 ? 2   5CM A N1    1 
HETATM 21   C C2    . 5CM A 1 2 ? -10.182 -6.927  7.983   1.00 14.66 ? 2   5CM A C2    1 
HETATM 22   N N3    . 5CM A 1 2 ? -10.283 -6.274  6.787   1.00 14.33 ? 2   5CM A N3    1 
HETATM 23   C C4    . 5CM A 1 2 ? -9.224  -5.609  6.290   1.00 13.89 ? 2   5CM A C4    1 
HETATM 24   C C5    . 5CM A 1 2 ? -7.966  -5.593  6.972   1.00 13.54 ? 2   5CM A C5    1 
HETATM 25   C C5A   . 5CM A 1 2 ? -6.801  -4.891  6.342   1.00 13.56 ? 2   5CM A C5A   1 
HETATM 26   C C6    . 5CM A 1 2 ? -7.897  -6.223  8.158   1.00 13.92 ? 2   5CM A C6    1 
HETATM 27   O O2    . 5CM A 1 2 ? -11.122 -7.588  8.463   1.00 13.92 ? 2   5CM A O2    1 
HETATM 28   N N4    . 5CM A 1 2 ? -9.393  -4.942  5.127   1.00 12.50 ? 2   5CM A N4    1 
HETATM 29   C "C1'" . 5CM A 1 2 ? -8.959  -7.525  9.993   1.00 14.22 ? 2   5CM A "C1'" 1 
HETATM 30   C "C2'" . 5CM A 1 2 ? -8.637  -9.006  9.895   1.00 14.56 ? 2   5CM A "C2'" 1 
HETATM 31   C "C3'" . 5CM A 1 2 ? -7.147  -9.060  10.160  1.00 15.36 ? 2   5CM A "C3'" 1 
HETATM 32   C "C4'" . 5CM A 1 2 ? -6.916  -7.903  11.126  1.00 15.52 ? 2   5CM A "C4'" 1 
HETATM 33   O "O4'" . 5CM A 1 2 ? -7.934  -6.923  10.776  1.00 14.87 ? 2   5CM A "O4'" 1 
HETATM 34   O "O3'" . 5CM A 1 2 ? -6.807  -10.335 10.699  1.00 16.04 ? 2   5CM A "O3'" 1 
HETATM 35   C "C5'" . 5CM A 1 2 ? -5.541  -7.268  11.053  1.00 16.00 ? 2   5CM A "C5'" 1 
HETATM 36   O "O5'" . 5CM A 1 2 ? -5.169  -7.017  9.673   1.00 17.30 ? 2   5CM A "O5'" 1 
HETATM 37   P P     . 5CM A 1 2 ? -3.699  -6.525  9.242   1.00 16.28 ? 2   5CM A P     1 
HETATM 38   O OP1   . 5CM A 1 2 ? -2.641  -7.419  9.820   1.00 16.44 ? 2   5CM A OP1   1 
HETATM 39   O OP2   . 5CM A 1 2 ? -3.809  -6.335  7.784   1.00 15.99 ? 2   5CM A OP2   1 
ATOM   40   P P     . DT  A 1 3 ? -6.573  -11.562 9.690   1.00 18.13 ? 3   DT  A P     1 
ATOM   41   O OP1   . DT  A 1 3 ? -6.234  -12.778 10.469  1.00 17.48 ? 3   DT  A OP1   1 
ATOM   42   O OP2   . DT  A 1 3 ? -5.641  -11.061 8.634   1.00 18.34 ? 3   DT  A OP2   1 
ATOM   43   O "O5'" . DT  A 1 3 ? -7.947  -11.761 8.908   1.00 17.66 ? 3   DT  A "O5'" 1 
ATOM   44   C "C5'" . DT  A 1 3 ? -9.097  -12.278 9.572   1.00 17.49 ? 3   DT  A "C5'" 1 
ATOM   45   C "C4'" . DT  A 1 3 ? -10.259 -12.396 8.617   1.00 16.66 ? 3   DT  A "C4'" 1 
ATOM   46   O "O4'" . DT  A 1 3 ? -10.749 -11.117 8.193   1.00 15.69 ? 3   DT  A "O4'" 1 
ATOM   47   C "C3'" . DT  A 1 3 ? -9.958  -13.114 7.321   1.00 17.13 ? 3   DT  A "C3'" 1 
ATOM   48   O "O3'" . DT  A 1 3 ? -9.967  -14.502 7.588   1.00 19.57 ? 3   DT  A "O3'" 1 
ATOM   49   C "C2'" . DT  A 1 3 ? -11.151 -12.702 6.490   1.00 16.60 ? 3   DT  A "C2'" 1 
ATOM   50   C "C1'" . DT  A 1 3 ? -11.255 -11.238 6.877   1.00 16.18 ? 3   DT  A "C1'" 1 
ATOM   51   N N1    . DT  A 1 3 ? -10.454 -10.354 6.025   1.00 17.11 ? 3   DT  A N1    1 
ATOM   52   C C2    . DT  A 1 3 ? -11.089 -9.808  4.934   1.00 16.65 ? 3   DT  A C2    1 
ATOM   53   O O2    . DT  A 1 3 ? -12.224 -10.083 4.627   1.00 16.82 ? 3   DT  A O2    1 
ATOM   54   N N3    . DT  A 1 3 ? -10.335 -8.920  4.216   1.00 17.09 ? 3   DT  A N3    1 
ATOM   55   C C4    . DT  A 1 3 ? -9.036  -8.541  4.473   1.00 16.75 ? 3   DT  A C4    1 
ATOM   56   O O4    . DT  A 1 3 ? -8.519  -7.696  3.773   1.00 17.65 ? 3   DT  A O4    1 
ATOM   57   C C5    . DT  A 1 3 ? -8.398  -9.190  5.602   1.00 16.58 ? 3   DT  A C5    1 
ATOM   58   C C7    . DT  A 1 3 ? -6.970  -8.864  5.907   1.00 15.55 ? 3   DT  A C7    1 
ATOM   59   C C6    . DT  A 1 3 ? -9.128  -10.056 6.319   1.00 15.99 ? 3   DT  A C6    1 
ATOM   60   P P     . DA  A 1 4 ? -9.476  -15.519 6.465   1.00 21.61 ? 4   DA  A P     1 
ATOM   61   O OP1   . DA  A 1 4 ? -9.740  -16.943 6.855   1.00 22.61 ? 4   DA  A OP1   1 
ATOM   62   O OP2   . DA  A 1 4 ? -8.104  -15.132 6.028   1.00 22.13 ? 4   DA  A OP2   1 
ATOM   63   O "O5'" . DA  A 1 4 ? -10.444 -15.164 5.267   1.00 19.95 ? 4   DA  A "O5'" 1 
ATOM   64   C "C5'" . DA  A 1 4 ? -10.427 -15.980 4.134   1.00 18.76 ? 4   DA  A "C5'" 1 
ATOM   65   C "C4'" . DA  A 1 4 ? -11.323 -15.407 3.071   1.00 17.45 ? 4   DA  A "C4'" 1 
ATOM   66   O "O4'" . DA  A 1 4 ? -11.497 -13.992 3.259   1.00 16.33 ? 4   DA  A "O4'" 1 
ATOM   67   C "C3'" . DA  A 1 4 ? -10.708 -15.514 1.693   1.00 17.53 ? 4   DA  A "C3'" 1 
ATOM   68   O "O3'" . DA  A 1 4 ? -10.765 -16.891 1.256   1.00 18.55 ? 4   DA  A "O3'" 1 
ATOM   69   C "C2'" . DA  A 1 4 ? -11.581 -14.524 0.944   1.00 16.21 ? 4   DA  A "C2'" 1 
ATOM   70   C "C1'" . DA  A 1 4 ? -11.666 -13.397 1.977   1.00 15.57 ? 4   DA  A "C1'" 1 
ATOM   71   N N9    . DA  A 1 4 ? -10.625 -12.368 1.866   1.00 14.87 ? 4   DA  A N9    1 
ATOM   72   C C8    . DA  A 1 4 ? -9.517  -12.251 2.666   1.00 13.98 ? 4   DA  A C8    1 
ATOM   73   N N7    . DA  A 1 4 ? -8.757  -11.231 2.364   1.00 12.80 ? 4   DA  A N7    1 
ATOM   74   C C5    . DA  A 1 4 ? -9.406  -10.640 1.290   1.00 12.95 ? 4   DA  A C5    1 
ATOM   75   C C6    . DA  A 1 4 ? -9.080  -9.539  0.487   1.00 13.05 ? 4   DA  A C6    1 
ATOM   76   N N6    . DA  A 1 4 ? -7.982  -8.787  0.680   1.00 11.76 ? 4   DA  A N6    1 
ATOM   77   N N1    . DA  A 1 4 ? -9.922  -9.235  -0.531  1.00 12.87 ? 4   DA  A N1    1 
ATOM   78   C C2    . DA  A 1 4 ? -11.006 -9.994  -0.715  1.00 13.05 ? 4   DA  A C2    1 
ATOM   79   N N3    . DA  A 1 4 ? -11.408 -11.053 -0.028  1.00 13.63 ? 4   DA  A N3    1 
ATOM   80   C C4    . DA  A 1 4 ? -10.556 -11.329 0.971   1.00 13.15 ? 4   DA  A C4    1 
ATOM   81   P P     . DG  A 1 5 ? -9.484  -17.568 0.531   1.00 18.92 ? 5   DG  A P     1 
ATOM   82   O OP1   . DG  A 1 5 ? -9.818  -18.979 0.228   1.00 19.43 ? 5   DG  A OP1   1 
ATOM   83   O OP2   . DG  A 1 5 ? -8.238  -17.244 1.273   1.00 18.14 ? 5   DG  A OP2   1 
ATOM   84   O "O5'" . DG  A 1 5 ? -9.439  -16.827 -0.874  1.00 17.14 ? 5   DG  A "O5'" 1 
ATOM   85   C "C5'" . DG  A 1 5 ? -10.590 -16.757 -1.701  1.00 14.36 ? 5   DG  A "C5'" 1 
ATOM   86   C "C4'" . DG  A 1 5 ? -10.416 -15.676 -2.742  1.00 12.68 ? 5   DG  A "C4'" 1 
ATOM   87   O "O4'" . DG  A 1 5 ? -10.433 -14.372 -2.152  1.00 11.21 ? 5   DG  A "O4'" 1 
ATOM   88   C "C3'" . DG  A 1 5 ? -9.119  -15.651 -3.544  1.00 12.16 ? 5   DG  A "C3'" 1 
ATOM   89   O "O3'" . DG  A 1 5 ? -9.122  -16.698 -4.512  1.00 12.56 ? 5   DG  A "O3'" 1 
ATOM   90   C "C2'" . DG  A 1 5 ? -9.295  -14.332 -4.253  1.00 10.63 ? 5   DG  A "C2'" 1 
ATOM   91   C "C1'" . DG  A 1 5 ? -9.890  -13.487 -3.130  1.00 9.94  ? 5   DG  A "C1'" 1 
ATOM   92   N N9    . DG  A 1 5 ? -8.871  -12.738 -2.487  1.00 7.30  ? 5   DG  A N9    1 
ATOM   93   C C8    . DG  A 1 5 ? -8.120  -13.081 -1.396  1.00 6.82  ? 5   DG  A C8    1 
ATOM   94   N N7    . DG  A 1 5 ? -7.291  -12.143 -1.036  1.00 6.08  ? 5   DG  A N7    1 
ATOM   95   C C5    . DG  A 1 5 ? -7.501  -11.135 -1.967  1.00 6.13  ? 5   DG  A C5    1 
ATOM   96   C C6    . DG  A 1 5 ? -6.810  -9.904  -2.188  1.00 5.58  ? 5   DG  A C6    1 
ATOM   97   O O6    . DG  A 1 5 ? -5.898  -9.393  -1.515  1.00 4.65  ? 5   DG  A O6    1 
ATOM   98   N N1    . DG  A 1 5 ? -7.290  -9.254  -3.322  1.00 4.50  ? 5   DG  A N1    1 
ATOM   99   C C2    . DG  A 1 5 ? -8.282  -9.729  -4.139  1.00 5.03  ? 5   DG  A C2    1 
ATOM   100  N N2    . DG  A 1 5 ? -8.630  -8.980  -5.173  1.00 5.91  ? 5   DG  A N2    1 
ATOM   101  N N3    . DG  A 1 5 ? -8.914  -10.864 -3.958  1.00 6.19  ? 5   DG  A N3    1 
ATOM   102  C C4    . DG  A 1 5 ? -8.483  -11.504 -2.862  1.00 6.73  ? 5   DG  A C4    1 
ATOM   103  P P     . DC  A 1 6 ? -7.730  -17.307 -5.037  1.00 11.96 ? 6   DC  A P     1 
ATOM   104  O OP1   . DC  A 1 6 ? -8.011  -18.695 -5.500  1.00 10.64 ? 6   DC  A OP1   1 
ATOM   105  O OP2   . DC  A 1 6 ? -6.733  -17.062 -3.958  1.00 11.20 ? 6   DC  A OP2   1 
ATOM   106  O "O5'" . DC  A 1 6 ? -7.432  -16.377 -6.308  1.00 11.05 ? 6   DC  A "O5'" 1 
ATOM   107  C "C5'" . DC  A 1 6 ? -8.346  -16.319 -7.412  1.00 8.79  ? 6   DC  A "C5'" 1 
ATOM   108  C "C4'" . DC  A 1 6 ? -8.144  -15.047 -8.203  1.00 8.17  ? 6   DC  A "C4'" 1 
ATOM   109  O "O4'" . DC  A 1 6 ? -8.300  -13.851 -7.410  1.00 7.22  ? 6   DC  A "O4'" 1 
ATOM   110  C "C3'" . DC  A 1 6 ? -6.737  -14.920 -8.769  1.00 8.14  ? 6   DC  A "C3'" 1 
ATOM   111  O "O3'" . DC  A 1 6 ? -6.670  -15.814 -9.872  1.00 8.15  ? 6   DC  A "O3'" 1 
ATOM   112  C "C2'" . DC  A 1 6 ? -6.664  -13.438 -9.082  1.00 7.19  ? 6   DC  A "C2'" 1 
ATOM   113  C "C1'" . DC  A 1 6 ? -7.415  -12.837 -7.889  1.00 6.23  ? 6   DC  A "C1'" 1 
ATOM   114  N N1    . DC  A 1 6 ? -6.526  -12.450 -6.791  1.00 3.93  ? 6   DC  A N1    1 
ATOM   115  C C2    . DC  A 1 6 ? -6.098  -11.140 -6.738  1.00 2.51  ? 6   DC  A C2    1 
ATOM   116  O O2    . DC  A 1 6 ? -6.453  -10.373 -7.624  1.00 2.32  ? 6   DC  A O2    1 
ATOM   117  N N3    . DC  A 1 6 ? -5.309  -10.733 -5.738  1.00 2.00  ? 6   DC  A N3    1 
ATOM   118  C C4    . DC  A 1 6 ? -4.911  -11.597 -4.816  1.00 2.00  ? 6   DC  A C4    1 
ATOM   119  N N4    . DC  A 1 6 ? -4.116  -11.121 -3.850  1.00 2.00  ? 6   DC  A N4    1 
ATOM   120  C C5    . DC  A 1 6 ? -5.311  -12.965 -4.846  1.00 2.00  ? 6   DC  A C5    1 
ATOM   121  C C6    . DC  A 1 6 ? -6.126  -13.343 -5.839  1.00 2.96  ? 6   DC  A C6    1 
ATOM   122  O "O5'" . DG  B 1 1 ? 0.793   -2.137  -5.190  1.00 17.75 ? 7   DG  B "O5'" 1 
ATOM   123  C "C5'" . DG  B 1 1 ? 0.238   -1.220  -6.136  1.00 16.13 ? 7   DG  B "C5'" 1 
ATOM   124  C "C4'" . DG  B 1 1 ? -0.668  -1.743  -7.230  1.00 14.89 ? 7   DG  B "C4'" 1 
ATOM   125  O "O4'" . DG  B 1 1 ? -0.351  -3.086  -7.663  1.00 13.92 ? 7   DG  B "O4'" 1 
ATOM   126  C "C3'" . DG  B 1 1 ? -2.125  -1.825  -6.841  1.00 14.93 ? 7   DG  B "C3'" 1 
ATOM   127  O "O3'" . DG  B 1 1 ? -2.721  -0.522  -6.814  1.00 16.57 ? 7   DG  B "O3'" 1 
ATOM   128  C "C2'" . DG  B 1 1 ? -2.674  -2.783  -7.884  1.00 13.50 ? 7   DG  B "C2'" 1 
ATOM   129  C "C1'" . DG  B 1 1 ? -1.561  -3.819  -7.875  1.00 11.84 ? 7   DG  B "C1'" 1 
ATOM   130  N N9    . DG  B 1 1 ? -1.633  -4.826  -6.805  1.00 10.29 ? 7   DG  B N9    1 
ATOM   131  C C8    . DG  B 1 1 ? -0.841  -4.875  -5.674  1.00 9.69  ? 7   DG  B C8    1 
ATOM   132  N N7    . DG  B 1 1 ? -1.055  -5.928  -4.937  1.00 8.90  ? 7   DG  B N7    1 
ATOM   133  C C5    . DG  B 1 1 ? -2.078  -6.601  -5.603  1.00 8.26  ? 7   DG  B C5    1 
ATOM   134  C C6    . DG  B 1 1 ? -2.709  -7.829  -5.314  1.00 6.14  ? 7   DG  B C6    1 
ATOM   135  O O6    . DG  B 1 1 ? -2.499  -8.580  -4.359  1.00 7.14  ? 7   DG  B O6    1 
ATOM   136  N N1    . DG  B 1 1 ? -3.664  -8.166  -6.277  1.00 5.04  ? 7   DG  B N1    1 
ATOM   137  C C2    . DG  B 1 1 ? -3.969  -7.410  -7.376  1.00 4.80  ? 7   DG  B C2    1 
ATOM   138  N N2    . DG  B 1 1 ? -4.899  -7.843  -8.193  1.00 3.59  ? 7   DG  B N2    1 
ATOM   139  N N3    . DG  B 1 1 ? -3.383  -6.268  -7.664  1.00 7.94  ? 7   DG  B N3    1 
ATOM   140  C C4    . DG  B 1 1 ? -2.452  -5.922  -6.747  1.00 8.59  ? 7   DG  B C4    1 
HETATM 141  N N1    . 5CM B 1 2 ? -6.218  -4.904  -5.952  1.00 9.26  ? 8   5CM B N1    1 
HETATM 142  C C2    . 5CM B 1 2 ? -6.551  -6.213  -5.682  1.00 7.32  ? 8   5CM B C2    1 
HETATM 143  N N3    . 5CM B 1 2 ? -6.032  -6.814  -4.605  1.00 7.20  ? 8   5CM B N3    1 
HETATM 144  C C4    . 5CM B 1 2 ? -5.218  -6.143  -3.794  1.00 7.16  ? 8   5CM B C4    1 
HETATM 145  C C5    . 5CM B 1 2 ? -4.850  -4.804  -4.040  1.00 7.48  ? 8   5CM B C5    1 
HETATM 146  C C5A   . 5CM B 1 2 ? -3.867  -4.128  -3.130  1.00 7.24  ? 8   5CM B C5A   1 
HETATM 147  C C6    . 5CM B 1 2 ? -5.389  -4.213  -5.111  1.00 8.24  ? 8   5CM B C6    1 
HETATM 148  O O2    . 5CM B 1 2 ? -7.329  -6.795  -6.439  1.00 6.52  ? 8   5CM B O2    1 
HETATM 149  N N4    . 5CM B 1 2 ? -4.767  -6.767  -2.725  1.00 8.30  ? 8   5CM B N4    1 
HETATM 150  C "C1'" . 5CM B 1 2 ? -6.737  -4.287  -7.186  1.00 11.73 ? 8   5CM B "C1'" 1 
HETATM 151  C "C2'" . 5CM B 1 2 ? -8.172  -3.783  -7.114  1.00 12.33 ? 8   5CM B "C2'" 1 
HETATM 152  C "C3'" . 5CM B 1 2 ? -7.970  -2.333  -6.731  1.00 13.86 ? 8   5CM B "C3'" 1 
HETATM 153  C "C4'" . 5CM B 1 2 ? -6.709  -1.969  -7.514  1.00 14.03 ? 8   5CM B "C4'" 1 
HETATM 154  O "O4'" . 5CM B 1 2 ? -5.901  -3.165  -7.490  1.00 12.89 ? 8   5CM B "O4'" 1 
HETATM 155  O "O3'" . 5CM B 1 2 ? -9.086  -1.584  -7.229  1.00 15.43 ? 8   5CM B "O3'" 1 
HETATM 156  C "C5'" . 5CM B 1 2 ? -5.944  -0.765  -7.013  1.00 14.56 ? 8   5CM B "C5'" 1 
HETATM 157  O "O5'" . 5CM B 1 2 ? -4.991  -1.150  -6.039  1.00 15.06 ? 8   5CM B "O5'" 1 
HETATM 158  P P     . 5CM B 1 2 ? -3.788  -0.181  -5.647  1.00 16.84 ? 8   5CM B P     1 
HETATM 159  O OP1   . 5CM B 1 2 ? -4.263  1.218   -5.783  1.00 17.40 ? 8   5CM B OP1   1 
HETATM 160  O OP2   . 5CM B 1 2 ? -3.145  -0.591  -4.370  1.00 16.12 ? 8   5CM B OP2   1 
ATOM   161  P P     . DT  B 1 3 ? -10.267 -1.122  -6.232  1.00 14.81 ? 9   DT  B P     1 
ATOM   162  O OP1   . DT  B 1 3 ? -11.053 -0.043  -6.886  1.00 14.18 ? 9   DT  B OP1   1 
ATOM   163  O OP2   . DT  B 1 3 ? -9.696  -0.901  -4.885  1.00 13.75 ? 9   DT  B OP2   1 
ATOM   164  O "O5'" . DT  B 1 3 ? -11.154 -2.445  -6.144  1.00 14.94 ? 9   DT  B "O5'" 1 
ATOM   165  C "C5'" . DT  B 1 3 ? -11.669 -3.113  -7.301  1.00 14.55 ? 9   DT  B "C5'" 1 
ATOM   166  C "C4'" . DT  B 1 3 ? -12.194 -4.477  -6.902  1.00 15.19 ? 9   DT  B "C4'" 1 
ATOM   167  O "O4'" . DT  B 1 3 ? -11.099 -5.291  -6.412  1.00 14.69 ? 9   DT  B "O4'" 1 
ATOM   168  C "C3'" . DT  B 1 3 ? -13.190 -4.474  -5.737  1.00 16.06 ? 9   DT  B "C3'" 1 
ATOM   169  O "O3'" . DT  B 1 3 ? -14.535 -4.199  -6.155  1.00 17.30 ? 9   DT  B "O3'" 1 
ATOM   170  C "C2'" . DT  B 1 3 ? -13.063 -5.876  -5.173  1.00 14.61 ? 9   DT  B "C2'" 1 
ATOM   171  C "C1'" . DT  B 1 3 ? -11.583 -6.197  -5.403  1.00 13.04 ? 9   DT  B "C1'" 1 
ATOM   172  N N1    . DT  B 1 3 ? -10.680 -6.111  -4.205  1.00 9.69  ? 9   DT  B N1    1 
ATOM   173  C C2    . DT  B 1 3 ? -10.607 -7.224  -3.445  1.00 8.73  ? 9   DT  B C2    1 
ATOM   174  O O2    . DT  B 1 3 ? -11.292 -8.203  -3.636  1.00 10.85 ? 9   DT  B O2    1 
ATOM   175  N N3    . DT  B 1 3 ? -9.718  -7.170  -2.438  1.00 6.89  ? 9   DT  B N3    1 
ATOM   176  C C4    . DT  B 1 3 ? -8.927  -6.122  -2.084  1.00 6.07  ? 9   DT  B C4    1 
ATOM   177  O O4    . DT  B 1 3 ? -8.159  -6.248  -1.136  1.00 5.37  ? 9   DT  B O4    1 
ATOM   178  C C5    . DT  B 1 3 ? -9.086  -4.949  -2.880  1.00 6.28  ? 9   DT  B C5    1 
ATOM   179  C C7    . DT  B 1 3 ? -8.281  -3.736  -2.545  1.00 6.97  ? 9   DT  B C7    1 
ATOM   180  C C6    . DT  B 1 3 ? -9.946  -4.993  -3.894  1.00 7.66  ? 9   DT  B C6    1 
ATOM   181  P P     . DA  B 1 4 ? -15.475 -3.254  -5.249  1.00 18.60 ? 10  DA  B P     1 
ATOM   182  O OP1   . DA  B 1 4 ? -16.699 -2.961  -6.041  1.00 18.65 ? 10  DA  B OP1   1 
ATOM   183  O OP2   . DA  B 1 4 ? -14.707 -2.134  -4.637  1.00 18.17 ? 10  DA  B OP2   1 
ATOM   184  O "O5'" . DA  B 1 4 ? -15.830 -4.217  -4.031  1.00 19.11 ? 10  DA  B "O5'" 1 
ATOM   185  C "C5'" . DA  B 1 4 ? -16.391 -5.518  -4.268  1.00 19.64 ? 10  DA  B "C5'" 1 
ATOM   186  C "C4'" . DA  B 1 4 ? -16.632 -6.207  -2.947  1.00 19.23 ? 10  DA  B "C4'" 1 
ATOM   187  O "O4'" . DA  B 1 4 ? -15.334 -6.598  -2.421  1.00 18.67 ? 10  DA  B "O4'" 1 
ATOM   188  C "C3'" . DA  B 1 4 ? -17.223 -5.208  -1.944  1.00 19.45 ? 10  DA  B "C3'" 1 
ATOM   189  O "O3'" . DA  B 1 4 ? -18.296 -5.769  -1.142  1.00 20.08 ? 10  DA  B "O3'" 1 
ATOM   190  C "C2'" . DA  B 1 4 ? -16.024 -4.820  -1.104  1.00 19.07 ? 10  DA  B "C2'" 1 
ATOM   191  C "C1'" . DA  B 1 4 ? -15.287 -6.142  -1.088  1.00 18.69 ? 10  DA  B "C1'" 1 
ATOM   192  N N9    . DA  B 1 4 ? -13.918 -5.997  -0.657  1.00 17.75 ? 10  DA  B N9    1 
ATOM   193  C C8    . DA  B 1 4 ? -13.029 -5.004  -1.007  1.00 18.19 ? 10  DA  B C8    1 
ATOM   194  N N7    . DA  B 1 4 ? -11.901 -5.053  -0.334  1.00 17.62 ? 10  DA  B N7    1 
ATOM   195  C C5    . DA  B 1 4 ? -12.046 -6.168  0.485   1.00 17.30 ? 10  DA  B C5    1 
ATOM   196  C C6    . DA  B 1 4 ? -11.221 -6.735  1.466   1.00 16.99 ? 10  DA  B C6    1 
ATOM   197  N N6    . DA  B 1 4 ? -10.022 -6.251  1.794   1.00 16.29 ? 10  DA  B N6    1 
ATOM   198  N N1    . DA  B 1 4 ? -11.674 -7.832  2.111   1.00 17.02 ? 10  DA  B N1    1 
ATOM   199  C C2    . DA  B 1 4 ? -12.873 -8.319  1.774   1.00 16.76 ? 10  DA  B C2    1 
ATOM   200  N N3    . DA  B 1 4 ? -13.736 -7.874  0.878   1.00 16.91 ? 10  DA  B N3    1 
ATOM   201  C C4    . DA  B 1 4 ? -13.272 -6.781  0.263   1.00 17.36 ? 10  DA  B C4    1 
ATOM   202  P P     . DG  B 1 5 ? -19.446 -4.796  -0.525  1.00 19.11 ? 11  DG  B P     1 
ATOM   203  O OP1   . DG  B 1 5 ? -20.646 -5.142  -1.322  1.00 18.98 ? 11  DG  B OP1   1 
ATOM   204  O OP2   . DG  B 1 5 ? -19.023 -3.375  -0.390  1.00 19.33 ? 11  DG  B OP2   1 
ATOM   205  O "O5'" . DG  B 1 5 ? -19.515 -5.174  1.024   1.00 18.49 ? 11  DG  B "O5'" 1 
ATOM   206  C "C5'" . DG  B 1 5 ? -20.129 -6.370  1.469   1.00 16.75 ? 11  DG  B "C5'" 1 
ATOM   207  C "C4'" . DG  B 1 5 ? -19.512 -6.834  2.768   1.00 15.04 ? 11  DG  B "C4'" 1 
ATOM   208  O "O4'" . DG  B 1 5 ? -18.246 -7.475  2.535   1.00 13.90 ? 11  DG  B "O4'" 1 
ATOM   209  C "C3'" . DG  B 1 5 ? -19.194 -5.818  3.855   1.00 14.43 ? 11  DG  B "C3'" 1 
ATOM   210  O "O3'" . DG  B 1 5 ? -20.381 -5.442  4.546   1.00 14.39 ? 11  DG  B "O3'" 1 
ATOM   211  C "C2'" . DG  B 1 5 ? -18.375 -6.696  4.773   1.00 13.27 ? 11  DG  B "C2'" 1 
ATOM   212  C "C1'" . DG  B 1 5 ? -17.501 -7.416  3.750   1.00 12.48 ? 11  DG  B "C1'" 1 
ATOM   213  N N9    . DG  B 1 5 ? -16.329 -6.620  3.499   1.00 10.33 ? 11  DG  B N9    1 
ATOM   214  C C8    . DG  B 1 5 ? -16.159 -5.663  2.539   1.00 9.59  ? 11  DG  B C8    1 
ATOM   215  N N7    . DG  B 1 5 ? -15.002 -5.063  2.620   1.00 9.58  ? 11  DG  B N7    1 
ATOM   216  C C5    . DG  B 1 5 ? -14.368 -5.688  3.682   1.00 8.88  ? 11  DG  B C5    1 
ATOM   217  C C6    . DG  B 1 5 ? -13.102 -5.459  4.261   1.00 8.52  ? 11  DG  B C6    1 
ATOM   218  O O6    . DG  B 1 5 ? -12.250 -4.640  3.930   1.00 9.65  ? 11  DG  B O6    1 
ATOM   219  N N1    . DG  B 1 5 ? -12.871 -6.293  5.346   1.00 7.18  ? 11  DG  B N1    1 
ATOM   220  C C2    . DG  B 1 5 ? -13.751 -7.229  5.814   1.00 6.66  ? 11  DG  B C2    1 
ATOM   221  N N2    . DG  B 1 5 ? -13.349 -7.923  6.869   1.00 4.91  ? 11  DG  B N2    1 
ATOM   222  N N3    . DG  B 1 5 ? -14.929 -7.460  5.282   1.00 7.10  ? 11  DG  B N3    1 
ATOM   223  C C4    . DG  B 1 5 ? -15.175 -6.658  4.230   1.00 8.82  ? 11  DG  B C4    1 
ATOM   224  P P     . DC  B 1 6 ? -20.377 -4.209  5.564   1.00 13.66 ? 12  DC  B P     1 
ATOM   225  O OP1   . DC  B 1 6 ? -21.744 -4.436  6.073   1.00 16.60 ? 12  DC  B OP1   1 
ATOM   226  O OP2   . DC  B 1 6 ? -20.016 -2.889  5.029   1.00 13.90 ? 12  DC  B OP2   1 
ATOM   227  O "O5'" . DC  B 1 6 ? -19.336 -4.544  6.714   1.00 13.72 ? 12  DC  B "O5'" 1 
ATOM   228  C "C5'" . DC  B 1 6 ? -19.499 -5.686  7.536   1.00 13.21 ? 12  DC  B "C5'" 1 
ATOM   229  C "C4'" . DC  B 1 6 ? -18.426 -5.722  8.599   1.00 12.46 ? 12  DC  B "C4'" 1 
ATOM   230  O "O4'" . DC  B 1 6 ? -17.178 -6.095  7.995   1.00 12.43 ? 12  DC  B "O4'" 1 
ATOM   231  C "C3'" . DC  B 1 6 ? -18.108 -4.412  9.311   1.00 12.87 ? 12  DC  B "C3'" 1 
ATOM   232  O "O3'" . DC  B 1 6 ? -18.923 -4.075  10.462  1.00 14.42 ? 12  DC  B "O3'" 1 
ATOM   233  C "C2'" . DC  B 1 6 ? -16.735 -4.716  9.882   1.00 11.70 ? 12  DC  B "C2'" 1 
ATOM   234  C "C1'" . DC  B 1 6 ? -16.108 -5.467  8.719   1.00 11.71 ? 12  DC  B "C1'" 1 
ATOM   235  N N1    . DC  B 1 6 ? -15.389 -4.539  7.799   1.00 11.11 ? 12  DC  B N1    1 
ATOM   236  C C2    . DC  B 1 6 ? -14.059 -4.220  8.100   1.00 10.35 ? 12  DC  B C2    1 
ATOM   237  O O2    . DC  B 1 6 ? -13.538 -4.703  9.112   1.00 9.63  ? 12  DC  B O2    1 
ATOM   238  N N3    . DC  B 1 6 ? -13.374 -3.393  7.294   1.00 10.55 ? 12  DC  B N3    1 
ATOM   239  C C4    . DC  B 1 6 ? -13.956 -2.878  6.214   1.00 10.59 ? 12  DC  B C4    1 
ATOM   240  N N4    . DC  B 1 6 ? -13.198 -2.071  5.449   1.00 9.72  ? 12  DC  B N4    1 
ATOM   241  C C5    . DC  B 1 6 ? -15.322 -3.172  5.877   1.00 10.67 ? 12  DC  B C5    1 
ATOM   242  C C6    . DC  B 1 6 ? -15.996 -4.002  6.692   1.00 10.07 ? 12  DC  B C6    1 
ATOM   243  O "O5'" . DG  C 1 1 ? 4.957   -0.394  -7.067  1.00 19.25 ? 13  DG  C "O5'" 1 
ATOM   244  C "C5'" . DG  C 1 1 ? 5.400   -1.120  -8.242  1.00 18.48 ? 13  DG  C "C5'" 1 
ATOM   245  C "C4'" . DG  C 1 1 ? 6.430   -0.380  -9.071  1.00 17.32 ? 13  DG  C "C4'" 1 
ATOM   246  O "O4'" . DG  C 1 1 ? 5.841   0.769   -9.713  1.00 17.36 ? 13  DG  C "O4'" 1 
ATOM   247  C "C3'" . DG  C 1 1 ? 7.605   0.197   -8.298  1.00 16.74 ? 13  DG  C "C3'" 1 
ATOM   248  O "O3'" . DG  C 1 1 ? 8.577   -0.819  -8.095  1.00 15.99 ? 13  DG  C "O3'" 1 
ATOM   249  C "C2'" . DG  C 1 1 ? 8.114   1.234   -9.275  1.00 16.77 ? 13  DG  C "C2'" 1 
ATOM   250  C "C1'" . DG  C 1 1 ? 6.827   1.771   -9.886  1.00 16.57 ? 13  DG  C "C1'" 1 
ATOM   251  N N9    . DG  C 1 1 ? 6.373   2.963   -9.201  1.00 16.38 ? 13  DG  C N9    1 
ATOM   252  C C8    . DG  C 1 1 ? 5.292   3.086   -8.367  1.00 16.01 ? 13  DG  C C8    1 
ATOM   253  N N7    . DG  C 1 1 ? 5.161   4.282   -7.871  1.00 15.67 ? 13  DG  C N7    1 
ATOM   254  C C5    . DG  C 1 1 ? 6.212   5.004   -8.423  1.00 16.28 ? 13  DG  C C5    1 
ATOM   255  C C6    . DG  C 1 1 ? 6.587   6.365   -8.265  1.00 15.84 ? 13  DG  C C6    1 
ATOM   256  O O6    . DG  C 1 1 ? 6.051   7.240   -7.583  1.00 15.19 ? 13  DG  C O6    1 
ATOM   257  N N1    . DG  C 1 1 ? 7.722   6.673   -9.013  1.00 15.91 ? 13  DG  C N1    1 
ATOM   258  C C2    . DG  C 1 1 ? 8.405   5.789   -9.807  1.00 16.04 ? 13  DG  C C2    1 
ATOM   259  N N2    . DG  C 1 1 ? 9.467   6.267   -10.450 1.00 16.48 ? 13  DG  C N2    1 
ATOM   260  N N3    . DG  C 1 1 ? 8.072   4.523   -9.964  1.00 16.29 ? 13  DG  C N3    1 
ATOM   261  C C4    . DG  C 1 1 ? 6.970   4.202   -9.250  1.00 16.41 ? 13  DG  C C4    1 
HETATM 262  N N1    . 5CM C 1 2 ? 11.062  4.501   -7.753  1.00 16.06 ? 14  5CM C N1    1 
HETATM 263  C C2    . 5CM C 1 2 ? 11.149  5.850   -7.365  1.00 16.27 ? 14  5CM C C2    1 
HETATM 264  N N3    . 5CM C 1 2 ? 10.200  6.372   -6.547  1.00 16.46 ? 14  5CM C N3    1 
HETATM 265  C C4    . 5CM C 1 2 ? 9.210   5.582   -6.087  1.00 16.35 ? 14  5CM C C4    1 
HETATM 266  C C5    . 5CM C 1 2 ? 9.128   4.189   -6.424  1.00 15.78 ? 14  5CM C C5    1 
HETATM 267  C C5A   . 5CM C 1 2 ? 8.045   3.342   -5.833  1.00 14.94 ? 14  5CM C C5A   1 
HETATM 268  C C6    . 5CM C 1 2 ? 10.056  3.703   -7.265  1.00 15.83 ? 14  5CM C C6    1 
HETATM 269  O O2    . 5CM C 1 2 ? 12.102  6.523   -7.764  1.00 16.31 ? 14  5CM C O2    1 
HETATM 270  N N4    . 5CM C 1 2 ? 8.291   6.137   -5.303  1.00 15.54 ? 14  5CM C N4    1 
HETATM 271  C "C1'" . 5CM C 1 2 ? 12.056  3.963   -8.694  1.00 15.90 ? 14  5CM C "C1'" 1 
HETATM 272  C "C2'" . 5CM C 1 2 ? 13.347  3.505   -8.048  1.00 16.20 ? 14  5CM C "C2'" 1 
HETATM 273  C "C3'" . 5CM C 1 2 ? 13.083  2.035   -7.812  1.00 17.03 ? 14  5CM C "C3'" 1 
HETATM 274  C "C4'" . 5CM C 1 2 ? 12.241  1.635   -9.011  1.00 16.36 ? 14  5CM C "C4'" 1 
HETATM 275  O "O4'" . 5CM C 1 2 ? 11.488  2.825   -9.335  1.00 16.27 ? 14  5CM C "O4'" 1 
HETATM 276  O "O3'" . 5CM C 1 2 ? 14.303  1.315   -7.783  1.00 18.72 ? 14  5CM C "O3'" 1 
HETATM 277  C "C5'" . 5CM C 1 2 ? 11.312  0.458   -8.792  1.00 16.63 ? 14  5CM C "C5'" 1 
HETATM 278  O "O5'" . 5CM C 1 2 ? 10.640  0.547   -7.514  1.00 16.37 ? 14  5CM C "O5'" 1 
HETATM 279  P P     . 5CM C 1 2 ? 9.702   -0.636  -6.975  1.00 16.36 ? 14  5CM C P     1 
HETATM 280  O OP1   . 5CM C 1 2 ? 10.319  -1.990  -7.002  1.00 15.80 ? 14  5CM C OP1   1 
HETATM 281  O OP2   . 5CM C 1 2 ? 9.103   -0.125  -5.716  1.00 16.68 ? 14  5CM C OP2   1 
ATOM   282  P P     . DT  C 1 3 ? 15.145  1.267   -6.420  1.00 20.08 ? 15  DT  C P     1 
ATOM   283  O OP1   . DT  C 1 3 ? 16.426  0.557   -6.632  1.00 21.36 ? 15  DT  C OP1   1 
ATOM   284  O OP2   . DT  C 1 3 ? 14.225  0.837   -5.329  1.00 22.41 ? 15  DT  C OP2   1 
ATOM   285  O "O5'" . DT  C 1 3 ? 15.467  2.783   -6.087  1.00 20.46 ? 15  DT  C "O5'" 1 
ATOM   286  C "C5'" . DT  C 1 3 ? 16.130  3.598   -7.034  1.00 19.84 ? 15  DT  C "C5'" 1 
ATOM   287  C "C4'" . DT  C 1 3 ? 16.368  4.965   -6.447  1.00 19.03 ? 15  DT  C "C4'" 1 
ATOM   288  O "O4'" . DT  C 1 3 ? 15.189  5.774   -6.575  1.00 18.53 ? 15  DT  C "O4'" 1 
ATOM   289  C "C3'" . DT  C 1 3 ? 16.684  4.994   -4.965  1.00 19.34 ? 15  DT  C "C3'" 1 
ATOM   290  O "O3'" . DT  C 1 3 ? 18.064  4.672   -4.798  1.00 20.84 ? 15  DT  C "O3'" 1 
ATOM   291  C "C2'" . DT  C 1 3 ? 16.401  6.448   -4.649  1.00 18.58 ? 15  DT  C "C2'" 1 
ATOM   292  C "C1'" . DT  C 1 3 ? 15.131  6.668   -5.470  1.00 18.36 ? 15  DT  C "C1'" 1 
ATOM   293  N N1    . DT  C 1 3 ? 13.906  6.354   -4.758  1.00 18.24 ? 15  DT  C N1    1 
ATOM   294  C C2    . DT  C 1 3 ? 13.231  7.378   -4.153  1.00 17.29 ? 15  DT  C C2    1 
ATOM   295  O O2    . DT  C 1 3 ? 13.646  8.525   -4.134  1.00 15.66 ? 15  DT  C O2    1 
ATOM   296  N N3    . DT  C 1 3 ? 12.044  7.000   -3.555  1.00 18.08 ? 15  DT  C N3    1 
ATOM   297  C C4    . DT  C 1 3 ? 11.507  5.721   -3.495  1.00 18.37 ? 15  DT  C C4    1 
ATOM   298  O O4    . DT  C 1 3 ? 10.430  5.547   -2.946  1.00 18.84 ? 15  DT  C O4    1 
ATOM   299  C C5    . DT  C 1 3 ? 12.301  4.680   -4.122  1.00 18.40 ? 15  DT  C C5    1 
ATOM   300  C C7    . DT  C 1 3 ? 11.824  3.264   -4.082  1.00 18.06 ? 15  DT  C C7    1 
ATOM   301  C C6    . DT  C 1 3 ? 13.442  5.045   -4.717  1.00 18.28 ? 15  DT  C C6    1 
ATOM   302  P P     . DA  C 1 4 ? 18.594  4.203   -3.367  1.00 22.15 ? 16  DA  C P     1 
ATOM   303  O OP1   . DA  C 1 4 ? 20.000  3.745   -3.477  1.00 22.94 ? 16  DA  C OP1   1 
ATOM   304  O OP2   . DA  C 1 4 ? 17.577  3.265   -2.828  1.00 23.26 ? 16  DA  C OP2   1 
ATOM   305  O "O5'" . DA  C 1 4 ? 18.558  5.564   -2.538  1.00 20.95 ? 16  DA  C "O5'" 1 
ATOM   306  C "C5'" . DA  C 1 4 ? 18.105  5.588   -1.202  1.00 19.77 ? 16  DA  C "C5'" 1 
ATOM   307  C "C4'" . DA  C 1 4 ? 18.001  7.011   -0.710  1.00 18.34 ? 16  DA  C "C4'" 1 
ATOM   308  O "O4'" . DA  C 1 4 ? 16.924  7.673   -1.403  1.00 18.14 ? 16  DA  C "O4'" 1 
ATOM   309  C "C3'" . DA  C 1 4 ? 17.606  7.070   0.755   1.00 18.04 ? 16  DA  C "C3'" 1 
ATOM   310  O "O3'" . DA  C 1 4 ? 18.760  7.062   1.572   1.00 18.26 ? 16  DA  C "O3'" 1 
ATOM   311  C "C2'" . DA  C 1 4 ? 16.788  8.342   0.860   1.00 17.45 ? 16  DA  C "C2'" 1 
ATOM   312  C "C1'" . DA  C 1 4 ? 16.049  8.297   -0.460  1.00 17.05 ? 16  DA  C "C1'" 1 
ATOM   313  N N9    . DA  C 1 4 ? 14.833  7.508   -0.417  1.00 15.52 ? 16  DA  C N9    1 
ATOM   314  C C8    . DA  C 1 4 ? 14.617  6.256   -0.931  1.00 15.02 ? 16  DA  C C8    1 
ATOM   315  N N7    . DA  C 1 4 ? 13.393  5.821   -0.765  1.00 14.41 ? 16  DA  C N7    1 
ATOM   316  C C5    . DA  C 1 4 ? 12.769  6.853   -0.082  1.00 14.24 ? 16  DA  C C5    1 
ATOM   317  C C6    . DA  C 1 4 ? 11.451  7.029   0.357   1.00 13.61 ? 16  DA  C C6    1 
ATOM   318  N N6    . DA  C 1 4 ? 10.508  6.098   0.208   1.00 13.46 ? 16  DA  C N6    1 
ATOM   319  N N1    . DA  C 1 4 ? 11.142  8.193   0.956   1.00 12.32 ? 16  DA  C N1    1 
ATOM   320  C C2    . DA  C 1 4 ? 12.104  9.112   1.111   1.00 13.32 ? 16  DA  C C2    1 
ATOM   321  N N3    . DA  C 1 4 ? 13.377  9.068   0.747   1.00 13.79 ? 16  DA  C N3    1 
ATOM   322  C C4    . DA  C 1 4 ? 13.647  7.897   0.145   1.00 14.71 ? 16  DA  C C4    1 
ATOM   323  P P     . DG  C 1 5 ? 18.916  5.889   2.642   1.00 19.04 ? 17  DG  C P     1 
ATOM   324  O OP1   . DG  C 1 5 ? 20.205  6.052   3.341   1.00 20.12 ? 17  DG  C OP1   1 
ATOM   325  O OP2   . DG  C 1 5 ? 18.585  4.591   2.002   1.00 19.82 ? 17  DG  C OP2   1 
ATOM   326  O "O5'" . DG  C 1 5 ? 17.784  6.267   3.706   1.00 18.89 ? 17  DG  C "O5'" 1 
ATOM   327  C "C5'" . DG  C 1 5 ? 17.877  7.511   4.399   1.00 16.93 ? 17  DG  C "C5'" 1 
ATOM   328  C "C4'" . DG  C 1 5 ? 16.544  7.924   4.982   1.00 15.72 ? 17  DG  C "C4'" 1 
ATOM   329  O "O4'" . DG  C 1 5 ? 15.472  7.969   4.023   1.00 15.32 ? 17  DG  C "O4'" 1 
ATOM   330  C "C3'" . DG  C 1 5 ? 15.968  7.055   6.084   1.00 14.13 ? 17  DG  C "C3'" 1 
ATOM   331  O "O3'" . DG  C 1 5 ? 16.711  7.182   7.297   1.00 13.44 ? 17  DG  C "O3'" 1 
ATOM   332  C "C2'" . DG  C 1 5 ? 14.616  7.708   6.230   1.00 14.32 ? 17  DG  C "C2'" 1 
ATOM   333  C "C1'" . DG  C 1 5 ? 14.267  8.023   4.781   1.00 13.69 ? 17  DG  C "C1'" 1 
ATOM   334  N N9    . DG  C 1 5 ? 13.356  7.035   4.250   1.00 11.83 ? 17  DG  C N9    1 
ATOM   335  C C8    . DG  C 1 5 ? 13.648  5.933   3.498   1.00 11.31 ? 17  DG  C C8    1 
ATOM   336  N N7    . DG  C 1 5 ? 12.581  5.265   3.137   1.00 10.88 ? 17  DG  C N7    1 
ATOM   337  C C5    . DG  C 1 5 ? 11.521  5.963   3.703   1.00 9.92  ? 17  DG  C C5    1 
ATOM   338  C C6    . DG  C 1 5 ? 10.131  5.747   3.606   1.00 8.57  ? 17  DG  C C6    1 
ATOM   339  O O6    . DG  C 1 5 ? 9.540   4.858   3.004   1.00 8.13  ? 17  DG  C O6    1 
ATOM   340  N N1    . DG  C 1 5 ? 9.418   6.717   4.298   1.00 8.18  ? 17  DG  C N1    1 
ATOM   341  C C2    . DG  C 1 5 ? 9.985   7.777   4.990   1.00 8.94  ? 17  DG  C C2    1 
ATOM   342  N N2    . DG  C 1 5 ? 9.148   8.617   5.601   1.00 8.00  ? 17  DG  C N2    1 
ATOM   343  N N3    . DG  C 1 5 ? 11.281  7.995   5.075   1.00 9.20  ? 17  DG  C N3    1 
ATOM   344  C C4    . DG  C 1 5 ? 11.985  7.053   4.408   1.00 10.67 ? 17  DG  C C4    1 
ATOM   345  P P     . DC  C 1 6 ? 16.622  6.013   8.398   1.00 12.57 ? 18  DC  C P     1 
ATOM   346  O OP1   . DC  C 1 6 ? 17.742  6.132   9.367   1.00 12.16 ? 18  DC  C OP1   1 
ATOM   347  O OP2   . DC  C 1 6 ? 16.393  4.733   7.677   1.00 11.86 ? 18  DC  C OP2   1 
ATOM   348  O "O5'" . DC  C 1 6 ? 15.296  6.426   9.177   1.00 11.90 ? 18  DC  C "O5'" 1 
ATOM   349  C "C5'" . DC  C 1 6 ? 15.216  7.651   9.920   1.00 8.87  ? 18  DC  C "C5'" 1 
ATOM   350  C "C4'" . DC  C 1 6 ? 13.774  7.946   10.248  1.00 7.85  ? 18  DC  C "C4'" 1 
ATOM   351  O "O4'" . DC  C 1 6 ? 12.972  7.975   9.055   1.00 6.91  ? 18  DC  C "O4'" 1 
ATOM   352  C "C3'" . DC  C 1 6 ? 13.108  6.864   11.084  1.00 7.47  ? 18  DC  C "C3'" 1 
ATOM   353  O "O3'" . DC  C 1 6 ? 13.651  6.904   12.416  1.00 8.07  ? 18  DC  C "O3'" 1 
ATOM   354  C "C2'" . DC  C 1 6 ? 11.646  7.202   10.869  1.00 6.80  ? 18  DC  C "C2'" 1 
ATOM   355  C "C1'" . DC  C 1 6 ? 11.648  7.533   9.372   1.00 5.92  ? 18  DC  C "C1'" 1 
ATOM   356  N N1    . DC  C 1 6 ? 11.323  6.381   8.493   1.00 4.01  ? 18  DC  C N1    1 
ATOM   357  C C2    . DC  C 1 6 ? 10.005  6.167   8.164   1.00 3.50  ? 18  DC  C C2    1 
ATOM   358  O O2    . DC  C 1 6 ? 9.138   6.900   8.666   1.00 4.69  ? 18  DC  C O2    1 
ATOM   359  N N3    . DC  C 1 6 ? 9.681   5.157   7.339   1.00 2.00  ? 18  DC  C N3    1 
ATOM   360  C C4    . DC  C 1 6 ? 10.624  4.333   6.903   1.00 2.00  ? 18  DC  C C4    1 
ATOM   361  N N4    . DC  C 1 6 ? 10.234  3.305   6.155   1.00 2.02  ? 18  DC  C N4    1 
ATOM   362  C C5    . DC  C 1 6 ? 11.990  4.513   7.230   1.00 2.00  ? 18  DC  C C5    1 
ATOM   363  C C6    . DC  C 1 6 ? 12.298  5.550   8.012   1.00 3.78  ? 18  DC  C C6    1 
ATOM   364  O "O5'" . DG  D 1 1 ? 0.234   1.537   4.630   1.00 21.78 ? 19  DG  D "O5'" 1 
ATOM   365  C "C5'" . DG  D 1 1 ? -0.316  1.568   5.981   1.00 20.91 ? 19  DG  D "C5'" 1 
ATOM   366  C "C4'" . DG  D 1 1 ? -0.150  2.811   6.830   1.00 19.98 ? 19  DG  D "C4'" 1 
ATOM   367  O "O4'" . DG  D 1 1 ? 0.795   2.551   7.896   1.00 19.18 ? 19  DG  D "O4'" 1 
ATOM   368  C "C3'" . DG  D 1 1 ? 0.373   4.058   6.121   1.00 19.97 ? 19  DG  D "C3'" 1 
ATOM   369  O "O3'" . DG  D 1 1 ? -0.699  4.900   5.718   1.00 21.17 ? 19  DG  D "O3'" 1 
ATOM   370  C "C2'" . DG  D 1 1 ? 1.188   4.760   7.191   1.00 18.57 ? 19  DG  D "C2'" 1 
ATOM   371  C "C1'" . DG  D 1 1 ? 1.747   3.602   7.985   1.00 18.28 ? 19  DG  D "C1'" 1 
ATOM   372  N N9    . DG  D 1 1 ? 2.995   3.102   7.439   1.00 17.22 ? 19  DG  D N9    1 
ATOM   373  C C8    . DG  D 1 1 ? 3.181   1.977   6.670   1.00 16.87 ? 19  DG  D C8    1 
ATOM   374  N N7    . DG  D 1 1 ? 4.424   1.783   6.339   1.00 16.80 ? 19  DG  D N7    1 
ATOM   375  C C5    . DG  D 1 1 ? 5.098   2.846   6.925   1.00 16.91 ? 19  DG  D C5    1 
ATOM   376  C C6    . DG  D 1 1 ? 6.469   3.198   6.884   1.00 16.07 ? 19  DG  D C6    1 
ATOM   377  O O6    . DG  D 1 1 ? 7.397   2.616   6.315   1.00 16.92 ? 19  DG  D O6    1 
ATOM   378  N N1    . DG  D 1 1 ? 6.715   4.367   7.589   1.00 15.65 ? 19  DG  D N1    1 
ATOM   379  C C2    . DG  D 1 1 ? 5.770   5.115   8.240   1.00 15.36 ? 19  DG  D C2    1 
ATOM   380  N N2    . DG  D 1 1 ? 6.210   6.197   8.877   1.00 13.65 ? 19  DG  D N2    1 
ATOM   381  N N3    . DG  D 1 1 ? 4.487   4.815   8.268   1.00 16.25 ? 19  DG  D N3    1 
ATOM   382  C C4    . DG  D 1 1 ? 4.225   3.667   7.601   1.00 16.83 ? 19  DG  D C4    1 
HETATM 383  N N1    . 5CM D 1 2 ? 4.490   7.023   5.358   1.00 18.77 ? 20  5CM D N1    1 
HETATM 384  C C2    . 5CM D 1 2 ? 5.901   7.135   5.327   1.00 18.02 ? 20  5CM D C2    1 
HETATM 385  N N3    . 5CM D 1 2 ? 6.616   6.231   4.607   1.00 17.65 ? 20  5CM D N3    1 
HETATM 386  C C4    . 5CM D 1 2 ? 5.979   5.255   3.944   1.00 17.61 ? 20  5CM D C4    1 
HETATM 387  C C5    . 5CM D 1 2 ? 4.556   5.119   3.973   1.00 17.67 ? 20  5CM D C5    1 
HETATM 388  C C5A   . 5CM D 1 2 ? 3.908   3.995   3.234   1.00 17.26 ? 20  5CM D C5A   1 
HETATM 389  C C6    . 5CM D 1 2 ? 3.858   6.020   4.679   1.00 17.89 ? 20  5CM D C6    1 
HETATM 390  O O2    . 5CM D 1 2 ? 6.448   8.059   5.967   1.00 16.87 ? 20  5CM D O2    1 
HETATM 391  N N4    . 5CM D 1 2 ? 6.711   4.393   3.251   1.00 17.41 ? 20  5CM D N4    1 
HETATM 392  C "C1'" . 5CM D 1 2 ? 3.716   7.986   6.122   1.00 19.17 ? 20  5CM D "C1'" 1 
HETATM 393  C "C2'" . 5CM D 1 2 ? 3.611   9.351   5.440   1.00 19.56 ? 20  5CM D "C2'" 1 
HETATM 394  C "C3'" . 5CM D 1 2 ? 2.284   9.252   4.711   1.00 20.19 ? 20  5CM D "C3'" 1 
HETATM 395  C "C4'" . 5CM D 1 2 ? 1.489   8.486   5.755   1.00 20.42 ? 20  5CM D "C4'" 1 
HETATM 396  O "O4'" . 5CM D 1 2 ? 2.404   7.468   6.212   1.00 19.76 ? 20  5CM D "O4'" 1 
HETATM 397  O "O3'" . 5CM D 1 2 ? 1.682   10.547  4.481   1.00 20.99 ? 20  5CM D "O3'" 1 
HETATM 398  C "C5'" . 5CM D 1 2 ? 0.199   7.858   5.286   1.00 21.44 ? 20  5CM D "C5'" 1 
HETATM 399  O "O5'" . 5CM D 1 2 ? 0.483   6.725   4.506   1.00 22.12 ? 20  5CM D "O5'" 1 
HETATM 400  P P     . 5CM D 1 2 ? -0.629  5.620   4.287   1.00 23.28 ? 20  5CM D P     1 
HETATM 401  O OP1   . 5CM D 1 2 ? -1.867  6.349   3.926   1.00 22.54 ? 20  5CM D OP1   1 
HETATM 402  O OP2   . 5CM D 1 2 ? -0.067  4.595   3.364   1.00 22.88 ? 20  5CM D OP2   1 
ATOM   403  P P     . DT  D 1 3 ? 2.070   11.432  3.174   1.00 20.73 ? 21  DT  D P     1 
ATOM   404  O OP1   . DT  D 1 3 ? 1.262   12.680  3.163   1.00 21.23 ? 21  DT  D OP1   1 
ATOM   405  O OP2   . DT  D 1 3 ? 2.040   10.553  1.983   1.00 19.88 ? 21  DT  D OP2   1 
ATOM   406  O "O5'" . DT  D 1 3 ? 3.573   11.858  3.485   1.00 19.56 ? 21  DT  D "O5'" 1 
ATOM   407  C "C5'" . DT  D 1 3 ? 3.882   12.903  4.407   1.00 18.43 ? 21  DT  D "C5'" 1 
ATOM   408  C "C4'" . DT  D 1 3 ? 5.382   13.078  4.486   1.00 17.81 ? 21  DT  D "C4'" 1 
ATOM   409  O "O4'" . DT  D 1 3 ? 5.947   11.771  4.755   1.00 17.21 ? 21  DT  D "O4'" 1 
ATOM   410  C "C3'" . DT  D 1 3 ? 6.059   13.503  3.180   1.00 18.43 ? 21  DT  D "C3'" 1 
ATOM   411  O "O3'" . DT  D 1 3 ? 6.051   14.926  3.020   1.00 19.89 ? 21  DT  D "O3'" 1 
ATOM   412  C "C2'" . DT  D 1 3 ? 7.468   12.969  3.360   1.00 16.82 ? 21  DT  D "C2'" 1 
ATOM   413  C "C1'" . DT  D 1 3 ? 7.202   11.649  4.075   1.00 16.09 ? 21  DT  D "C1'" 1 
ATOM   414  N N1    . DT  D 1 3 ? 7.146   10.455  3.151   1.00 13.81 ? 21  DT  D N1    1 
ATOM   415  C C2    . DT  D 1 3 ? 8.365   10.009  2.726   1.00 12.69 ? 21  DT  D C2    1 
ATOM   416  O O2    . DT  D 1 3 ? 9.402   10.558  3.036   1.00 12.74 ? 21  DT  D O2    1 
ATOM   417  N N3    . DT  D 1 3 ? 8.331   8.905   1.923   1.00 11.41 ? 21  DT  D N3    1 
ATOM   418  C C4    . DT  D 1 3 ? 7.226   8.215   1.497   1.00 10.76 ? 21  DT  D C4    1 
ATOM   419  O O4    . DT  D 1 3 ? 7.370   7.230   0.775   1.00 9.77  ? 21  DT  D O4    1 
ATOM   420  C C5    . DT  D 1 3 ? 5.955   8.746   1.967   1.00 11.12 ? 21  DT  D C5    1 
ATOM   421  C C7    . DT  D 1 3 ? 4.686   8.066   1.554   1.00 10.63 ? 21  DT  D C7    1 
ATOM   422  C C6    . DT  D 1 3 ? 5.977   9.831   2.758   1.00 12.17 ? 21  DT  D C6    1 
ATOM   423  P P     . DA  D 1 4 ? 5.597   15.568  1.617   1.00 21.07 ? 22  DA  D P     1 
ATOM   424  O OP1   . DA  D 1 4 ? 5.269   16.986  1.877   1.00 20.64 ? 22  DA  D OP1   1 
ATOM   425  O OP2   . DA  D 1 4 ? 4.604   14.703  0.922   1.00 21.21 ? 22  DA  D OP2   1 
ATOM   426  O "O5'" . DA  D 1 4 ? 6.929   15.514  0.746   1.00 21.29 ? 22  DA  D "O5'" 1 
ATOM   427  C "C5'" . DA  D 1 4 ? 8.150   16.059  1.235   1.00 22.18 ? 22  DA  D "C5'" 1 
ATOM   428  C "C4'" . DA  D 1 4 ? 9.263   15.745  0.266   1.00 22.65 ? 22  DA  D "C4'" 1 
ATOM   429  O "O4'" . DA  D 1 4 ? 9.519   14.336  0.398   1.00 22.74 ? 22  DA  D "O4'" 1 
ATOM   430  C "C3'" . DA  D 1 4 ? 8.817   15.909  -1.181  1.00 23.34 ? 22  DA  D "C3'" 1 
ATOM   431  O "O3'" . DA  D 1 4 ? 9.178   17.182  -1.710  1.00 24.85 ? 22  DA  D "O3'" 1 
ATOM   432  C "C2'" . DA  D 1 4 ? 9.569   14.824  -1.918  1.00 23.22 ? 22  DA  D "C2'" 1 
ATOM   433  C "C1'" . DA  D 1 4 ? 9.937   13.816  -0.845  1.00 22.47 ? 22  DA  D "C1'" 1 
ATOM   434  N N9    . DA  D 1 4 ? 9.307   12.514  -1.032  1.00 21.72 ? 22  DA  D N9    1 
ATOM   435  C C8    . DA  D 1 4 ? 8.042   12.091  -0.733  1.00 21.30 ? 22  DA  D C8    1 
ATOM   436  N N7    . DA  D 1 4 ? 7.836   10.822  -1.012  1.00 21.33 ? 22  DA  D N7    1 
ATOM   437  C C5    . DA  D 1 4 ? 9.047   10.390  -1.537  1.00 20.77 ? 22  DA  D C5    1 
ATOM   438  C C6    . DA  D 1 4 ? 9.496   9.144   -2.022  1.00 20.78 ? 22  DA  D C6    1 
ATOM   439  N N6    . DA  D 1 4 ? 8.754   8.040   -2.047  1.00 19.98 ? 22  DA  D N6    1 
ATOM   440  N N1    . DA  D 1 4 ? 10.767  9.070   -2.489  1.00 19.87 ? 22  DA  D N1    1 
ATOM   441  C C2    . DA  D 1 4 ? 11.523  10.170  -2.455  1.00 19.84 ? 22  DA  D C2    1 
ATOM   442  N N3    . DA  D 1 4 ? 11.221  11.385  -2.015  1.00 20.21 ? 22  DA  D N3    1 
ATOM   443  C C4    . DA  D 1 4 ? 9.955   11.428  -1.565  1.00 21.02 ? 22  DA  D C4    1 
ATOM   444  P P     . DG  D 1 5 ? 8.529   17.659  -3.107  1.00 26.54 ? 23  DG  D P     1 
ATOM   445  O OP1   . DG  D 1 5 ? 8.174   19.103  -3.011  1.00 27.44 ? 23  DG  D OP1   1 
ATOM   446  O OP2   . DG  D 1 5 ? 7.461   16.681  -3.474  1.00 27.14 ? 23  DG  D OP2   1 
ATOM   447  O "O5'" . DG  D 1 5 ? 9.712   17.447  -4.156  1.00 25.17 ? 23  DG  D "O5'" 1 
ATOM   448  C "C5'" . DG  D 1 5 ? 9.611   16.427  -5.158  1.00 23.08 ? 23  DG  D "C5'" 1 
ATOM   449  C "C4'" . DG  D 1 5 ? 10.983  16.043  -5.666  1.00 21.66 ? 23  DG  D "C4'" 1 
ATOM   450  O "O4'" . DG  D 1 5 ? 11.562  15.064  -4.772  1.00 20.99 ? 23  DG  D "O4'" 1 
ATOM   451  C "C3'" . DG  D 1 5 ? 10.968  15.392  -7.051  1.00 20.60 ? 23  DG  D "C3'" 1 
ATOM   452  O "O3'" . DG  D 1 5 ? 11.237  16.364  -8.054  1.00 19.51 ? 23  DG  D "O3'" 1 
ATOM   453  C "C2'" . DG  D 1 5 ? 12.084  14.376  -6.964  1.00 20.01 ? 23  DG  D "C2'" 1 
ATOM   454  C "C1'" . DG  D 1 5 ? 11.960  13.924  -5.515  1.00 19.68 ? 23  DG  D "C1'" 1 
ATOM   455  N N9    . DG  D 1 5 ? 10.937  12.931  -5.341  1.00 18.38 ? 23  DG  D N9    1 
ATOM   456  C C8    . DG  D 1 5 ? 9.684   13.116  -4.815  1.00 18.09 ? 23  DG  D C8    1 
ATOM   457  N N7    . DG  D 1 5 ? 8.975   12.022  -4.805  1.00 18.09 ? 23  DG  D N7    1 
ATOM   458  C C5    . DG  D 1 5 ? 9.819   11.062  -5.348  1.00 18.13 ? 23  DG  D C5    1 
ATOM   459  C C6    . DG  D 1 5 ? 9.608   9.684   -5.615  1.00 17.72 ? 23  DG  D C6    1 
ATOM   460  O O6    . DG  D 1 5 ? 8.614   9.006   -5.398  1.00 18.76 ? 23  DG  D O6    1 
ATOM   461  N N1    . DG  D 1 5 ? 10.716  9.100   -6.207  1.00 17.53 ? 23  DG  D N1    1 
ATOM   462  C C2    . DG  D 1 5 ? 11.879  9.756   -6.498  1.00 16.99 ? 23  DG  D C2    1 
ATOM   463  N N2    . DG  D 1 5 ? 12.834  9.029   -7.072  1.00 16.66 ? 23  DG  D N2    1 
ATOM   464  N N3    . DG  D 1 5 ? 12.091  11.023  -6.249  1.00 16.81 ? 23  DG  D N3    1 
ATOM   465  C C4    . DG  D 1 5 ? 11.032  11.615  -5.683  1.00 17.43 ? 23  DG  D C4    1 
ATOM   466  P P     . DC  D 1 6 ? 10.301  16.439  -9.342  1.00 19.70 ? 24  DC  D P     1 
ATOM   467  O OP1   . DC  D 1 6 ? 10.740  17.593  -10.154 1.00 20.97 ? 24  DC  D OP1   1 
ATOM   468  O OP2   . DC  D 1 6 ? 8.878   16.355  -8.924  1.00 20.36 ? 24  DC  D OP2   1 
ATOM   469  O "O5'" . DC  D 1 6 ? 10.648  15.111  -10.152 1.00 18.25 ? 24  DC  D "O5'" 1 
ATOM   470  C "C5'" . DC  D 1 6 ? 11.985  14.679  -10.278 1.00 17.07 ? 24  DC  D "C5'" 1 
ATOM   471  C "C4'" . DC  D 1 6 ? 12.033  13.245  -10.734 1.00 15.94 ? 24  DC  D "C4'" 1 
ATOM   472  O "O4'" . DC  D 1 6 ? 11.896  12.326  -9.638  1.00 15.52 ? 24  DC  D "O4'" 1 
ATOM   473  C "C3'" . DC  D 1 6 ? 10.944  12.816  -11.697 1.00 16.12 ? 24  DC  D "C3'" 1 
ATOM   474  O "O3'" . DC  D 1 6 ? 11.224  13.433  -12.975 1.00 16.98 ? 24  DC  D "O3'" 1 
ATOM   475  C "C2'" . DC  D 1 6 ? 11.102  11.307  -11.627 1.00 15.50 ? 24  DC  D "C2'" 1 
ATOM   476  C "C1'" . DC  D 1 6 ? 11.320  11.106  -10.130 1.00 15.76 ? 24  DC  D "C1'" 1 
ATOM   477  N N1    . DC  D 1 6 ? 10.001  10.850  -9.380  1.00 16.89 ? 24  DC  D N1    1 
ATOM   478  C C2    . DC  D 1 6 ? 9.464   9.557   -9.386  1.00 16.24 ? 24  DC  D C2    1 
ATOM   479  O O2    . DC  D 1 6 ? 10.124  8.642   -9.902  1.00 16.12 ? 24  DC  D O2    1 
ATOM   480  N N3    . DC  D 1 6 ? 8.248   9.333   -8.818  1.00 16.82 ? 24  DC  D N3    1 
ATOM   481  C C4    . DC  D 1 6 ? 7.580   10.344  -8.252  1.00 16.35 ? 24  DC  D C4    1 
ATOM   482  N N4    . DC  D 1 6 ? 6.371   10.096  -7.751  1.00 15.87 ? 24  DC  D N4    1 
ATOM   483  C C5    . DC  D 1 6 ? 8.125   11.656  -8.182  1.00 16.59 ? 24  DC  D C5    1 
ATOM   484  C C6    . DC  D 1 6 ? 9.323   11.868  -8.754  1.00 16.57 ? 24  DC  D C6    1 
ATOM   485  O "O5'" . DG  E 1 1 ? -3.053  -6.835  -22.884 1.00 17.84 ? 25  DG  E "O5'" 1 
ATOM   486  C "C5'" . DG  E 1 1 ? -4.351  -7.435  -23.127 1.00 17.41 ? 25  DG  E "C5'" 1 
ATOM   487  C "C4'" . DG  E 1 1 ? -5.014  -7.729  -21.800 1.00 16.22 ? 25  DG  E "C4'" 1 
ATOM   488  O "O4'" . DG  E 1 1 ? -4.358  -8.852  -21.173 1.00 15.70 ? 25  DG  E "O4'" 1 
ATOM   489  C "C3'" . DG  E 1 1 ? -4.839  -6.601  -20.797 1.00 15.64 ? 25  DG  E "C3'" 1 
ATOM   490  O "O3'" . DG  E 1 1 ? -5.872  -5.622  -20.962 1.00 15.95 ? 25  DG  E "O3'" 1 
ATOM   491  C "C2'" . DG  E 1 1 ? -4.965  -7.329  -19.475 1.00 15.71 ? 25  DG  E "C2'" 1 
ATOM   492  C "C1'" . DG  E 1 1 ? -4.460  -8.731  -19.764 1.00 15.04 ? 25  DG  E "C1'" 1 
ATOM   493  N N9    . DG  E 1 1 ? -3.141  -8.932  -19.191 1.00 14.85 ? 25  DG  E N9    1 
ATOM   494  C C8    . DG  E 1 1 ? -1.947  -8.992  -19.859 1.00 15.00 ? 25  DG  E C8    1 
ATOM   495  N N7    . DG  E 1 1 ? -0.917  -9.114  -19.067 1.00 15.06 ? 25  DG  E N7    1 
ATOM   496  C C5    . DG  E 1 1 ? -1.465  -9.155  -17.797 1.00 15.36 ? 25  DG  E C5    1 
ATOM   497  C C6    . DG  E 1 1 ? -0.843  -9.324  -16.523 1.00 15.03 ? 25  DG  E C6    1 
ATOM   498  O O6    . DG  E 1 1 ? 0.362   -9.421  -16.258 1.00 15.10 ? 25  DG  E O6    1 
ATOM   499  N N1    . DG  E 1 1 ? -1.787  -9.374  -15.493 1.00 15.08 ? 25  DG  E N1    1 
ATOM   500  C C2    . DG  E 1 1 ? -3.147  -9.285  -15.672 1.00 14.75 ? 25  DG  E C2    1 
ATOM   501  N N2    . DG  E 1 1 ? -3.879  -9.361  -14.573 1.00 15.28 ? 25  DG  E N2    1 
ATOM   502  N N3    . DG  E 1 1 ? -3.743  -9.133  -16.845 1.00 14.46 ? 25  DG  E N3    1 
ATOM   503  C C4    . DG  E 1 1 ? -2.846  -9.066  -17.860 1.00 15.27 ? 25  DG  E C4    1 
HETATM 504  N N1    . 5CM E 1 2 ? -4.199  -5.939  -15.258 1.00 14.36 ? 26  5CM E N1    1 
HETATM 505  C C2    . 5CM E 1 2 ? -3.312  -6.068  -14.190 1.00 14.53 ? 26  5CM E C2    1 
HETATM 506  N N3    . 5CM E 1 2 ? -1.966  -6.086  -14.433 1.00 13.76 ? 26  5CM E N3    1 
HETATM 507  C C4    . 5CM E 1 2 ? -1.515  -5.930  -15.686 1.00 13.90 ? 26  5CM E C4    1 
HETATM 508  C C5    . 5CM E 1 2 ? -2.408  -5.748  -16.793 1.00 14.63 ? 26  5CM E C5    1 
HETATM 509  C C5A   . 5CM E 1 2 ? -1.846  -5.529  -18.170 1.00 13.71 ? 26  5CM E C5A   1 
HETATM 510  C C6    . 5CM E 1 2 ? -3.732  -5.775  -16.535 1.00 14.52 ? 26  5CM E C6    1 
HETATM 511  O O2    . 5CM E 1 2 ? -3.780  -6.136  -13.035 1.00 14.38 ? 26  5CM E O2    1 
HETATM 512  N N4    . 5CM E 1 2 ? -0.194  -5.937  -15.882 1.00 12.62 ? 26  5CM E N4    1 
HETATM 513  C "C1'" . 5CM E 1 2 ? -5.642  -5.999  -14.986 1.00 14.90 ? 26  5CM E "C1'" 1 
HETATM 514  C "C2'" . 5CM E 1 2 ? -6.237  -4.672  -14.532 1.00 15.33 ? 26  5CM E "C2'" 1 
HETATM 515  C "C3'" . 5CM E 1 2 ? -6.713  -4.064  -15.834 1.00 15.59 ? 26  5CM E "C3'" 1 
HETATM 516  C "C4'" . 5CM E 1 2 ? -7.192  -5.293  -16.594 1.00 15.74 ? 26  5CM E "C4'" 1 
HETATM 517  O "O4'" . 5CM E 1 2 ? -6.298  -6.353  -16.197 1.00 14.97 ? 26  5CM E "O4'" 1 
HETATM 518  O "O3'" . 5CM E 1 2 ? -7.809  -3.186  -15.586 1.00 16.09 ? 26  5CM E "O3'" 1 
HETATM 519  C "C5'" . 5CM E 1 2 ? -7.222  -5.163  -18.101 1.00 16.77 ? 26  5CM E "C5'" 1 
HETATM 520  O "O5'" . 5CM E 1 2 ? -5.982  -4.631  -18.593 1.00 17.99 ? 26  5CM E "O5'" 1 
HETATM 521  P P     . 5CM E 1 2 ? -5.803  -4.245  -20.133 1.00 16.98 ? 26  5CM E P     1 
HETATM 522  O OP1   . 5CM E 1 2 ? -6.956  -3.425  -20.573 1.00 17.72 ? 26  5CM E OP1   1 
HETATM 523  O OP2   . 5CM E 1 2 ? -4.438  -3.687  -20.143 1.00 18.07 ? 26  5CM E OP2   1 
ATOM   524  P P     . DT  E 1 3 ? -7.532  -1.637  -15.249 1.00 17.26 ? 27  DT  E P     1 
ATOM   525  O OP1   . DT  E 1 3 ? -8.793  -0.913  -14.897 1.00 17.22 ? 27  DT  E OP1   1 
ATOM   526  O OP2   . DT  E 1 3 ? -6.632  -1.096  -16.318 1.00 17.75 ? 27  DT  E OP2   1 
ATOM   527  O "O5'" . DT  E 1 3 ? -6.641  -1.651  -13.944 1.00 15.91 ? 27  DT  E "O5'" 1 
ATOM   528  C "C5'" . DT  E 1 3 ? -7.241  -1.657  -12.688 1.00 15.55 ? 27  DT  E "C5'" 1 
ATOM   529  C "C4'" . DT  E 1 3 ? -6.194  -1.948  -11.650 1.00 14.42 ? 27  DT  E "C4'" 1 
ATOM   530  O "O4'" . DT  E 1 3 ? -5.317  -3.020  -12.026 1.00 13.43 ? 27  DT  E "O4'" 1 
ATOM   531  C "C3'" . DT  E 1 3 ? -5.254  -0.802  -11.399 1.00 14.28 ? 27  DT  E "C3'" 1 
ATOM   532  O "O3'" . DT  E 1 3 ? -5.963  0.188   -10.695 1.00 16.50 ? 27  DT  E "O3'" 1 
ATOM   533  C "C2'" . DT  E 1 3 ? -4.213  -1.499  -10.560 1.00 13.41 ? 27  DT  E "C2'" 1 
ATOM   534  C "C1'" . DT  E 1 3 ? -4.056  -2.763  -11.411 1.00 13.96 ? 27  DT  E "C1'" 1 
ATOM   535  N N1    . DT  E 1 3 ? -3.032  -2.659  -12.514 1.00 13.40 ? 27  DT  E N1    1 
ATOM   536  C C2    . DT  E 1 3 ? -1.726  -2.847  -12.161 1.00 13.17 ? 27  DT  E C2    1 
ATOM   537  O O2    . DT  E 1 3 ? -1.355  -2.929  -11.007 1.00 12.98 ? 27  DT  E O2    1 
ATOM   538  N N3    . DT  E 1 3 ? -0.852  -2.907  -13.221 1.00 14.55 ? 27  DT  E N3    1 
ATOM   539  C C4    . DT  E 1 3 ? -1.153  -2.735  -14.552 1.00 14.58 ? 27  DT  E C4    1 
ATOM   540  O O4    . DT  E 1 3 ? -0.266  -2.846  -15.389 1.00 16.66 ? 27  DT  E O4    1 
ATOM   541  C C5    . DT  E 1 3 ? -2.536  -2.440  -14.851 1.00 14.87 ? 27  DT  E C5    1 
ATOM   542  C C7    . DT  E 1 3 ? -2.921  -2.165  -16.273 1.00 13.84 ? 27  DT  E C7    1 
ATOM   543  C C6    . DT  E 1 3 ? -3.403  -2.422  -13.826 1.00 13.46 ? 27  DT  E C6    1 
ATOM   544  P P     . DA  E 1 4 ? -5.708  1.705   -11.066 1.00 18.17 ? 28  DA  E P     1 
ATOM   545  O OP1   . DA  E 1 4 ? -6.572  2.631   -10.304 1.00 19.81 ? 28  DA  E OP1   1 
ATOM   546  O OP2   . DA  E 1 4 ? -5.759  1.696   -12.545 1.00 19.32 ? 28  DA  E OP2   1 
ATOM   547  O "O5'" . DA  E 1 4 ? -4.205  1.942   -10.615 1.00 17.86 ? 28  DA  E "O5'" 1 
ATOM   548  C "C5'" . DA  E 1 4 ? -3.896  2.499   -9.357  1.00 16.75 ? 28  DA  E "C5'" 1 
ATOM   549  C "C4'" . DA  E 1 4 ? -2.452  2.215   -9.038  1.00 16.76 ? 28  DA  E "C4'" 1 
ATOM   550  O "O4'" . DA  E 1 4 ? -2.039  0.969   -9.638  1.00 16.78 ? 28  DA  E "O4'" 1 
ATOM   551  C "C3'" . DA  E 1 4 ? -1.453  3.187   -9.635  1.00 16.88 ? 28  DA  E "C3'" 1 
ATOM   552  O "O3'" . DA  E 1 4 ? -1.504  4.449   -8.980  1.00 17.02 ? 28  DA  E "O3'" 1 
ATOM   553  C "C2'" . DA  E 1 4 ? -0.179  2.430   -9.324  1.00 16.48 ? 28  DA  E "C2'" 1 
ATOM   554  C "C1'" . DA  E 1 4 ? -0.609  1.010   -9.733  1.00 16.27 ? 28  DA  E "C1'" 1 
ATOM   555  N N9    . DA  E 1 4 ? -0.238  0.722   -11.125 1.00 15.32 ? 28  DA  E N9    1 
ATOM   556  C C8    . DA  E 1 4 ? -1.053  0.722   -12.236 1.00 14.79 ? 28  DA  E C8    1 
ATOM   557  N N7    . DA  E 1 4 ? -0.426  0.415   -13.340 1.00 13.68 ? 28  DA  E N7    1 
ATOM   558  C C5    . DA  E 1 4 ? 0.885   0.199   -12.930 1.00 13.71 ? 28  DA  E C5    1 
ATOM   559  C C6    . DA  E 1 4 ? 2.040   -0.171  -13.630 1.00 13.99 ? 28  DA  E C6    1 
ATOM   560  N N6    . DA  E 1 4 ? 2.065   -0.385  -14.955 1.00 12.80 ? 28  DA  E N6    1 
ATOM   561  N N1    . DA  E 1 4 ? 3.185   -0.308  -12.923 1.00 13.73 ? 28  DA  E N1    1 
ATOM   562  C C2    . DA  E 1 4 ? 3.154   -0.064  -11.602 1.00 13.97 ? 28  DA  E C2    1 
ATOM   563  N N3    . DA  E 1 4 ? 2.134   0.297   -10.841 1.00 13.58 ? 28  DA  E N3    1 
ATOM   564  C C4    . DA  E 1 4 ? 1.014   0.402   -11.573 1.00 13.99 ? 28  DA  E C4    1 
ATOM   565  P P     . DG  E 1 5 ? -1.427  5.805   -9.847  1.00 17.39 ? 29  DG  E P     1 
ATOM   566  O OP1   . DG  E 1 5 ? -1.645  6.932   -8.897  1.00 17.17 ? 29  DG  E OP1   1 
ATOM   567  O OP2   . DG  E 1 5 ? -2.227  5.717   -11.105 1.00 16.07 ? 29  DG  E OP2   1 
ATOM   568  O "O5'" . DG  E 1 5 ? 0.114   5.862   -10.282 1.00 16.69 ? 29  DG  E "O5'" 1 
ATOM   569  C "C5'" . DG  E 1 5 ? 1.141   6.030   -9.302  1.00 14.54 ? 29  DG  E "C5'" 1 
ATOM   570  C "C4'" . DG  E 1 5 ? 2.489   5.644   -9.873  1.00 13.34 ? 29  DG  E "C4'" 1 
ATOM   571  O "O4'" . DG  E 1 5 ? 2.491   4.333   -10.477 1.00 12.37 ? 29  DG  E "O4'" 1 
ATOM   572  C "C3'" . DG  E 1 5 ? 3.012   6.542   -10.985 1.00 12.84 ? 29  DG  E "C3'" 1 
ATOM   573  O "O3'" . DG  E 1 5 ? 3.406   7.809   -10.435 1.00 12.78 ? 29  DG  E "O3'" 1 
ATOM   574  C "C2'" . DG  E 1 5 ? 4.190   5.711   -11.464 1.00 12.20 ? 29  DG  E "C2'" 1 
ATOM   575  C "C1'" . DG  E 1 5 ? 3.667   4.281   -11.290 1.00 11.90 ? 29  DG  E "C1'" 1 
ATOM   576  N N9    . DG  E 1 5 ? 3.315   3.696   -12.565 1.00 10.13 ? 29  DG  E N9    1 
ATOM   577  C C8    . DG  E 1 5 ? 2.100   3.666   -13.208 1.00 9.11  ? 29  DG  E C8    1 
ATOM   578  N N7    . DG  E 1 5 ? 2.159   3.101   -14.387 1.00 8.42  ? 29  DG  E N7    1 
ATOM   579  C C5    . DG  E 1 5 ? 3.494   2.726   -14.518 1.00 8.21  ? 29  DG  E C5    1 
ATOM   580  C C6    . DG  E 1 5 ? 4.196   2.115   -15.607 1.00 6.40  ? 29  DG  E C6    1 
ATOM   581  O O6    . DG  E 1 5 ? 3.750   1.729   -16.695 1.00 5.23  ? 29  DG  E O6    1 
ATOM   582  N N1    . DG  E 1 5 ? 5.550   1.963   -15.318 1.00 5.47  ? 29  DG  E N1    1 
ATOM   583  C C2    . DG  E 1 5 ? 6.152   2.349   -14.139 1.00 6.66  ? 29  DG  E C2    1 
ATOM   584  N N2    . DG  E 1 5 ? 7.444   2.127   -14.014 1.00 6.32  ? 29  DG  E N2    1 
ATOM   585  N N3    . DG  E 1 5 ? 5.519   2.917   -13.126 1.00 8.05  ? 29  DG  E N3    1 
ATOM   586  C C4    . DG  E 1 5 ? 4.206   3.073   -13.385 1.00 9.19  ? 29  DG  E C4    1 
ATOM   587  P P     . DC  E 1 6 ? 3.557   9.094   -11.396 1.00 11.98 ? 30  DC  E P     1 
ATOM   588  O OP1   . DC  E 1 6 ? 3.620   10.290  -10.512 1.00 10.69 ? 30  DC  E OP1   1 
ATOM   589  O OP2   . DC  E 1 6 ? 2.551   9.003   -12.471 1.00 9.90  ? 30  DC  E OP2   1 
ATOM   590  O "O5'" . DC  E 1 6 ? 5.000   8.866   -12.053 1.00 12.14 ? 30  DC  E "O5'" 1 
ATOM   591  C "C5'" . DC  E 1 6 ? 6.213   8.958   -11.280 1.00 10.40 ? 30  DC  E "C5'" 1 
ATOM   592  C "C4'" . DC  E 1 6 ? 7.370   8.322   -12.022 1.00 10.10 ? 30  DC  E "C4'" 1 
ATOM   593  O "O4'" . DC  E 1 6 ? 7.112   6.946   -12.387 1.00 9.07  ? 30  DC  E "O4'" 1 
ATOM   594  C "C3'" . DC  E 1 6 ? 7.762   8.972   -13.350 1.00 9.96  ? 30  DC  E "C3'" 1 
ATOM   595  O "O3'" . DC  E 1 6 ? 8.609   10.101  -13.181 1.00 11.37 ? 30  DC  E "O3'" 1 
ATOM   596  C "C2'" . DC  E 1 6 ? 8.629   7.888   -13.944 1.00 9.22  ? 30  DC  E "C2'" 1 
ATOM   597  C "C1'" . DC  E 1 6 ? 7.855   6.630   -13.563 1.00 8.47  ? 30  DC  E "C1'" 1 
ATOM   598  N N1    . DC  E 1 6 ? 6.907   6.209   -14.624 1.00 8.08  ? 30  DC  E N1    1 
ATOM   599  C C2    . DC  E 1 6 ? 7.360   5.334   -15.591 1.00 8.18  ? 30  DC  E C2    1 
ATOM   600  O O2    . DC  E 1 6 ? 8.544   4.987   -15.547 1.00 10.45 ? 30  DC  E O2    1 
ATOM   601  N N3    . DC  E 1 6 ? 6.526   4.902   -16.558 1.00 6.51  ? 30  DC  E N3    1 
ATOM   602  C C4    . DC  E 1 6 ? 5.285   5.356   -16.601 1.00 6.01  ? 30  DC  E C4    1 
ATOM   603  N N4    . DC  E 1 6 ? 4.502   4.941   -17.597 1.00 6.09  ? 30  DC  E N4    1 
ATOM   604  C C5    . DC  E 1 6 ? 4.790   6.267   -15.636 1.00 6.63  ? 30  DC  E C5    1 
ATOM   605  C C6    . DC  E 1 6 ? 5.622   6.660   -14.668 1.00 7.46  ? 30  DC  E C6    1 
ATOM   606  O "O5'" . DG  F 1 1 ? 8.532   0.370   -25.935 1.00 16.87 ? 31  DG  F "O5'" 1 
ATOM   607  C "C5'" . DG  F 1 1 ? 9.666   -0.445  -25.558 1.00 15.56 ? 31  DG  F "C5'" 1 
ATOM   608  C "C4'" . DG  F 1 1 ? 10.660  0.163   -24.595 1.00 14.32 ? 31  DG  F "C4'" 1 
ATOM   609  O "O4'" . DG  F 1 1 ? 10.407  1.564   -24.362 1.00 13.22 ? 31  DG  F "O4'" 1 
ATOM   610  C "C3'" . DG  F 1 1 ? 10.632  -0.449  -23.211 1.00 14.74 ? 31  DG  F "C3'" 1 
ATOM   611  O "O3'" . DG  F 1 1 ? 11.381  -1.655  -23.170 1.00 16.99 ? 31  DG  F "O3'" 1 
ATOM   612  C "C2'" . DG  F 1 1 ? 11.237  0.653   -22.365 1.00 13.65 ? 31  DG  F "C2'" 1 
ATOM   613  C "C1'" . DG  F 1 1 ? 10.558  1.868   -22.976 1.00 12.67 ? 31  DG  F "C1'" 1 
ATOM   614  N N9    . DG  F 1 1 ? 9.206   2.211   -22.438 1.00 12.43 ? 31  DG  F N9    1 
ATOM   615  C C8    . DG  F 1 1 ? 8.009   2.121   -23.121 1.00 11.94 ? 31  DG  F C8    1 
ATOM   616  N N7    . DG  F 1 1 ? 6.989   2.544   -22.427 1.00 11.27 ? 31  DG  F N7    1 
ATOM   617  C C5    . DG  F 1 1 ? 7.535   2.920   -21.204 1.00 11.59 ? 31  DG  F C5    1 
ATOM   618  C C6    . DG  F 1 1 ? 6.930   3.511   -20.068 1.00 11.39 ? 31  DG  F C6    1 
ATOM   619  O O6    . DG  F 1 1 ? 5.738   3.789   -19.895 1.00 13.76 ? 31  DG  F O6    1 
ATOM   620  N N1    . DG  F 1 1 ? 7.853   3.786   -19.069 1.00 10.62 ? 31  DG  F N1    1 
ATOM   621  C C2    . DG  F 1 1 ? 9.196   3.527   -19.150 1.00 10.62 ? 31  DG  F C2    1 
ATOM   622  N N2    . DG  F 1 1 ? 9.957   3.858   -18.091 1.00 9.88  ? 31  DG  F N2    1 
ATOM   623  N N3    . DG  F 1 1 ? 9.771   2.981   -20.199 1.00 10.78 ? 31  DG  F N3    1 
ATOM   624  C C4    . DG  F 1 1 ? 8.897   2.709   -21.187 1.00 11.33 ? 31  DG  F C4    1 
HETATM 625  N N1    . 5CM F 1 2 ? 9.312   0.014   -18.290 1.00 12.12 ? 32  5CM F N1    1 
HETATM 626  C C2    . 5CM F 1 2 ? 8.522   0.696   -17.377 1.00 11.36 ? 32  5CM F C2    1 
HETATM 627  N N3    . 5CM F 1 2 ? 7.201   0.809   -17.600 1.00 11.38 ? 32  5CM F N3    1 
HETATM 628  C C4    . 5CM F 1 2 ? 6.670   0.263   -18.691 1.00 10.96 ? 32  5CM F C4    1 
HETATM 629  C C5    . 5CM F 1 2 ? 7.469   -0.452  -19.644 1.00 10.51 ? 32  5CM F C5    1 
HETATM 630  C C5A   . 5CM F 1 2 ? 6.824   -1.059  -20.852 1.00 10.61 ? 32  5CM F C5A   1 
HETATM 631  C C6    . 5CM F 1 2 ? 8.764   -0.545  -19.404 1.00 10.55 ? 32  5CM F C6    1 
HETATM 632  O O2    . 5CM F 1 2 ? 9.049   1.188   -16.374 1.00 10.91 ? 32  5CM F O2    1 
HETATM 633  N N4    . 5CM F 1 2 ? 5.356   0.416   -18.866 1.00 10.19 ? 32  5CM F N4    1 
HETATM 634  C "C1'" . 5CM F 1 2 ? 10.717  -0.092  -18.047 1.00 13.89 ? 32  5CM F "C1'" 1 
HETATM 635  C "C2'" . 5CM F 1 2 ? 11.043  -1.070  -16.936 1.00 15.36 ? 32  5CM F "C2'" 1 
HETATM 636  C "C3'" . 5CM F 1 2 ? 11.342  -2.344  -17.709 1.00 16.81 ? 32  5CM F "C3'" 1 
HETATM 637  C "C4'" . 5CM F 1 2 ? 12.049  -1.800  -18.937 1.00 16.43 ? 32  5CM F "C4'" 1 
HETATM 638  O "O4'" . 5CM F 1 2 ? 11.304  -0.605  -19.233 1.00 16.04 ? 32  5CM F "O4'" 1 
HETATM 639  O "O3'" . 5CM F 1 2 ? 12.223  -3.206  -16.981 1.00 17.85 ? 32  5CM F "O3'" 1 
HETATM 640  C "C5'" . 5CM F 1 2 ? 12.054  -2.725  -20.132 1.00 17.31 ? 32  5CM F "C5'" 1 
HETATM 641  O "O5'" . 5CM F 1 2 ? 10.849  -2.586  -20.866 1.00 18.13 ? 32  5CM F "O5'" 1 
HETATM 642  P P     . 5CM F 1 2 ? 10.770  -2.938  -22.416 1.00 19.13 ? 32  5CM F P     1 
HETATM 643  O OP1   . 5CM F 1 2 ? 11.634  -4.125  -22.676 1.00 19.66 ? 32  5CM F OP1   1 
HETATM 644  O OP2   . 5CM F 1 2 ? 9.317   -2.983  -22.788 1.00 18.82 ? 32  5CM F OP2   1 
ATOM   645  P P     . DT  F 1 3 ? 11.615  -4.445  -16.171 1.00 17.33 ? 33  DT  F P     1 
ATOM   646  O OP1   . DT  F 1 3 ? 12.727  -5.296  -15.700 1.00 18.65 ? 33  DT  F OP1   1 
ATOM   647  O OP2   . DT  F 1 3 ? 10.542  -5.005  -17.031 1.00 17.08 ? 33  DT  F OP2   1 
ATOM   648  O "O5'" . DT  F 1 3 ? 11.066  -3.724  -14.867 1.00 17.13 ? 33  DT  F "O5'" 1 
ATOM   649  C "C5'" . DT  F 1 3 ? 11.930  -2.894  -14.080 1.00 16.39 ? 33  DT  F "C5'" 1 
ATOM   650  C "C4'" . DT  F 1 3 ? 11.149  -2.225  -12.971 1.00 16.17 ? 33  DT  F "C4'" 1 
ATOM   651  O "O4'" . DT  F 1 3 ? 10.196  -1.321  -13.564 1.00 15.09 ? 33  DT  F "O4'" 1 
ATOM   652  C "C3'" . DT  F 1 3 ? 10.285  -3.179  -12.149 1.00 16.72 ? 33  DT  F "C3'" 1 
ATOM   653  O "O3'" . DT  F 1 3 ? 11.056  -3.712  -11.083 1.00 18.27 ? 33  DT  F "O3'" 1 
ATOM   654  C "C2'" . DT  F 1 3 ? 9.189   -2.271  -11.625 1.00 15.08 ? 33  DT  F "C2'" 1 
ATOM   655  C "C1'" . DT  F 1 3 ? 9.004   -1.311  -12.792 1.00 14.20 ? 33  DT  F "C1'" 1 
ATOM   656  N N1    . DT  F 1 3 ? 7.862   -1.561  -13.699 1.00 11.77 ? 33  DT  F N1    1 
ATOM   657  C C2    . DT  F 1 3 ? 6.687   -1.018  -13.296 1.00 9.99  ? 33  DT  F C2    1 
ATOM   658  O O2    . DT  F 1 3 ? 6.576   -0.444  -12.248 1.00 10.22 ? 33  DT  F O2    1 
ATOM   659  N N3    . DT  F 1 3 ? 5.655   -1.166  -14.152 1.00 9.04  ? 33  DT  F N3    1 
ATOM   660  C C4    . DT  F 1 3 ? 5.659   -1.814  -15.351 1.00 8.87  ? 33  DT  F C4    1 
ATOM   661  O O4    . DT  F 1 3 ? 4.631   -1.848  -16.022 1.00 8.21  ? 33  DT  F O4    1 
ATOM   662  C C5    . DT  F 1 3 ? 6.927   -2.408  -15.717 1.00 9.83  ? 33  DT  F C5    1 
ATOM   663  C C7    . DT  F 1 3 ? 7.030   -3.156  -17.009 1.00 9.62  ? 33  DT  F C7    1 
ATOM   664  C C6    . DT  F 1 3 ? 7.957   -2.257  -14.878 1.00 10.36 ? 33  DT  F C6    1 
ATOM   665  P P     . DA  F 1 4 ? 10.861  -5.245  -10.651 1.00 19.03 ? 34  DA  F P     1 
ATOM   666  O OP1   . DA  F 1 4 ? 11.940  -5.500  -9.680  1.00 19.45 ? 34  DA  F OP1   1 
ATOM   667  O OP2   . DA  F 1 4 ? 10.658  -6.127  -11.821 1.00 18.51 ? 34  DA  F OP2   1 
ATOM   668  O "O5'" . DA  F 1 4 ? 9.507   -5.237  -9.798  1.00 20.48 ? 34  DA  F "O5'" 1 
ATOM   669  C "C5'" . DA  F 1 4 ? 9.206   -4.191  -8.861  1.00 19.86 ? 34  DA  F "C5'" 1 
ATOM   670  C "C4'" . DA  F 1 4 ? 7.809   -4.395  -8.324  1.00 18.91 ? 34  DA  F "C4'" 1 
ATOM   671  O "O4'" . DA  F 1 4 ? 6.856   -3.760  -9.215  1.00 17.11 ? 34  DA  F "O4'" 1 
ATOM   672  C "C3'" . DA  F 1 4 ? 7.450   -5.883  -8.324  1.00 19.24 ? 34  DA  F "C3'" 1 
ATOM   673  O "O3'" . DA  F 1 4 ? 6.521   -6.165  -7.280  1.00 21.24 ? 34  DA  F "O3'" 1 
ATOM   674  C "C2'" . DA  F 1 4 ? 6.688   -6.030  -9.616  1.00 17.60 ? 34  DA  F "C2'" 1 
ATOM   675  C "C1'" . DA  F 1 4 ? 5.896   -4.740  -9.527  1.00 16.94 ? 34  DA  F "C1'" 1 
ATOM   676  N N9    . DA  F 1 4 ? 5.315   -4.456  -10.803 1.00 15.10 ? 34  DA  F N9    1 
ATOM   677  C C8    . DA  F 1 4 ? 5.921   -4.658  -12.016 1.00 15.73 ? 34  DA  F C8    1 
ATOM   678  N N7    . DA  F 1 4 ? 5.129   -4.466  -13.039 1.00 15.72 ? 34  DA  F N7    1 
ATOM   679  C C5    . DA  F 1 4 ? 3.931   -4.072  -12.457 1.00 14.35 ? 34  DA  F C5    1 
ATOM   680  C C6    . DA  F 1 4 ? 2.700   -3.756  -13.015 1.00 13.71 ? 34  DA  F C6    1 
ATOM   681  N N6    . DA  F 1 4 ? 2.486   -3.778  -14.334 1.00 13.66 ? 34  DA  F N6    1 
ATOM   682  N N1    . DA  F 1 4 ? 1.690   -3.414  -12.174 1.00 12.86 ? 34  DA  F N1    1 
ATOM   683  C C2    . DA  F 1 4 ? 1.939   -3.406  -10.855 1.00 12.93 ? 34  DA  F C2    1 
ATOM   684  N N3    . DA  F 1 4 ? 3.071   -3.696  -10.209 1.00 14.07 ? 34  DA  F N3    1 
ATOM   685  C C4    . DA  F 1 4 ? 4.040   -4.029  -11.082 1.00 14.49 ? 34  DA  F C4    1 
ATOM   686  P P     . DG  F 1 5 ? 6.744   -7.432  -6.307  1.00 21.99 ? 35  DG  F P     1 
ATOM   687  O OP1   . DG  F 1 5 ? 7.557   -6.988  -5.136  1.00 20.77 ? 35  DG  F OP1   1 
ATOM   688  O OP2   . DG  F 1 5 ? 7.106   -8.662  -7.074  1.00 21.14 ? 35  DG  F OP2   1 
ATOM   689  O "O5'" . DG  F 1 5 ? 5.268   -7.696  -5.773  1.00 21.09 ? 35  DG  F "O5'" 1 
ATOM   690  C "C5'" . DG  F 1 5 ? 4.331   -8.425  -6.549  1.00 19.30 ? 35  DG  F "C5'" 1 
ATOM   691  C "C4'" . DG  F 1 5 ? 2.942   -8.097  -6.065  1.00 17.99 ? 35  DG  F "C4'" 1 
ATOM   692  O "O4'" . DG  F 1 5 ? 2.645   -6.773  -6.563  1.00 17.27 ? 35  DG  F "O4'" 1 
ATOM   693  C "C3'" . DG  F 1 5 ? 1.837   -9.011  -6.589  1.00 17.31 ? 35  DG  F "C3'" 1 
ATOM   694  O "O3'" . DG  F 1 5 ? 1.558   -10.047 -5.633  1.00 17.04 ? 35  DG  F "O3'" 1 
ATOM   695  C "C2'" . DG  F 1 5 ? 0.686   -8.041  -6.763  1.00 16.72 ? 35  DG  F "C2'" 1 
ATOM   696  C "C1'" . DG  F 1 5 ? 1.414   -6.791  -7.247  1.00 16.20 ? 35  DG  F "C1'" 1 
ATOM   697  N N9    . DG  F 1 5 ? 1.707   -6.836  -8.668  1.00 15.01 ? 35  DG  F N9    1 
ATOM   698  C C8    . DG  F 1 5 ? 2.901   -7.125  -9.276  1.00 14.18 ? 35  DG  F C8    1 
ATOM   699  N N7    . DG  F 1 5 ? 2.795   -7.195  -10.576 1.00 13.98 ? 35  DG  F N7    1 
ATOM   700  C C5    . DG  F 1 5 ? 1.472   -6.894  -10.839 1.00 13.44 ? 35  DG  F C5    1 
ATOM   701  C C6    . DG  F 1 5 ? 0.764   -6.850  -12.050 1.00 13.36 ? 35  DG  F C6    1 
ATOM   702  O O6    . DG  F 1 5 ? 1.173   -7.044  -13.173 1.00 13.68 ? 35  DG  F O6    1 
ATOM   703  N N1    . DG  F 1 5 ? -0.575  -6.546  -11.857 1.00 13.60 ? 35  DG  F N1    1 
ATOM   704  C C2    . DG  F 1 5 ? -1.155  -6.322  -10.646 1.00 13.60 ? 35  DG  F C2    1 
ATOM   705  N N2    . DG  F 1 5 ? -2.473  -6.046  -10.660 1.00 14.05 ? 35  DG  F N2    1 
ATOM   706  N N3    . DG  F 1 5 ? -0.507  -6.361  -9.509  1.00 13.01 ? 35  DG  F N3    1 
ATOM   707  C C4    . DG  F 1 5 ? 0.789   -6.652  -9.675  1.00 13.81 ? 35  DG  F C4    1 
ATOM   708  P P     . DC  F 1 6 ? 1.440   -11.578 -6.123  1.00 17.68 ? 36  DC  F P     1 
ATOM   709  O OP1   . DC  F 1 6 ? 1.432   -12.390 -4.891  1.00 19.14 ? 36  DC  F OP1   1 
ATOM   710  O OP2   . DC  F 1 6 ? 2.403   -11.922 -7.197  1.00 18.15 ? 36  DC  F OP2   1 
ATOM   711  O "O5'" . DC  F 1 6 ? 0.010   -11.668 -6.824  1.00 16.61 ? 36  DC  F "O5'" 1 
ATOM   712  C "C5'" . DC  F 1 6 ? -1.066  -10.872 -6.364  1.00 15.70 ? 36  DC  F "C5'" 1 
ATOM   713  C "C4'" . DC  F 1 6 ? -2.090  -10.678 -7.453  1.00 14.72 ? 36  DC  F "C4'" 1 
ATOM   714  O "O4'" . DC  F 1 6 ? -1.769  -9.563  -8.314  1.00 14.16 ? 36  DC  F "O4'" 1 
ATOM   715  C "C3'" . DC  F 1 6 ? -2.319  -11.815 -8.432  1.00 14.60 ? 36  DC  F "C3'" 1 
ATOM   716  O "O3'" . DC  F 1 6 ? -3.009  -12.958 -7.953  1.00 16.19 ? 36  DC  F "O3'" 1 
ATOM   717  C "C2'" . DC  F 1 6 ? -3.202  -11.108 -9.438  1.00 14.36 ? 36  DC  F "C2'" 1 
ATOM   718  C "C1'" . DC  F 1 6 ? -2.438  -9.793  -9.569  1.00 14.68 ? 36  DC  F "C1'" 1 
ATOM   719  N N1    . DC  F 1 6 ? -1.424  -9.943  -10.615 1.00 14.94 ? 36  DC  F N1    1 
ATOM   720  C C2    . DC  F 1 6 ? -1.829  -9.829  -11.947 1.00 14.65 ? 36  DC  F C2    1 
ATOM   721  O O2    . DC  F 1 6 ? -3.023  -9.674  -12.192 1.00 14.60 ? 36  DC  F O2    1 
ATOM   722  N N3    . DC  F 1 6 ? -0.915  -9.916  -12.931 1.00 15.01 ? 36  DC  F N3    1 
ATOM   723  C C4    . DC  F 1 6 ? 0.368   -10.144 -12.620 1.00 15.22 ? 36  DC  F C4    1 
ATOM   724  N N4    . DC  F 1 6 ? 1.234   -10.223 -13.623 1.00 14.29 ? 36  DC  F N4    1 
ATOM   725  C C5    . DC  F 1 6 ? 0.807   -10.303 -11.266 1.00 15.14 ? 36  DC  F C5    1 
ATOM   726  C C6    . DC  F 1 6 ? -0.115  -10.184 -10.303 1.00 14.34 ? 36  DC  F C6    1 
ATOM   727  O "O5'" . DG  G 1 1 ? 1.106   9.428   22.400  1.00 18.47 ? 37  DG  G "O5'" 1 
ATOM   728  C "C5'" . DG  G 1 1 ? 1.803   10.677  22.255  1.00 18.01 ? 37  DG  G "C5'" 1 
ATOM   729  C "C4'" . DG  G 1 1 ? 2.575   10.867  20.969  1.00 17.06 ? 37  DG  G "C4'" 1 
ATOM   730  O "O4'" . DG  G 1 1 ? 3.685   9.943   20.921  1.00 16.44 ? 37  DG  G "O4'" 1 
ATOM   731  C "C3'" . DG  G 1 1 ? 1.797   10.582  19.692  1.00 17.03 ? 37  DG  G "C3'" 1 
ATOM   732  O "O3'" . DG  G 1 1 ? 1.014   11.709  19.279  1.00 17.04 ? 37  DG  G "O3'" 1 
ATOM   733  C "C2'" . DG  G 1 1 ? 2.919   10.318  18.710  1.00 16.56 ? 37  DG  G "C2'" 1 
ATOM   734  C "C1'" . DG  G 1 1 ? 3.960   9.609   19.567  1.00 16.06 ? 37  DG  G "C1'" 1 
ATOM   735  N N9    . DG  G 1 1 ? 3.932   8.163   19.456  1.00 15.16 ? 37  DG  G N9    1 
ATOM   736  C C8    . DG  G 1 1 ? 3.481   7.289   20.397  1.00 15.17 ? 37  DG  G C8    1 
ATOM   737  N N7    . DG  G 1 1 ? 3.560   6.044   20.019  1.00 14.88 ? 37  DG  G N7    1 
ATOM   738  C C5    . DG  G 1 1 ? 4.113   6.097   18.752  1.00 14.63 ? 37  DG  G C5    1 
ATOM   739  C C6    . DG  G 1 1 ? 4.409   5.060   17.846  1.00 13.94 ? 37  DG  G C6    1 
ATOM   740  O O6    . DG  G 1 1 ? 4.287   3.847   18.001  1.00 12.74 ? 37  DG  G O6    1 
ATOM   741  N N1    . DG  G 1 1 ? 4.913   5.555   16.653  1.00 14.43 ? 37  DG  G N1    1 
ATOM   742  C C2    . DG  G 1 1 ? 5.119   6.884   16.375  1.00 14.66 ? 37  DG  G C2    1 
ATOM   743  N N2    . DG  G 1 1 ? 5.623   7.174   15.170  1.00 14.19 ? 37  DG  G N2    1 
ATOM   744  N N3    . DG  G 1 1 ? 4.854   7.858   17.220  1.00 15.27 ? 37  DG  G N3    1 
ATOM   745  C C4    . DG  G 1 1 ? 4.351   7.397   18.383  1.00 14.96 ? 37  DG  G C4    1 
HETATM 746  N N1    . 5CM G 1 2 ? 2.350   8.246   14.683  1.00 14.68 ? 38  5CM G N1    1 
HETATM 747  C C2    . 5CM G 1 2 ? 2.563   7.063   13.984  1.00 15.16 ? 38  5CM G C2    1 
HETATM 748  N N3    . 5CM G 1 2 ? 2.201   5.880   14.530  1.00 15.62 ? 38  5CM G N3    1 
HETATM 749  C C4    . 5CM G 1 2 ? 1.611   5.860   15.724  1.00 15.60 ? 38  5CM G C4    1 
HETATM 750  C C5    . 5CM G 1 2 ? 1.331   7.072   16.452  1.00 15.47 ? 38  5CM G C5    1 
HETATM 751  C C5A   . 5CM G 1 2 ? 0.629   7.011   17.775  1.00 15.45 ? 38  5CM G C5A   1 
HETATM 752  C C6    . 5CM G 1 2 ? 1.716   8.227   15.896  1.00 14.88 ? 38  5CM G C6    1 
HETATM 753  O O2    . 5CM G 1 2 ? 3.073   7.117   12.863  1.00 15.54 ? 38  5CM G O2    1 
HETATM 754  N N4    . 5CM G 1 2 ? 1.300   4.658   16.219  1.00 15.42 ? 38  5CM G N4    1 
HETATM 755  C "C1'" . 5CM G 1 2 ? 2.832   9.492   14.098  1.00 14.19 ? 38  5CM G "C1'" 1 
HETATM 756  C "C2'" . 5CM G 1 2 ? 1.859   10.094  13.106  1.00 14.83 ? 38  5CM G "C2'" 1 
HETATM 757  C "C3'" . 5CM G 1 2 ? 1.090   11.084  13.957  1.00 14.98 ? 38  5CM G "C3'" 1 
HETATM 758  C "C4'" . 5CM G 1 2 ? 2.140   11.586  14.930  1.00 14.59 ? 38  5CM G "C4'" 1 
HETATM 759  O "O4'" . 5CM G 1 2 ? 3.011   10.448  15.138  1.00 14.01 ? 38  5CM G "O4'" 1 
HETATM 760  O "O3'" . 5CM G 1 2 ? 0.627   12.152  13.148  1.00 15.29 ? 38  5CM G "O3'" 1 
HETATM 761  C "C5'" . 5CM G 1 2 ? 1.574   12.126  16.231  1.00 15.51 ? 38  5CM G "C5'" 1 
HETATM 762  O "O5'" . 5CM G 1 2 ? 0.597   11.209  16.792  1.00 16.83 ? 38  5CM G "O5'" 1 
HETATM 763  P P     . 5CM G 1 2 ? -0.150  11.520  18.174  1.00 17.41 ? 38  5CM G P     1 
HETATM 764  O OP1   . 5CM G 1 2 ? -0.818  12.854  18.109  1.00 17.50 ? 38  5CM G OP1   1 
HETATM 765  O OP2   . 5CM G 1 2 ? -0.942  10.304  18.467  1.00 17.25 ? 38  5CM G OP2   1 
ATOM   766  P P     . DT  G 1 3 ? -0.743  11.983  12.339  1.00 16.51 ? 39  DT  G P     1 
ATOM   767  O OP1   . DT  G 1 3 ? -0.945  13.209  11.522  1.00 17.03 ? 39  DT  G OP1   1 
ATOM   768  O OP2   . DT  G 1 3 ? -1.791  11.542  13.310  1.00 17.82 ? 39  DT  G OP2   1 
ATOM   769  O "O5'" . DT  G 1 3 ? -0.569  10.718  11.395  1.00 16.76 ? 39  DT  G "O5'" 1 
ATOM   770  C "C5'" . DT  G 1 3 ? 0.394   10.725  10.346  1.00 17.21 ? 39  DT  G "C5'" 1 
ATOM   771  C "C4'" . DT  G 1 3 ? 0.339   9.422   9.592   1.00 16.36 ? 39  DT  G "C4'" 1 
ATOM   772  O "O4'" . DT  G 1 3 ? 0.977   8.363   10.335  1.00 15.64 ? 39  DT  G "O4'" 1 
ATOM   773  C "C3'" . DT  G 1 3 ? -1.082  8.935   9.368   1.00 16.08 ? 39  DT  G "C3'" 1 
ATOM   774  O "O3'" . DT  G 1 3 ? -1.616  9.623   8.240   1.00 17.34 ? 39  DT  G "O3'" 1 
ATOM   775  C "C2'" . DT  G 1 3 ? -0.854  7.470   9.077   1.00 15.41 ? 39  DT  G "C2'" 1 
ATOM   776  C "C1'" . DT  G 1 3 ? 0.281   7.146   10.051  1.00 15.54 ? 39  DT  G "C1'" 1 
ATOM   777  N N1    . DT  G 1 3 ? -0.205  6.606   11.322  1.00 14.83 ? 39  DT  G N1    1 
ATOM   778  C C2    . DT  G 1 3 ? -0.240  5.248   11.449  1.00 13.44 ? 39  DT  G C2    1 
ATOM   779  O O2    . DT  G 1 3 ? 0.033   4.490   10.547  1.00 12.62 ? 39  DT  G O2    1 
ATOM   780  N N3    . DT  G 1 3 ? -0.632  4.799   12.677  1.00 14.43 ? 39  DT  G N3    1 
ATOM   781  C C4    . DT  G 1 3 ? -1.027  5.558   13.758  1.00 14.44 ? 39  DT  G C4    1 
ATOM   782  O O4    . DT  G 1 3 ? -1.336  4.988   14.790  1.00 15.19 ? 39  DT  G O4    1 
ATOM   783  C C5    . DT  G 1 3 ? -1.024  7.005   13.538  1.00 14.51 ? 39  DT  G C5    1 
ATOM   784  C C7    . DT  G 1 3 ? -1.499  7.930   14.616  1.00 13.78 ? 39  DT  G C7    1 
ATOM   785  C C6    . DT  G 1 3 ? -0.598  7.446   12.349  1.00 14.00 ? 39  DT  G C6    1 
ATOM   786  P P     . DA  G 1 4 ? -3.141  9.404   7.833   1.00 18.83 ? 40  DA  G P     1 
ATOM   787  O OP1   . DA  G 1 4 ? -3.524  10.075  6.566   1.00 19.82 ? 40  DA  G OP1   1 
ATOM   788  O OP2   . DA  G 1 4 ? -3.904  9.692   9.073   1.00 19.99 ? 40  DA  G OP2   1 
ATOM   789  O "O5'" . DA  G 1 4 ? -3.218  7.841   7.597   1.00 17.79 ? 40  DA  G "O5'" 1 
ATOM   790  C "C5'" . DA  G 1 4 ? -4.049  7.326   6.603   1.00 16.85 ? 40  DA  G "C5'" 1 
ATOM   791  C "C4'" . DA  G 1 4 ? -4.168  5.836   6.778   1.00 16.81 ? 40  DA  G "C4'" 1 
ATOM   792  O "O4'" . DA  G 1 4 ? -3.232  5.318   7.746   1.00 16.46 ? 40  DA  G "O4'" 1 
ATOM   793  C "C3'" . DA  G 1 4 ? -5.514  5.425   7.353   1.00 17.46 ? 40  DA  G "C3'" 1 
ATOM   794  O "O3'" . DA  G 1 4 ? -6.526  5.609   6.356   1.00 18.66 ? 40  DA  G "O3'" 1 
ATOM   795  C "C2'" . DA  G 1 4 ? -5.229  3.977   7.720   1.00 16.39 ? 40  DA  G "C2'" 1 
ATOM   796  C "C1'" . DA  G 1 4 ? -3.818  4.112   8.298   1.00 15.69 ? 40  DA  G "C1'" 1 
ATOM   797  N N9    . DA  G 1 4 ? -3.880  4.258   9.753   1.00 14.32 ? 40  DA  G N9    1 
ATOM   798  C C8    . DA  G 1 4 ? -3.894  5.406   10.503  1.00 13.53 ? 40  DA  G C8    1 
ATOM   799  N N7    . DA  G 1 4 ? -3.952  5.180   11.792  1.00 12.34 ? 40  DA  G N7    1 
ATOM   800  C C5    . DA  G 1 4 ? -3.976  3.798   11.892  1.00 12.28 ? 40  DA  G C5    1 
ATOM   801  C C6    . DA  G 1 4 ? -4.067  2.936   12.987  1.00 11.79 ? 40  DA  G C6    1 
ATOM   802  N N6    . DA  G 1 4 ? -4.102  3.353   14.256  1.00 10.33 ? 40  DA  G N6    1 
ATOM   803  N N1    . DA  G 1 4 ? -4.118  1.617   12.732  1.00 11.80 ? 40  DA  G N1    1 
ATOM   804  C C2    . DA  G 1 4 ? -4.078  1.201   11.469  1.00 11.50 ? 40  DA  G C2    1 
ATOM   805  N N3    . DA  G 1 4 ? -3.989  1.909   10.366  1.00 11.82 ? 40  DA  G N3    1 
ATOM   806  C C4    . DA  G 1 4 ? -3.938  3.218   10.646  1.00 12.41 ? 40  DA  G C4    1 
ATOM   807  P P     . DG  G 1 5 ? -8.064  5.761   6.804   1.00 17.40 ? 41  DG  G P     1 
ATOM   808  O OP1   . DG  G 1 5 ? -8.871  5.844   5.560   1.00 17.92 ? 41  DG  G OP1   1 
ATOM   809  O OP2   . DG  G 1 5 ? -8.139  6.844   7.812   1.00 17.79 ? 41  DG  G OP2   1 
ATOM   810  O "O5'" . DG  G 1 5 ? -8.322  4.376   7.542   1.00 16.54 ? 41  DG  G "O5'" 1 
ATOM   811  C "C5'" . DG  G 1 5 ? -8.197  3.154   6.835   1.00 13.46 ? 41  DG  G "C5'" 1 
ATOM   812  C "C4'" . DG  G 1 5 ? -8.505  2.003   7.759   1.00 11.89 ? 41  DG  G "C4'" 1 
ATOM   813  O "O4'" . DG  G 1 5 ? -7.474  1.954   8.758   1.00 11.12 ? 41  DG  G "O4'" 1 
ATOM   814  C "C3'" . DG  G 1 5 ? -9.777  2.086   8.606   1.00 11.25 ? 41  DG  G "C3'" 1 
ATOM   815  O "O3'" . DG  G 1 5 ? -10.942 1.721   7.852   1.00 11.78 ? 41  DG  G "O3'" 1 
ATOM   816  C "C2'" . DG  G 1 5 ? -9.489  0.985   9.594   1.00 10.18 ? 41  DG  G "C2'" 1 
ATOM   817  C "C1'" . DG  G 1 5 ? -8.008  1.202   9.843   1.00 9.81  ? 41  DG  G "C1'" 1 
ATOM   818  N N9    . DG  G 1 5 ? -7.828  1.958   11.048  1.00 7.39  ? 41  DG  G N9    1 
ATOM   819  C C8    . DG  G 1 5 ? -7.702  3.310   11.254  1.00 6.05  ? 41  DG  G C8    1 
ATOM   820  N N7    . DG  G 1 5 ? -7.518  3.608   12.515  1.00 5.93  ? 41  DG  G N7    1 
ATOM   821  C C5    . DG  G 1 5 ? -7.527  2.370   13.154  1.00 4.62  ? 41  DG  G C5    1 
ATOM   822  C C6    . DG  G 1 5 ? -7.301  2.014   14.509  1.00 3.66  ? 41  DG  G C6    1 
ATOM   823  O O6    . DG  G 1 5 ? -7.046  2.755   15.478  1.00 3.28  ? 41  DG  G O6    1 
ATOM   824  N N1    . DG  G 1 5 ? -7.375  0.632   14.694  1.00 3.01  ? 41  DG  G N1    1 
ATOM   825  C C2    . DG  G 1 5 ? -7.642  -0.287  13.710  1.00 3.80  ? 41  DG  G C2    1 
ATOM   826  N N2    . DG  G 1 5 ? -7.719  -1.569  14.060  1.00 3.11  ? 41  DG  G N2    1 
ATOM   827  N N3    . DG  G 1 5 ? -7.821  0.033   12.450  1.00 4.94  ? 41  DG  G N3    1 
ATOM   828  C C4    . DG  G 1 5 ? -7.742  1.362   12.252  1.00 5.48  ? 41  DG  G C4    1 
ATOM   829  P P     . DC  G 1 6 ? -12.414 2.023   8.429   1.00 10.34 ? 42  DC  G P     1 
ATOM   830  O OP1   . DC  G 1 6 ? -13.384 1.832   7.329   1.00 9.39  ? 42  DC  G OP1   1 
ATOM   831  O OP2   . DC  G 1 6 ? -12.389 3.278   9.233   1.00 9.90  ? 42  DC  G OP2   1 
ATOM   832  O "O5'" . DC  G 1 6 ? -12.636 0.839   9.460   1.00 10.15 ? 42  DC  G "O5'" 1 
ATOM   833  C "C5'" . DC  G 1 6 ? -13.046 -0.443  9.025   1.00 7.32  ? 42  DC  G "C5'" 1 
ATOM   834  C "C4'" . DC  G 1 6 ? -12.895 -1.410  10.170  1.00 6.83  ? 42  DC  G "C4'" 1 
ATOM   835  O "O4'" . DC  G 1 6 ? -11.664 -1.162  10.878  1.00 5.47  ? 42  DC  G "O4'" 1 
ATOM   836  C "C3'" . DC  G 1 6 ? -13.956 -1.253  11.251  1.00 5.97  ? 42  DC  G "C3'" 1 
ATOM   837  O "O3'" . DC  G 1 6 ? -15.147 -1.832  10.788  1.00 7.23  ? 42  DC  G "O3'" 1 
ATOM   838  C "C2'" . DC  G 1 6 ? -13.305 -2.031  12.373  1.00 5.30  ? 42  DC  G "C2'" 1 
ATOM   839  C "C1'" . DC  G 1 6 ? -11.857 -1.525  12.242  1.00 5.06  ? 42  DC  G "C1'" 1 
ATOM   840  N N1    . DC  G 1 6 ? -11.562 -0.344  13.066  1.00 3.19  ? 42  DC  G N1    1 
ATOM   841  C C2    . DC  G 1 6 ? -11.122 -0.559  14.346  1.00 2.55  ? 42  DC  G C2    1 
ATOM   842  O O2    . DC  G 1 6 ? -11.069 -1.725  14.753  1.00 3.91  ? 42  DC  G O2    1 
ATOM   843  N N3    . DC  G 1 6 ? -10.780 0.479   15.125  1.00 2.00  ? 42  DC  G N3    1 
ATOM   844  C C4    . DC  G 1 6 ? -10.922 1.710   14.674  1.00 2.00  ? 42  DC  G C4    1 
ATOM   845  N N4    . DC  G 1 6 ? -10.613 2.698   15.512  1.00 2.63  ? 42  DC  G N4    1 
ATOM   846  C C5    . DC  G 1 6 ? -11.398 1.980   13.359  1.00 2.20  ? 42  DC  G C5    1 
ATOM   847  C C6    . DC  G 1 6 ? -11.705 0.926   12.588  1.00 2.70  ? 42  DC  G C6    1 
ATOM   848  O "O5'" . DG  H 1 1 ? -11.539 0.349   25.582  1.00 22.90 ? 43  DG  H "O5'" 1 
ATOM   849  C "C5'" . DG  H 1 1 ? -10.306 -0.328  25.978  1.00 20.09 ? 43  DG  H "C5'" 1 
ATOM   850  C "C4'" . DG  H 1 1 ? -10.098 -1.547  25.111  1.00 18.87 ? 43  DG  H "C4'" 1 
ATOM   851  O "O4'" . DG  H 1 1 ? -11.117 -1.550  24.091  1.00 18.09 ? 43  DG  H "O4'" 1 
ATOM   852  C "C3'" . DG  H 1 1 ? -8.794  -1.565  24.328  1.00 18.98 ? 43  DG  H "C3'" 1 
ATOM   853  O "O3'" . DG  H 1 1 ? -7.751  -2.156  25.089  1.00 19.87 ? 43  DG  H "O3'" 1 
ATOM   854  C "C2'" . DG  H 1 1 ? -9.162  -2.442  23.149  1.00 17.62 ? 43  DG  H "C2'" 1 
ATOM   855  C "C1'" . DG  H 1 1 ? -10.527 -1.873  22.839  1.00 16.15 ? 43  DG  H "C1'" 1 
ATOM   856  N N9    . DG  H 1 1 ? -10.501 -0.652  22.036  1.00 14.13 ? 43  DG  H N9    1 
ATOM   857  C C8    . DG  H 1 1 ? -10.337 0.654   22.448  1.00 13.04 ? 43  DG  H C8    1 
ATOM   858  N N7    . DG  H 1 1 ? -10.425 1.511   21.470  1.00 12.34 ? 43  DG  H N7    1 
ATOM   859  C C5    . DG  H 1 1 ? -10.638 0.716   20.349  1.00 12.50 ? 43  DG  H C5    1 
ATOM   860  C C6    . DG  H 1 1 ? -10.788 1.056   18.987  1.00 11.91 ? 43  DG  H C6    1 
ATOM   861  O O6    . DG  H 1 1 ? -10.767 2.178   18.480  1.00 13.75 ? 43  DG  H O6    1 
ATOM   862  N N1    . DG  H 1 1 ? -10.971 -0.069  18.186  1.00 10.90 ? 43  DG  H N1    1 
ATOM   863  C C2    . DG  H 1 1 ? -10.984 -1.359  18.643  1.00 11.06 ? 43  DG  H C2    1 
ATOM   864  N N2    . DG  H 1 1 ? -11.156 -2.343  17.763  1.00 10.46 ? 43  DG  H N2    1 
ATOM   865  N N3    . DG  H 1 1 ? -10.837 -1.686  19.900  1.00 12.26 ? 43  DG  H N3    1 
ATOM   866  C C4    . DG  H 1 1 ? -10.675 -0.612  20.693  1.00 12.65 ? 43  DG  H C4    1 
HETATM 867  N N1    . 5CM H 1 2 ? -7.577  -2.288  19.087  1.00 13.12 ? 44  5CM H N1    1 
HETATM 868  C C2    . 5CM H 1 2 ? -7.830  -1.823  17.819  1.00 12.86 ? 44  5CM H C2    1 
HETATM 869  N N3    . 5CM H 1 2 ? -7.732  -0.490  17.572  1.00 12.55 ? 44  5CM H N3    1 
HETATM 870  C C4    . 5CM H 1 2 ? -7.363  0.337   18.556  1.00 11.92 ? 44  5CM H C4    1 
HETATM 871  C C5    . 5CM H 1 2 ? -7.097  -0.132  19.866  1.00 11.90 ? 44  5CM H C5    1 
HETATM 872  C C5A   . 5CM H 1 2 ? -6.753  0.845   20.943  1.00 11.30 ? 44  5CM H C5A   1 
HETATM 873  C C6    . 5CM H 1 2 ? -7.191  -1.436  20.078  1.00 12.44 ? 44  5CM H C6    1 
HETATM 874  O O2    . 5CM H 1 2 ? -8.127  -2.649  16.942  1.00 12.78 ? 44  5CM H O2    1 
HETATM 875  N N4    . 5CM H 1 2 ? -7.236  1.636   18.284  1.00 11.87 ? 44  5CM H N4    1 
HETATM 876  C "C1'" . 5CM H 1 2 ? -7.760  -3.680  19.376  1.00 14.44 ? 44  5CM H "C1'" 1 
HETATM 877  C "C2'" . 5CM H 1 2 ? -6.747  -4.632  18.775  1.00 14.58 ? 44  5CM H "C2'" 1 
HETATM 878  C "C3'" . 5CM H 1 2 ? -5.631  -4.539  19.793  1.00 15.87 ? 44  5CM H "C3'" 1 
HETATM 879  C "C4'" . 5CM H 1 2 ? -6.378  -4.420  21.113  1.00 16.50 ? 44  5CM H "C4'" 1 
HETATM 880  O "O4'" . 5CM H 1 2 ? -7.645  -3.810  20.786  1.00 15.95 ? 44  5CM H "O4'" 1 
HETATM 881  O "O3'" . 5CM H 1 2 ? -4.905  -5.761  19.794  1.00 17.02 ? 44  5CM H "O3'" 1 
HETATM 882  C "C5'" . 5CM H 1 2 ? -5.677  -3.641  22.199  1.00 18.20 ? 44  5CM H "C5'" 1 
HETATM 883  O "O5'" . 5CM H 1 2 ? -6.556  -3.485  23.323  1.00 19.34 ? 44  5CM H "O5'" 1 
HETATM 884  P P     . 5CM H 1 2 ? -6.307  -2.357  24.420  1.00 20.05 ? 44  5CM H P     1 
HETATM 885  O OP1   . 5CM H 1 2 ? -5.365  -2.886  25.451  1.00 20.44 ? 44  5CM H OP1   1 
HETATM 886  O OP2   . 5CM H 1 2 ? -6.076  -1.012  23.836  1.00 20.34 ? 44  5CM H OP2   1 
ATOM   887  P P     . DT  H 1 3 ? -3.333  -5.739  19.478  1.00 17.05 ? 45  DT  H P     1 
ATOM   888  O OP1   . DT  H 1 3 ? -2.840  -7.034  19.995  1.00 17.32 ? 45  DT  H OP1   1 
ATOM   889  O OP2   . DT  H 1 3 ? -2.740  -4.487  19.999  1.00 15.69 ? 45  DT  H OP2   1 
ATOM   890  O "O5'" . DT  H 1 3 ? -3.324  -5.733  17.875  1.00 16.11 ? 45  DT  H "O5'" 1 
ATOM   891  C "C5'" . DT  H 1 3 ? -4.125  -6.654  17.108  1.00 14.54 ? 45  DT  H "C5'" 1 
ATOM   892  C "C4'" . DT  H 1 3 ? -4.294  -6.181  15.675  1.00 13.84 ? 45  DT  H "C4'" 1 
ATOM   893  O "O4'" . DT  H 1 3 ? -5.162  -5.035  15.541  1.00 12.83 ? 45  DT  H "O4'" 1 
ATOM   894  C "C3'" . DT  H 1 3 ? -3.031  -5.745  14.945  1.00 14.08 ? 45  DT  H "C3'" 1 
ATOM   895  O "O3'" . DT  H 1 3 ? -2.309  -6.877  14.488  1.00 16.13 ? 45  DT  H "O3'" 1 
ATOM   896  C "C2'" . DT  H 1 3 ? -3.570  -4.953  13.774  1.00 11.96 ? 45  DT  H "C2'" 1 
ATOM   897  C "C1'" . DT  H 1 3 ? -4.709  -4.216  14.446  1.00 10.52 ? 45  DT  H "C1'" 1 
ATOM   898  N N1    . DT  H 1 3 ? -4.405  -2.900  14.973  1.00 7.12  ? 45  DT  H N1    1 
ATOM   899  C C2    . DT  H 1 3 ? -4.582  -1.869  14.127  1.00 7.23  ? 45  DT  H C2    1 
ATOM   900  O O2    . DT  H 1 3 ? -4.831  -2.022  12.941  1.00 8.46  ? 45  DT  H O2    1 
ATOM   901  N N3    . DT  H 1 3 ? -4.446  -0.637  14.696  1.00 5.77  ? 45  DT  H N3    1 
ATOM   902  C C4    . DT  H 1 3 ? -4.114  -0.351  15.986  1.00 5.74  ? 45  DT  H C4    1 
ATOM   903  O O4    . DT  H 1 3 ? -4.060  0.814   16.351  1.00 7.21  ? 45  DT  H O4    1 
ATOM   904  C C5    . DT  H 1 3 ? -3.861  -1.484  16.811  1.00 5.70  ? 45  DT  H C5    1 
ATOM   905  C C7    . DT  H 1 3 ? -3.437  -1.265  18.225  1.00 5.30  ? 45  DT  H C7    1 
ATOM   906  C C6    . DT  H 1 3 ? -4.013  -2.694  16.268  1.00 6.45  ? 45  DT  H C6    1 
ATOM   907  P P     . DA  H 1 4 ? -0.720  -6.875  14.644  1.00 17.56 ? 46  DA  H P     1 
ATOM   908  O OP1   . DA  H 1 4 ? -0.293  -8.243  14.275  1.00 17.63 ? 46  DA  H OP1   1 
ATOM   909  O OP2   . DA  H 1 4 ? -0.302  -6.269  15.953  1.00 16.92 ? 46  DA  H OP2   1 
ATOM   910  O "O5'" . DA  H 1 4 ? -0.310  -5.844  13.510  1.00 17.20 ? 46  DA  H "O5'" 1 
ATOM   911  C "C5'" . DA  H 1 4 ? -0.818  -5.993  12.192  1.00 17.29 ? 46  DA  H "C5'" 1 
ATOM   912  C "C4'" . DA  H 1 4 ? -0.146  -4.985  11.297  1.00 16.87 ? 46  DA  H "C4'" 1 
ATOM   913  O "O4'" . DA  H 1 4 ? -0.738  -3.697  11.580  1.00 15.70 ? 46  DA  H "O4'" 1 
ATOM   914  C "C3'" . DA  H 1 4 ? 1.347   -4.848  11.628  1.00 17.77 ? 46  DA  H "C3'" 1 
ATOM   915  O "O3'" . DA  H 1 4 ? 2.070   -4.417  10.473  1.00 20.51 ? 46  DA  H "O3'" 1 
ATOM   916  C "C2'" . DA  H 1 4 ? 1.355   -3.699  12.604  1.00 16.38 ? 46  DA  H "C2'" 1 
ATOM   917  C "C1'" . DA  H 1 4 ? 0.308   -2.827  11.937  1.00 15.53 ? 46  DA  H "C1'" 1 
ATOM   918  N N9    . DA  H 1 4 ? -0.190  -1.856  12.862  1.00 13.84 ? 46  DA  H N9    1 
ATOM   919  C C8    . DA  H 1 4 ? -0.427  -2.033  14.192  1.00 13.76 ? 46  DA  H C8    1 
ATOM   920  N N7    . DA  H 1 4 ? -0.748  -0.936  14.823  1.00 13.51 ? 46  DA  H N7    1 
ATOM   921  C C5    . DA  H 1 4 ? -0.757  0.025   13.827  1.00 13.35 ? 46  DA  H C5    1 
ATOM   922  C C6    . DA  H 1 4 ? -0.953  1.405   13.859  1.00 13.22 ? 46  DA  H C6    1 
ATOM   923  N N6    . DA  H 1 4 ? -1.241  2.096   14.971  1.00 11.23 ? 46  DA  H N6    1 
ATOM   924  N N1    . DA  H 1 4 ? -0.838  2.071   12.686  1.00 13.72 ? 46  DA  H N1    1 
ATOM   925  C C2    . DA  H 1 4 ? -0.536  1.378   11.572  1.00 13.23 ? 46  DA  H C2    1 
ATOM   926  N N3    . DA  H 1 4 ? -0.321  0.085   11.424  1.00 13.20 ? 46  DA  H N3    1 
ATOM   927  C C4    . DA  H 1 4 ? -0.440  -0.538  12.604  1.00 13.58 ? 46  DA  H C4    1 
ATOM   928  P P     . DG  H 1 5 ? 3.440   -5.144  10.037  1.00 21.11 ? 47  DG  H P     1 
ATOM   929  O OP1   . DG  H 1 5 ? 3.103   -5.664  8.702   1.00 21.50 ? 47  DG  H OP1   1 
ATOM   930  O OP2   . DG  H 1 5 ? 3.969   -6.059  11.082  1.00 21.22 ? 47  DG  H OP2   1 
ATOM   931  O "O5'" . DG  H 1 5 ? 4.449   -3.905  9.922   1.00 21.11 ? 47  DG  H "O5'" 1 
ATOM   932  C "C5'" . DG  H 1 5 ? 4.809   -3.370  8.642   1.00 19.79 ? 47  DG  H "C5'" 1 
ATOM   933  C "C4'" . DG  H 1 5 ? 4.926   -1.860  8.677   1.00 18.55 ? 47  DG  H "C4'" 1 
ATOM   934  O "O4'" . DG  H 1 5 ? 3.714   -1.223  9.127   1.00 17.30 ? 47  DG  H "O4'" 1 
ATOM   935  C "C3'" . DG  H 1 5 ? 6.008   -1.201  9.524   1.00 18.08 ? 47  DG  H "C3'" 1 
ATOM   936  O "O3'" . DG  H 1 5 ? 7.334   -1.320  8.961   1.00 17.81 ? 47  DG  H "O3'" 1 
ATOM   937  C "C2'" . DG  H 1 5 ? 5.548   0.245   9.464   1.00 16.92 ? 47  DG  H "C2'" 1 
ATOM   938  C "C1'" . DG  H 1 5 ? 4.030   0.118   9.505   1.00 16.02 ? 47  DG  H "C1'" 1 
ATOM   939  N N9    . DG  H 1 5 ? 3.565   0.323   10.862  1.00 14.92 ? 47  DG  H N9    1 
ATOM   940  C C8    . DG  H 1 5 ? 3.348   -0.629  11.829  1.00 14.10 ? 47  DG  H C8    1 
ATOM   941  N N7    . DG  H 1 5 ? 2.990   -0.116  12.974  1.00 14.42 ? 47  DG  H N7    1 
ATOM   942  C C5    . DG  H 1 5 ? 2.941   1.251   12.734  1.00 13.45 ? 47  DG  H C5    1 
ATOM   943  C C6    . DG  H 1 5 ? 2.633   2.326   13.598  1.00 12.76 ? 47  DG  H C6    1 
ATOM   944  O O6    . DG  H 1 5 ? 2.315   2.290   14.772  1.00 12.30 ? 47  DG  H O6    1 
ATOM   945  N N1    . DG  H 1 5 ? 2.746   3.551   12.957  1.00 12.84 ? 47  DG  H N1    1 
ATOM   946  C C2    . DG  H 1 5 ? 3.123   3.711   11.655  1.00 13.30 ? 47  DG  H C2    1 
ATOM   947  N N2    . DG  H 1 5 ? 3.198   4.949   11.212  1.00 14.02 ? 47  DG  H N2    1 
ATOM   948  N N3    . DG  H 1 5 ? 3.411   2.723   10.840  1.00 13.98 ? 47  DG  H N3    1 
ATOM   949  C C4    . DG  H 1 5 ? 3.295   1.530   11.437  1.00 13.66 ? 47  DG  H C4    1 
ATOM   950  P P     . DC  H 1 6 ? 8.623   -1.119  9.915   1.00 17.40 ? 48  DC  H P     1 
ATOM   951  O OP1   . DC  H 1 6 ? 9.744   -1.703  9.160   1.00 19.58 ? 48  DC  H OP1   1 
ATOM   952  O OP2   . DC  H 1 6 ? 8.335   -1.647  11.277  1.00 18.62 ? 48  DC  H OP2   1 
ATOM   953  O "O5'" . DC  H 1 6 ? 8.848   0.460   10.098  1.00 15.30 ? 48  DC  H "O5'" 1 
ATOM   954  C "C5'" . DC  H 1 6 ? 8.324   1.409   9.176   1.00 12.29 ? 48  DC  H "C5'" 1 
ATOM   955  C "C4'" . DC  H 1 6 ? 8.389   2.807   9.744   1.00 10.49 ? 48  DC  H "C4'" 1 
ATOM   956  O "O4'" . DC  H 1 6 ? 7.084   3.205   10.198  1.00 10.43 ? 48  DC  H "O4'" 1 
ATOM   957  C "C3'" . DC  H 1 6 ? 9.288   3.060   10.944  1.00 10.41 ? 48  DC  H "C3'" 1 
ATOM   958  O "O3'" . DC  H 1 6 ? 10.623  3.396   10.606  1.00 11.01 ? 48  DC  H "O3'" 1 
ATOM   959  C "C2'" . DC  H 1 6 ? 8.702   4.345   11.507  1.00 9.15  ? 48  DC  H "C2'" 1 
ATOM   960  C "C1'" . DC  H 1 6 ? 7.221   4.070   11.342  1.00 9.92  ? 48  DC  H "C1'" 1 
ATOM   961  N N1    . DC  H 1 6 ? 6.689   3.368   12.560  1.00 9.10  ? 48  DC  H N1    1 
ATOM   962  C C2    . DC  H 1 6 ? 6.227   4.135   13.625  1.00 8.97  ? 48  DC  H C2    1 
ATOM   963  O O2    . DC  H 1 6 ? 6.127   5.367   13.494  1.00 7.93  ? 48  DC  H O2    1 
ATOM   964  N N3    . DC  H 1 6 ? 5.880   3.522   14.772  1.00 9.70  ? 48  DC  H N3    1 
ATOM   965  C C4    . DC  H 1 6 ? 5.923   2.187   14.859  1.00 9.49  ? 48  DC  H C4    1 
ATOM   966  N N4    . DC  H 1 6 ? 5.575   1.628   16.026  1.00 8.63  ? 48  DC  H N4    1 
ATOM   967  C C5    . DC  H 1 6 ? 6.323   1.377   13.761  1.00 8.34  ? 48  DC  H C5    1 
ATOM   968  C C6    . DC  H 1 6 ? 6.693   2.002   12.647  1.00 8.58  ? 48  DC  H C6    1 
HETATM 969  O O     . HOH I 2 . ? -4.102  -9.544  0.277   1.00 17.85 ? 49  HOH A O     1 
HETATM 970  O O     . HOH I 2 . ? -7.891  -9.613  -9.462  1.00 10.62 ? 51  HOH A O     1 
HETATM 971  O O     . HOH I 2 . ? -2.897  -10.595 7.217   1.00 21.95 ? 54  HOH A O     1 
HETATM 972  O O     . HOH I 2 . ? -9.965  -8.348  13.661  1.00 30.43 ? 80  HOH A O     1 
HETATM 973  O O     . HOH I 2 . ? -2.851  -12.044 11.835  1.00 22.04 ? 105 HOH A O     1 
HETATM 974  O O     . HOH I 2 . ? -1.597  -10.752 9.690   1.00 26.91 ? 106 HOH A O     1 
HETATM 975  O O     . HOH I 2 . ? -4.086  -4.086  3.824   1.00 36.18 ? 129 HOH A O     1 
HETATM 976  O O     . HOH I 2 . ? -6.602  -13.019 5.802   1.00 19.21 ? 142 HOH A O     1 
HETATM 977  O O     . HOH I 2 . ? -5.123  -12.812 1.014   1.00 38.67 ? 143 HOH A O     1 
HETATM 978  O O     . HOH I 2 . ? -2.983  -12.622 -1.675  1.00 39.24 ? 144 HOH A O     1 
HETATM 979  O O     . HOH I 2 . ? -10.332 0.779   4.383   1.00 35.13 ? 147 HOH A O     1 
HETATM 980  O O     . HOH I 2 . ? -7.193  0.206   5.019   1.00 26.77 ? 148 HOH A O     1 
HETATM 981  O O     . HOH I 2 . ? -5.752  -15.578 8.439   1.00 38.41 ? 170 HOH A O     1 
HETATM 982  O O     . HOH I 2 . ? -3.650  -18.098 -5.313  1.00 48.75 ? 171 HOH A O     1 
HETATM 983  O O     . HOH I 2 . ? -6.686  -18.648 2.973   1.00 49.41 ? 172 HOH A O     1 
HETATM 984  O O     . HOH I 2 . ? -12.716 -19.145 3.538   1.00 27.54 ? 173 HOH A O     1 
HETATM 985  O O     . HOH I 2 . ? -11.591 -5.770  12.927  1.00 15.67 ? 180 HOH A O     1 
HETATM 986  O O     . HOH I 2 . ? -10.499 -12.416 13.275  1.00 32.83 ? 182 HOH A O     1 
HETATM 987  O O     . HOH I 2 . ? -12.183 -11.423 11.442  1.00 15.79 ? 183 HOH A O     1 
HETATM 988  O O     . HOH I 2 . ? -3.992  -17.645 12.541  1.00 63.94 ? 213 HOH A O     1 
HETATM 989  O O     . HOH J 2 . ? -10.812 -2.585  2.747   1.00 30.98 ? 50  HOH B O     1 
HETATM 990  O O     . HOH J 2 . ? -8.469  -7.161  -8.491  1.00 11.05 ? 52  HOH B O     1 
HETATM 991  O O     . HOH J 2 . ? -8.245  -4.859  -10.806 1.00 22.25 ? 73  HOH B O     1 
HETATM 992  O O     . HOH J 2 . ? -14.156 -2.286  1.576   1.00 20.33 ? 85  HOH B O     1 
HETATM 993  O O     . HOH J 2 . ? -6.497  -5.097  0.409   1.00 14.93 ? 93  HOH B O     1 
HETATM 994  O O     . HOH J 2 . ? -6.022  -6.386  -10.553 1.00 16.45 ? 97  HOH B O     1 
HETATM 995  O O     . HOH J 2 . ? -10.901 -3.763  -11.557 1.00 35.65 ? 98  HOH B O     1 
HETATM 996  O O     . HOH J 2 . ? 2.476   1.670   -3.862  1.00 29.88 ? 108 HOH B O     1 
HETATM 997  O O     . HOH J 2 . ? -17.641 -1.990  3.201   1.00 24.18 ? 123 HOH B O     1 
HETATM 998  O O     . HOH J 2 . ? -19.344 -9.663  0.871   1.00 43.84 ? 124 HOH B O     1 
HETATM 999  O O     . HOH J 2 . ? -10.657 -0.899  -1.771  1.00 32.25 ? 156 HOH B O     1 
HETATM 1000 O O     . HOH J 2 . ? -17.102 -5.134  -7.378  1.00 24.51 ? 162 HOH B O     1 
HETATM 1001 O O     . HOH J 2 . ? -9.025  -6.785  -12.837 1.00 26.56 ? 176 HOH B O     1 
HETATM 1002 O O     . HOH J 2 . ? -13.383 -6.637  11.163  1.00 18.34 ? 181 HOH B O     1 
HETATM 1003 O O     . HOH J 2 . ? -0.433  3.099   -2.046  1.00 64.55 ? 190 HOH B O     1 
HETATM 1004 O O     . HOH J 2 . ? -0.964  -8.860  -2.601  1.00 26.78 ? 191 HOH B O     1 
HETATM 1005 O O     . HOH J 2 . ? -13.622 -0.732  -9.473  1.00 28.13 ? 193 HOH B O     1 
HETATM 1006 O O     . HOH J 2 . ? -22.425 -0.369  9.408   1.00 41.73 ? 199 HOH B O     1 
HETATM 1007 O O     . HOH J 2 . ? -22.877 -0.501  4.156   1.00 55.94 ? 205 HOH B O     1 
HETATM 1008 O O     . HOH J 2 . ? -6.055  5.157   -3.969  1.00 69.33 ? 210 HOH B O     1 
HETATM 1009 O O     . HOH J 2 . ? -11.719 -7.046  -8.809  1.00 31.04 ? 217 HOH B O     1 
HETATM 1010 O O     . HOH J 2 . ? -2.462  -6.110  -0.818  1.00 62.69 ? 219 HOH B O     1 
HETATM 1011 O O     . HOH K 2 . ? 10.064  10.906  7.444   1.00 18.23 ? 62  HOH C O     1 
HETATM 1012 O O     . HOH K 2 . ? 15.221  10.843  1.123   1.00 14.85 ? 70  HOH C O     1 
HETATM 1013 O O     . HOH K 2 . ? 12.377  2.857   -0.394  1.00 19.03 ? 75  HOH C O     1 
HETATM 1014 O O     . HOH K 2 . ? 8.428   8.934   10.083  1.00 21.76 ? 76  HOH C O     1 
HETATM 1015 O O     . HOH K 2 . ? 8.437   3.314   -1.638  1.00 22.58 ? 94  HOH C O     1 
HETATM 1016 O O     . HOH K 2 . ? 12.502  -1.118  -4.085  1.00 21.39 ? 103 HOH C O     1 
HETATM 1017 O O     . HOH K 2 . ? 6.705   -0.275  -4.465  1.00 44.78 ? 104 HOH C O     1 
HETATM 1018 O O     . HOH K 2 . ? 19.977  5.548   11.183  1.00 53.87 ? 115 HOH C O     1 
HETATM 1019 O O     . HOH K 2 . ? 9.328   -0.204  -2.350  1.00 48.07 ? 120 HOH C O     1 
HETATM 1020 O O     . HOH K 2 . ? 14.849  3.874   5.600   1.00 33.29 ? 126 HOH C O     1 
HETATM 1021 O O     . HOH K 2 . ? 14.679  0.169   -2.766  1.00 34.41 ? 135 HOH C O     1 
HETATM 1022 O O     . HOH K 2 . ? 18.715  -0.029  -1.389  1.00 16.95 ? 136 HOH C O     1 
HETATM 1023 O O     . HOH K 2 . ? 11.806  5.382   -12.198 1.00 8.25  ? 184 HOH C O     1 
HETATM 1024 O O     . HOH K 2 . ? 24.466  3.572   -5.675  1.00 22.75 ? 204 HOH C O     1 
HETATM 1025 O O     . HOH K 2 . ? 19.290  8.675   7.785   1.00 29.13 ? 208 HOH C O     1 
HETATM 1026 O O     . HOH L 2 . ? 5.080   9.616   -1.580  1.00 19.53 ? 61  HOH D O     1 
HETATM 1027 O O     . HOH L 2 . ? 6.625   10.069  7.851   1.00 35.38 ? 63  HOH D O     1 
HETATM 1028 O O     . HOH L 2 . ? 0.729   -1.538  2.713   1.00 44.77 ? 107 HOH D O     1 
HETATM 1029 O O     . HOH L 2 . ? 9.158   12.648  -15.253 1.00 32.98 ? 110 HOH D O     1 
HETATM 1030 O O     . HOH L 2 . ? -3.980  6.720   2.577   1.00 55.82 ? 118 HOH D O     1 
HETATM 1031 O O     . HOH L 2 . ? 1.440   7.013   1.331   1.00 54.68 ? 121 HOH D O     1 
HETATM 1032 O O     . HOH L 2 . ? 6.970   14.927  -7.135  1.00 34.11 ? 122 HOH D O     1 
HETATM 1033 O O     . HOH L 2 . ? 3.661   10.364  8.863   1.00 34.65 ? 127 HOH D O     1 
HETATM 1034 O O     . HOH L 2 . ? 3.236   13.396  8.445   1.00 30.02 ? 139 HOH D O     1 
HETATM 1035 O O     . HOH L 2 . ? -2.483  8.938   3.467   1.00 31.21 ? 145 HOH D O     1 
HETATM 1036 O O     . HOH L 2 . ? -1.749  0.363   1.172   1.00 59.59 ? 146 HOH D O     1 
HETATM 1037 O O     . HOH L 2 . ? -0.695  2.422   2.445   1.00 30.18 ? 153 HOH D O     1 
HETATM 1038 O O     . HOH L 2 . ? 8.951   17.815  -13.213 1.00 36.31 ? 154 HOH D O     1 
HETATM 1039 O O     . HOH L 2 . ? 4.415   12.328  0.036   1.00 22.05 ? 155 HOH D O     1 
HETATM 1040 O O     . HOH L 2 . ? -0.122  12.757  0.272   1.00 48.22 ? 164 HOH D O     1 
HETATM 1041 O O     . HOH L 2 . ? 4.599   8.051   10.420  1.00 29.59 ? 185 HOH D O     1 
HETATM 1042 O O     . HOH L 2 . ? 12.518  7.761   -11.302 1.00 29.60 ? 187 HOH D O     1 
HETATM 1043 O O     . HOH L 2 . ? 2.881   -3.367  2.988   1.00 42.72 ? 194 HOH D O     1 
HETATM 1044 O O     . HOH L 2 . ? 7.632   0.704   4.476   1.00 34.05 ? 196 HOH D O     1 
HETATM 1045 O O     . HOH L 2 . ? -1.225  -2.108  0.120   1.00 31.45 ? 206 HOH D O     1 
HETATM 1046 O O     . HOH L 2 . ? 6.347   17.500  -11.249 1.00 37.62 ? 211 HOH D O     1 
HETATM 1047 O O     . HOH L 2 . ? 2.764   1.170   1.492   1.00 59.78 ? 214 HOH D O     1 
HETATM 1048 O O     . HOH L 2 . ? -4.678  2.225   0.264   1.00 48.38 ? 218 HOH D O     1 
HETATM 1049 O O     . HOH L 2 . ? -4.131  5.518   -0.401  1.00 61.69 ? 220 HOH D O     1 
HETATM 1050 O O     . HOH M 2 . ? -7.090  -9.183  -14.022 1.00 25.98 ? 53  HOH E O     1 
HETATM 1051 O O     . HOH M 2 . ? -1.581  1.298   -15.941 1.00 30.41 ? 56  HOH E O     1 
HETATM 1052 O O     . HOH M 2 . ? 1.572   5.692   -18.431 1.00 40.70 ? 57  HOH E O     1 
HETATM 1053 O O     . HOH M 2 . ? 9.235   3.032   -12.091 1.00 18.61 ? 59  HOH E O     1 
HETATM 1054 O O     . HOH M 2 . ? 2.625   0.760   -8.298  1.00 15.64 ? 74  HOH E O     1 
HETATM 1055 O O     . HOH M 2 . ? 0.599   -2.018  -17.993 1.00 37.26 ? 78  HOH E O     1 
HETATM 1056 O O     . HOH M 2 . ? 2.553   -8.181  -17.483 1.00 38.15 ? 92  HOH E O     1 
HETATM 1057 O O     . HOH M 2 . ? -9.524  -7.538  -16.948 1.00 30.94 ? 99  HOH E O     1 
HETATM 1058 O O     . HOH M 2 . ? 6.943   12.257  -12.195 1.00 31.33 ? 109 HOH E O     1 
HETATM 1059 O O     . HOH M 2 . ? -9.362  1.639   -13.593 1.00 34.71 ? 116 HOH E O     1 
HETATM 1060 O O     . HOH M 2 . ? -4.766  0.700   -15.212 1.00 21.46 ? 132 HOH E O     1 
HETATM 1061 O O     . HOH M 2 . ? -8.906  -0.318  -23.825 1.00 32.43 ? 133 HOH E O     1 
HETATM 1062 O O     . HOH M 2 . ? 1.803   12.711  -10.908 1.00 27.87 ? 149 HOH E O     1 
HETATM 1063 O O     . HOH M 2 . ? 0.034   11.376  -9.034  1.00 32.29 ? 150 HOH E O     1 
HETATM 1064 O O     . HOH M 2 . ? 4.140   9.464   -18.082 1.00 29.82 ? 151 HOH E O     1 
HETATM 1065 O O     . HOH M 2 . ? -4.437  5.935   -15.638 1.00 65.31 ? 152 HOH E O     1 
HETATM 1066 O O     . HOH M 2 . ? -8.174  1.575   -26.977 1.00 38.16 ? 174 HOH E O     1 
HETATM 1067 O O     . HOH M 2 . ? 10.871  4.569   -14.270 1.00 12.50 ? 186 HOH E O     1 
HETATM 1068 O O     . HOH M 2 . ? 1.945   -10.040 -20.381 1.00 31.97 ? 189 HOH E O     1 
HETATM 1069 O O     . HOH M 2 . ? 0.669   1.681   -18.260 1.00 34.97 ? 195 HOH E O     1 
HETATM 1070 O O     . HOH M 2 . ? -0.854  -3.861  -21.238 1.00 31.33 ? 202 HOH E O     1 
HETATM 1071 O O     . HOH M 2 . ? 2.270   9.105   -7.368  1.00 37.58 ? 215 HOH E O     1 
HETATM 1072 O O     . HOH N 2 . ? 3.292   -7.659  -14.904 1.00 13.41 ? 55  HOH F O     1 
HETATM 1073 O O     . HOH N 2 . ? 5.758   -5.912  -15.334 1.00 18.78 ? 58  HOH F O     1 
HETATM 1074 O O     . HOH N 2 . ? 11.131  2.171   -15.019 1.00 24.11 ? 60  HOH F O     1 
HETATM 1075 O O     . HOH N 2 . ? -5.625  -8.960  -11.330 1.00 19.76 ? 72  HOH F O     1 
HETATM 1076 O O     . HOH N 2 . ? 3.503   -4.705  -4.450  1.00 35.24 ? 84  HOH F O     1 
HETATM 1077 O O     . HOH N 2 . ? 4.742   -7.971  -12.677 1.00 16.39 ? 89  HOH F O     1 
HETATM 1078 O O     . HOH N 2 . ? 8.423   -6.591  -13.012 1.00 21.99 ? 90  HOH F O     1 
HETATM 1079 O O     . HOH N 2 . ? 9.304   -5.555  -19.389 1.00 27.22 ? 91  HOH F O     1 
HETATM 1080 O O     . HOH N 2 . ? 13.618  -1.550  -10.032 1.00 51.85 ? 95  HOH F O     1 
HETATM 1081 O O     . HOH N 2 . ? 10.984  0.826   -12.122 1.00 19.48 ? 96  HOH F O     1 
HETATM 1082 O O     . HOH N 2 . ? 7.319   -2.733  -24.737 1.00 27.74 ? 100 HOH F O     1 
HETATM 1083 O O     . HOH N 2 . ? 3.118   -0.827  -21.197 1.00 29.14 ? 101 HOH F O     1 
HETATM 1084 O O     . HOH N 2 . ? 3.163   3.526   -21.382 1.00 15.98 ? 102 HOH F O     1 
HETATM 1085 O O     . HOH N 2 . ? 4.235   1.205   -23.186 1.00 45.38 ? 111 HOH F O     1 
HETATM 1086 O O     . HOH N 2 . ? 2.568   -3.881  -7.410  1.00 38.34 ? 125 HOH F O     1 
HETATM 1087 O O     . HOH N 2 . ? 14.511  -6.597  -9.317  1.00 47.27 ? 128 HOH F O     1 
HETATM 1088 O O     . HOH N 2 . ? 6.708   0.392   -27.471 1.00 45.40 ? 137 HOH F O     1 
HETATM 1089 O O     . HOH N 2 . ? 9.855   3.655   -26.868 1.00 20.79 ? 138 HOH F O     1 
HETATM 1090 O O     . HOH N 2 . ? 3.784   -10.346 -9.736  1.00 34.16 ? 140 HOH F O     1 
HETATM 1091 O O     . HOH N 2 . ? 5.494   -13.745 -6.910  1.00 29.88 ? 163 HOH F O     1 
HETATM 1092 O O     . HOH N 2 . ? 5.810   -0.910  -1.111  1.00 62.27 ? 175 HOH F O     1 
HETATM 1093 O O     . HOH N 2 . ? 3.767   -3.746  -21.079 1.00 33.57 ? 188 HOH F O     1 
HETATM 1094 O O     . HOH N 2 . ? 10.321  -5.591  -2.578  1.00 39.15 ? 192 HOH F O     1 
HETATM 1095 O O     . HOH N 2 . ? 9.121   -2.938  -27.721 1.00 40.20 ? 203 HOH F O     1 
HETATM 1096 O O     . HOH N 2 . ? 4.685   -2.220  -3.553  1.00 45.41 ? 207 HOH F O     1 
HETATM 1097 O O     . HOH N 2 . ? 6.462   -7.912  1.967   1.00 65.82 ? 209 HOH F O     1 
HETATM 1098 O O     . HOH N 2 . ? 2.403   -0.149  -26.586 1.00 43.95 ? 212 HOH F O     1 
HETATM 1099 O O     . HOH N 2 . ? 14.257  -9.409  -10.003 1.00 38.63 ? 216 HOH F O     1 
HETATM 1100 O O     . HOH O 2 . ? 6.526   9.750   13.910  1.00 15.48 ? 64  HOH G O     1 
HETATM 1101 O O     . HOH O 2 . ? 6.123   10.343  16.922  1.00 15.52 ? 65  HOH G O     1 
HETATM 1102 O O     . HOH O 2 . ? -5.331  6.500   13.542  1.00 43.02 ? 67  HOH G O     1 
HETATM 1103 O O     . HOH O 2 . ? -8.506  -3.768  12.533  1.00 8.73  ? 68  HOH G O     1 
HETATM 1104 O O     . HOH O 2 . ? -16.971 -0.415  8.244   1.00 31.07 ? 71  HOH G O     1 
HETATM 1105 O O     . HOH O 2 . ? -3.911  0.869   7.744   1.00 30.29 ? 79  HOH G O     1 
HETATM 1106 O O     . HOH O 2 . ? 5.227   11.985  12.630  1.00 23.74 ? 82  HOH G O     1 
HETATM 1107 O O     . HOH O 2 . ? -3.291  5.104   16.851  1.00 24.40 ? 83  HOH G O     1 
HETATM 1108 O O     . HOH O 2 . ? 0.881   3.709   18.839  1.00 33.50 ? 88  HOH G O     1 
HETATM 1109 O O     . HOH O 2 . ? -2.016  6.269   19.745  1.00 32.56 ? 112 HOH G O     1 
HETATM 1110 O O     . HOH O 2 . ? 2.894   7.494   24.097  1.00 16.55 ? 113 HOH G O     1 
HETATM 1111 O O     . HOH O 2 . ? -1.188  3.098   23.009  1.00 26.62 ? 114 HOH G O     1 
HETATM 1112 O O     . HOH O 2 . ? -2.626  13.918  9.309   1.00 18.95 ? 117 HOH G O     1 
HETATM 1113 O O     . HOH O 2 . ? -11.287 4.527   11.116  1.00 21.25 ? 119 HOH G O     1 
HETATM 1114 O O     . HOH O 2 . ? -11.475 5.183   14.482  1.00 52.90 ? 141 HOH G O     1 
HETATM 1115 O O     . HOH O 2 . ? -7.558  9.907   7.563   1.00 44.94 ? 157 HOH G O     1 
HETATM 1116 O O     . HOH O 2 . ? -7.542  6.847   11.748  1.00 44.96 ? 158 HOH G O     1 
HETATM 1117 O O     . HOH O 2 . ? -3.523  8.550   17.839  1.00 44.01 ? 159 HOH G O     1 
HETATM 1118 O O     . HOH O 2 . ? 2.522   4.470   22.732  1.00 23.85 ? 160 HOH G O     1 
HETATM 1119 O O     . HOH O 2 . ? 6.279   -0.309  22.392  1.00 49.44 ? 161 HOH G O     1 
HETATM 1120 O O     . HOH O 2 . ? -3.407  16.327  3.982   1.00 25.23 ? 165 HOH G O     1 
HETATM 1121 O O     . HOH O 2 . ? -4.784  13.026  6.102   1.00 28.86 ? 166 HOH G O     1 
HETATM 1122 O O     . HOH O 2 . ? -3.955  11.702  15.662  1.00 39.14 ? 167 HOH G O     1 
HETATM 1123 O O     . HOH O 2 . ? -10.934 -4.215  14.670  1.00 8.61  ? 179 HOH G O     1 
HETATM 1124 O O     . HOH P 2 . ? 1.965   1.146   16.990  1.00 16.42 ? 66  HOH H O     1 
HETATM 1125 O O     . HOH P 2 . ? -11.064 -5.388  18.419  1.00 13.36 ? 69  HOH H O     1 
HETATM 1126 O O     . HOH P 2 . ? 6.420   7.715   12.250  1.00 10.01 ? 77  HOH H O     1 
HETATM 1127 O O     . HOH P 2 . ? -7.193  -6.603  13.918  1.00 22.78 ? 81  HOH H O     1 
HETATM 1128 O O     . HOH P 2 . ? -6.305  4.758   19.697  1.00 35.91 ? 86  HOH H O     1 
HETATM 1129 O O     . HOH P 2 . ? -9.007  4.725   18.181  1.00 45.71 ? 87  HOH H O     1 
HETATM 1130 O O     . HOH P 2 . ? -2.245  -2.598  22.096  1.00 29.53 ? 130 HOH H O     1 
HETATM 1131 O O     . HOH P 2 . ? -4.112  6.515   23.380  1.00 38.68 ? 131 HOH H O     1 
HETATM 1132 O O     . HOH P 2 . ? 0.423   -4.677  6.882   1.00 32.26 ? 134 HOH H O     1 
HETATM 1133 O O     . HOH P 2 . ? -7.240  1.291   25.049  1.00 51.69 ? 168 HOH H O     1 
HETATM 1134 O O     . HOH P 2 . ? 1.988   -7.142  17.677  1.00 46.17 ? 169 HOH H O     1 
HETATM 1135 O O     . HOH P 2 . ? 3.084   -1.007  15.508  1.00 34.86 ? 177 HOH H O     1 
HETATM 1136 O O     . HOH P 2 . ? -8.932  -4.830  16.351  1.00 14.68 ? 178 HOH H O     1 
HETATM 1137 O O     . HOH P 2 . ? 9.696   0.319   15.659  1.00 36.10 ? 197 HOH H O     1 
HETATM 1138 O O     . HOH P 2 . ? 4.712   -3.940  13.668  1.00 35.20 ? 198 HOH H O     1 
HETATM 1139 O O     . HOH P 2 . ? 12.230  1.083   9.138   1.00 50.52 ? 200 HOH H O     1 
HETATM 1140 O O     . HOH P 2 . ? -6.124  3.758   23.411  1.00 57.43 ? 201 HOH H O     1 
# 
